data_5ACL
# 
_entry.id   5ACL 
# 
_audit_conform.dict_name       mmcif_pdbx.dic 
_audit_conform.dict_version    5.398 
_audit_conform.dict_location   http://mmcif.pdb.org/dictionaries/ascii/mmcif_pdbx.dic 
# 
loop_
_database_2.database_id 
_database_2.database_code 
_database_2.pdbx_database_accession 
_database_2.pdbx_DOI 
PDB   5ACL         pdb_00005acl 10.2210/pdb5acl/pdb 
PDBE  EBI-63765    ?            ?                   
WWPDB D_1290063765 ?            ?                   
# 
loop_
_pdbx_audit_revision_history.ordinal 
_pdbx_audit_revision_history.data_content_type 
_pdbx_audit_revision_history.major_revision 
_pdbx_audit_revision_history.minor_revision 
_pdbx_audit_revision_history.revision_date 
1 'Structure model' 1 0 2015-12-02 
2 'Structure model' 1 1 2016-02-17 
3 'Structure model' 1 2 2017-03-22 
4 'Structure model' 1 3 2024-01-10 
5 'Structure model' 1 4 2024-11-13 
# 
_pdbx_audit_revision_details.ordinal             1 
_pdbx_audit_revision_details.revision_ordinal    1 
_pdbx_audit_revision_details.data_content_type   'Structure model' 
_pdbx_audit_revision_details.provider            repository 
_pdbx_audit_revision_details.type                'Initial release' 
_pdbx_audit_revision_details.description         ? 
_pdbx_audit_revision_details.details             ? 
# 
loop_
_pdbx_audit_revision_group.ordinal 
_pdbx_audit_revision_group.revision_ordinal 
_pdbx_audit_revision_group.data_content_type 
_pdbx_audit_revision_group.group 
1 2 'Structure model' 'Structure summary'      
2 3 'Structure model' 'Database references'    
3 4 'Structure model' 'Data collection'        
4 4 'Structure model' 'Database references'    
5 4 'Structure model' 'Derived calculations'   
6 4 'Structure model' Other                    
7 4 'Structure model' 'Refinement description' 
8 5 'Structure model' 'Structure summary'      
# 
loop_
_pdbx_audit_revision_category.ordinal 
_pdbx_audit_revision_category.revision_ordinal 
_pdbx_audit_revision_category.data_content_type 
_pdbx_audit_revision_category.category 
1 4 'Structure model' chem_comp_atom                
2 4 'Structure model' chem_comp_bond                
3 4 'Structure model' database_2                    
4 4 'Structure model' pdbx_database_status          
5 4 'Structure model' pdbx_initial_refinement_model 
6 4 'Structure model' struct_site                   
7 5 'Structure model' pdbx_entry_details            
8 5 'Structure model' pdbx_modification_feature     
# 
loop_
_pdbx_audit_revision_item.ordinal 
_pdbx_audit_revision_item.revision_ordinal 
_pdbx_audit_revision_item.data_content_type 
_pdbx_audit_revision_item.item 
1 4 'Structure model' '_database_2.pdbx_DOI'                 
2 4 'Structure model' '_database_2.pdbx_database_accession'  
3 4 'Structure model' '_pdbx_database_status.status_code_sf' 
4 4 'Structure model' '_struct_site.pdbx_auth_asym_id'       
5 4 'Structure model' '_struct_site.pdbx_auth_comp_id'       
6 4 'Structure model' '_struct_site.pdbx_auth_seq_id'        
# 
_pdbx_database_status.status_code                     REL 
_pdbx_database_status.entry_id                        5ACL 
_pdbx_database_status.deposit_site                    PDBE 
_pdbx_database_status.process_site                    PDBE 
_pdbx_database_status.SG_entry                        . 
_pdbx_database_status.recvd_initial_deposition_date   2015-08-17 
_pdbx_database_status.pdb_format_compatible           Y 
_pdbx_database_status.status_code_sf                  REL 
_pdbx_database_status.status_code_mr                  ? 
_pdbx_database_status.status_code_cs                  ? 
_pdbx_database_status.methods_development_category    ? 
_pdbx_database_status.status_code_nmr_data            ? 
# 
_pdbx_database_related.db_name        PDB 
_pdbx_database_related.db_id          5ACM 
_pdbx_database_related.content_type   unspecified 
_pdbx_database_related.details        'MCG IMMUNOGLOBULIN VARIABLE DOMAIN WITH METHYLENE BLUE' 
# 
loop_
_audit_author.name 
_audit_author.pdbx_ordinal 
'Brumshtein, B.'  1 
'Esswein, S.R.'   2 
'Salwinski, L.'   3 
'Phillips, M.L.'  4 
'Ly, A.T.'        5 
'Cascio, D.'      6 
'Sawaya, M.R.'    7 
'Eisenberg, D.S.' 8 
# 
_citation.id                        primary 
_citation.title                     
'Inhibition by small-molecule ligands of formation of amyloid fibrils of an immunoglobulin light chain variable domain.' 
_citation.journal_abbrev            Elife 
_citation.journal_volume            4 
_citation.page_first                e10935 
_citation.page_last                 e10935 
_citation.year                      2015 
_citation.journal_id_ASTM           ? 
_citation.country                   US 
_citation.journal_id_ISSN           2050-084X 
_citation.journal_id_CSD            ? 
_citation.book_publisher            ? 
_citation.pdbx_database_id_PubMed   26576950 
_citation.pdbx_database_id_DOI      10.7554/eLife.10935 
# 
loop_
_citation_author.citation_id 
_citation_author.name 
_citation_author.ordinal 
_citation_author.identifier_ORCID 
primary 'Brumshtein, B.'  1 ? 
primary 'Esswein, S.R.'   2 ? 
primary 'Salwinski, L.'   3 ? 
primary 'Phillips, M.L.'  4 ? 
primary 'Ly, A.T.'        5 ? 
primary 'Cascio, D.'      6 ? 
primary 'Sawaya, M.R.'    7 ? 
primary 'Eisenberg, D.S.' 8 ? 
# 
loop_
_entity.id 
_entity.type 
_entity.src_method 
_entity.pdbx_description 
_entity.formula_weight 
_entity.pdbx_number_of_molecules 
_entity.pdbx_ec 
_entity.pdbx_mutation 
_entity.pdbx_fragment 
_entity.details 
1 polymer     man MCG                                                                   11565.510 1   ? ? 
'IG LAMBDA CHAIN V-II REGION MGC' ? 
2 non-polymer syn '2-HYDROXY-(5-([4-(2-PYRIDINYLAMINO)SULFONYL]PHENYL)AZO)BENZOIC ACID' 398.393   1   ? ? ? ? 
3 non-polymer syn 'SULFATE ION'                                                         96.063    1   ? ? ? ? 
4 water       nat water                                                                 18.015    134 ? ? ? ? 
# 
_entity_poly.entity_id                      1 
_entity_poly.type                           'polypeptide(L)' 
_entity_poly.nstd_linkage                   no 
_entity_poly.nstd_monomer                   no 
_entity_poly.pdbx_seq_one_letter_code       
;GQSALTQPPSASGSLGQSVTISCTGTSSDVGGYNYVSWYQQHAGKAPKVIIYEVNKRPSGVPDRFSGSKSGNTASLTVSG
LQAEDEADYYCSSYEGSDNFVFGTGTKVTVL
;
_entity_poly.pdbx_seq_one_letter_code_can   
;GQSALTQPPSASGSLGQSVTISCTGTSSDVGGYNYVSWYQQHAGKAPKVIIYEVNKRPSGVPDRFSGSKSGNTASLTVSG
LQAEDEADYYCSSYEGSDNFVFGTGTKVTVL
;
_entity_poly.pdbx_strand_id                 A 
_entity_poly.pdbx_target_identifier         ? 
# 
loop_
_pdbx_entity_nonpoly.entity_id 
_pdbx_entity_nonpoly.name 
_pdbx_entity_nonpoly.comp_id 
2 '2-HYDROXY-(5-([4-(2-PYRIDINYLAMINO)SULFONYL]PHENYL)AZO)BENZOIC ACID' SAS 
3 'SULFATE ION'                                                         SO4 
4 water                                                                 HOH 
# 
loop_
_entity_poly_seq.entity_id 
_entity_poly_seq.num 
_entity_poly_seq.mon_id 
_entity_poly_seq.hetero 
1 1   GLY n 
1 2   GLN n 
1 3   SER n 
1 4   ALA n 
1 5   LEU n 
1 6   THR n 
1 7   GLN n 
1 8   PRO n 
1 9   PRO n 
1 10  SER n 
1 11  ALA n 
1 12  SER n 
1 13  GLY n 
1 14  SER n 
1 15  LEU n 
1 16  GLY n 
1 17  GLN n 
1 18  SER n 
1 19  VAL n 
1 20  THR n 
1 21  ILE n 
1 22  SER n 
1 23  CYS n 
1 24  THR n 
1 25  GLY n 
1 26  THR n 
1 27  SER n 
1 28  SER n 
1 29  ASP n 
1 30  VAL n 
1 31  GLY n 
1 32  GLY n 
1 33  TYR n 
1 34  ASN n 
1 35  TYR n 
1 36  VAL n 
1 37  SER n 
1 38  TRP n 
1 39  TYR n 
1 40  GLN n 
1 41  GLN n 
1 42  HIS n 
1 43  ALA n 
1 44  GLY n 
1 45  LYS n 
1 46  ALA n 
1 47  PRO n 
1 48  LYS n 
1 49  VAL n 
1 50  ILE n 
1 51  ILE n 
1 52  TYR n 
1 53  GLU n 
1 54  VAL n 
1 55  ASN n 
1 56  LYS n 
1 57  ARG n 
1 58  PRO n 
1 59  SER n 
1 60  GLY n 
1 61  VAL n 
1 62  PRO n 
1 63  ASP n 
1 64  ARG n 
1 65  PHE n 
1 66  SER n 
1 67  GLY n 
1 68  SER n 
1 69  LYS n 
1 70  SER n 
1 71  GLY n 
1 72  ASN n 
1 73  THR n 
1 74  ALA n 
1 75  SER n 
1 76  LEU n 
1 77  THR n 
1 78  VAL n 
1 79  SER n 
1 80  GLY n 
1 81  LEU n 
1 82  GLN n 
1 83  ALA n 
1 84  GLU n 
1 85  ASP n 
1 86  GLU n 
1 87  ALA n 
1 88  ASP n 
1 89  TYR n 
1 90  TYR n 
1 91  CYS n 
1 92  SER n 
1 93  SER n 
1 94  TYR n 
1 95  GLU n 
1 96  GLY n 
1 97  SER n 
1 98  ASP n 
1 99  ASN n 
1 100 PHE n 
1 101 VAL n 
1 102 PHE n 
1 103 GLY n 
1 104 THR n 
1 105 GLY n 
1 106 THR n 
1 107 LYS n 
1 108 VAL n 
1 109 THR n 
1 110 VAL n 
1 111 LEU n 
# 
_entity_src_gen.entity_id                          1 
_entity_src_gen.pdbx_src_id                        1 
_entity_src_gen.pdbx_alt_source_flag               sample 
_entity_src_gen.pdbx_seq_type                      ? 
_entity_src_gen.pdbx_beg_seq_num                   ? 
_entity_src_gen.pdbx_end_seq_num                   ? 
_entity_src_gen.gene_src_common_name               HUMAN 
_entity_src_gen.gene_src_genus                     ? 
_entity_src_gen.pdbx_gene_src_gene                 ? 
_entity_src_gen.gene_src_species                   ? 
_entity_src_gen.gene_src_strain                    ? 
_entity_src_gen.gene_src_tissue                    BLOOD 
_entity_src_gen.gene_src_tissue_fraction           ? 
_entity_src_gen.gene_src_details                   ? 
_entity_src_gen.pdbx_gene_src_fragment             ? 
_entity_src_gen.pdbx_gene_src_scientific_name      'HOMO SAPIENS' 
_entity_src_gen.pdbx_gene_src_ncbi_taxonomy_id     9606 
_entity_src_gen.pdbx_gene_src_variant              ? 
_entity_src_gen.pdbx_gene_src_cell_line            ? 
_entity_src_gen.pdbx_gene_src_atcc                 ? 
_entity_src_gen.pdbx_gene_src_organ                ? 
_entity_src_gen.pdbx_gene_src_organelle            ? 
_entity_src_gen.pdbx_gene_src_cell                 ? 
_entity_src_gen.pdbx_gene_src_cellular_location    ? 
_entity_src_gen.host_org_common_name               ? 
_entity_src_gen.pdbx_host_org_scientific_name      'ESCHERICHIA COLI' 
_entity_src_gen.pdbx_host_org_ncbi_taxonomy_id     469008 
_entity_src_gen.host_org_genus                     ? 
_entity_src_gen.pdbx_host_org_gene                 ? 
_entity_src_gen.pdbx_host_org_organ                ? 
_entity_src_gen.host_org_species                   ? 
_entity_src_gen.pdbx_host_org_tissue               ? 
_entity_src_gen.pdbx_host_org_tissue_fraction      ? 
_entity_src_gen.pdbx_host_org_strain               'BL21(DE3)' 
_entity_src_gen.pdbx_host_org_variant              ? 
_entity_src_gen.pdbx_host_org_cell_line            ? 
_entity_src_gen.pdbx_host_org_atcc                 ? 
_entity_src_gen.pdbx_host_org_culture_collection   ? 
_entity_src_gen.pdbx_host_org_cell                 ? 
_entity_src_gen.pdbx_host_org_organelle            ? 
_entity_src_gen.pdbx_host_org_cellular_location    ? 
_entity_src_gen.pdbx_host_org_vector_type          ? 
_entity_src_gen.pdbx_host_org_vector               ? 
_entity_src_gen.host_org_details                   ? 
_entity_src_gen.expression_system_id               ? 
_entity_src_gen.plasmid_name                       ? 
_entity_src_gen.plasmid_details                    ? 
_entity_src_gen.pdbx_description                   ? 
# 
loop_
_chem_comp.id 
_chem_comp.type 
_chem_comp.mon_nstd_flag 
_chem_comp.name 
_chem_comp.pdbx_synonyms 
_chem_comp.formula 
_chem_comp.formula_weight 
ALA 'L-peptide linking' y ALANINE                                                               ?             'C3 H7 N O2'      
89.093  
ARG 'L-peptide linking' y ARGININE                                                              ?             'C6 H15 N4 O2 1'  
175.209 
ASN 'L-peptide linking' y ASPARAGINE                                                            ?             'C4 H8 N2 O3'     
132.118 
ASP 'L-peptide linking' y 'ASPARTIC ACID'                                                       ?             'C4 H7 N O4'      
133.103 
CYS 'L-peptide linking' y CYSTEINE                                                              ?             'C3 H7 N O2 S'    
121.158 
GLN 'L-peptide linking' y GLUTAMINE                                                             ?             'C5 H10 N2 O3'    
146.144 
GLU 'L-peptide linking' y 'GLUTAMIC ACID'                                                       ?             'C5 H9 N O4'      
147.129 
GLY 'peptide linking'   y GLYCINE                                                               ?             'C2 H5 N O2'      
75.067  
HIS 'L-peptide linking' y HISTIDINE                                                             ?             'C6 H10 N3 O2 1'  
156.162 
HOH non-polymer         . WATER                                                                 ?             'H2 O'            
18.015  
ILE 'L-peptide linking' y ISOLEUCINE                                                            ?             'C6 H13 N O2'     
131.173 
LEU 'L-peptide linking' y LEUCINE                                                               ?             'C6 H13 N O2'     
131.173 
LYS 'L-peptide linking' y LYSINE                                                                ?             'C6 H15 N2 O2 1'  
147.195 
PHE 'L-peptide linking' y PHENYLALANINE                                                         ?             'C9 H11 N O2'     
165.189 
PRO 'L-peptide linking' y PROLINE                                                               ?             'C5 H9 N O2'      
115.130 
SAS non-polymer         . '2-HYDROXY-(5-([4-(2-PYRIDINYLAMINO)SULFONYL]PHENYL)AZO)BENZOIC ACID' SULFASALAZINE 'C18 H14 N4 O5 S' 
398.393 
SER 'L-peptide linking' y SERINE                                                                ?             'C3 H7 N O3'      
105.093 
SO4 non-polymer         . 'SULFATE ION'                                                         ?             'O4 S -2'         
96.063  
THR 'L-peptide linking' y THREONINE                                                             ?             'C4 H9 N O3'      
119.119 
TRP 'L-peptide linking' y TRYPTOPHAN                                                            ?             'C11 H12 N2 O2'   
204.225 
TYR 'L-peptide linking' y TYROSINE                                                              ?             'C9 H11 N O3'     
181.189 
VAL 'L-peptide linking' y VALINE                                                                ?             'C5 H11 N O2'     
117.146 
# 
loop_
_pdbx_poly_seq_scheme.asym_id 
_pdbx_poly_seq_scheme.entity_id 
_pdbx_poly_seq_scheme.seq_id 
_pdbx_poly_seq_scheme.mon_id 
_pdbx_poly_seq_scheme.ndb_seq_num 
_pdbx_poly_seq_scheme.pdb_seq_num 
_pdbx_poly_seq_scheme.auth_seq_num 
_pdbx_poly_seq_scheme.pdb_mon_id 
_pdbx_poly_seq_scheme.auth_mon_id 
_pdbx_poly_seq_scheme.pdb_strand_id 
_pdbx_poly_seq_scheme.pdb_ins_code 
_pdbx_poly_seq_scheme.hetero 
A 1 1   GLY 1   0   ?   ?   ?   A . n 
A 1 2   GLN 2   1   ?   ?   ?   A . n 
A 1 3   SER 3   2   2   SER SER A . n 
A 1 4   ALA 4   3   3   ALA ALA A . n 
A 1 5   LEU 5   4   4   LEU LEU A . n 
A 1 6   THR 6   5   5   THR THR A . n 
A 1 7   GLN 7   6   6   GLN GLN A . n 
A 1 8   PRO 8   7   7   PRO PRO A . n 
A 1 9   PRO 9   8   8   PRO PRO A . n 
A 1 10  SER 10  9   9   SER SER A . n 
A 1 11  ALA 11  10  10  ALA ALA A . n 
A 1 12  SER 12  11  11  SER SER A . n 
A 1 13  GLY 13  12  12  GLY GLY A . n 
A 1 14  SER 14  13  13  SER SER A . n 
A 1 15  LEU 15  14  14  LEU LEU A . n 
A 1 16  GLY 16  15  15  GLY GLY A . n 
A 1 17  GLN 17  16  16  GLN GLN A . n 
A 1 18  SER 18  17  17  SER SER A . n 
A 1 19  VAL 19  18  18  VAL VAL A . n 
A 1 20  THR 20  19  19  THR THR A . n 
A 1 21  ILE 21  20  20  ILE ILE A . n 
A 1 22  SER 22  21  21  SER SER A . n 
A 1 23  CYS 23  22  22  CYS CYS A . n 
A 1 24  THR 24  23  23  THR THR A . n 
A 1 25  GLY 25  24  24  GLY GLY A . n 
A 1 26  THR 26  25  25  THR THR A . n 
A 1 27  SER 27  26  26  SER SER A . n 
A 1 28  SER 28  27  27  SER SER A . n 
A 1 29  ASP 29  28  28  ASP ASP A . n 
A 1 30  VAL 30  29  29  VAL VAL A . n 
A 1 31  GLY 31  30  30  GLY GLY A . n 
A 1 32  GLY 32  31  31  GLY GLY A . n 
A 1 33  TYR 33  32  32  TYR TYR A . n 
A 1 34  ASN 34  33  33  ASN ASN A . n 
A 1 35  TYR 35  34  34  TYR TYR A . n 
A 1 36  VAL 36  35  35  VAL VAL A . n 
A 1 37  SER 37  36  36  SER SER A . n 
A 1 38  TRP 38  37  37  TRP TRP A . n 
A 1 39  TYR 39  38  38  TYR TYR A . n 
A 1 40  GLN 40  39  39  GLN GLN A . n 
A 1 41  GLN 41  40  40  GLN GLN A . n 
A 1 42  HIS 42  41  41  HIS HIS A . n 
A 1 43  ALA 43  42  42  ALA ALA A . n 
A 1 44  GLY 44  43  43  GLY GLY A . n 
A 1 45  LYS 45  44  44  LYS LYS A . n 
A 1 46  ALA 46  45  45  ALA ALA A . n 
A 1 47  PRO 47  46  46  PRO PRO A . n 
A 1 48  LYS 48  47  47  LYS LYS A . n 
A 1 49  VAL 49  48  48  VAL VAL A . n 
A 1 50  ILE 50  49  49  ILE ILE A . n 
A 1 51  ILE 51  50  50  ILE ILE A . n 
A 1 52  TYR 52  51  51  TYR TYR A . n 
A 1 53  GLU 53  52  52  GLU GLU A . n 
A 1 54  VAL 54  53  53  VAL VAL A . n 
A 1 55  ASN 55  54  54  ASN ASN A . n 
A 1 56  LYS 56  55  55  LYS LYS A . n 
A 1 57  ARG 57  56  56  ARG ARG A . n 
A 1 58  PRO 58  57  57  PRO PRO A . n 
A 1 59  SER 59  58  58  SER SER A . n 
A 1 60  GLY 60  59  59  GLY GLY A . n 
A 1 61  VAL 61  60  60  VAL VAL A . n 
A 1 62  PRO 62  61  61  PRO PRO A . n 
A 1 63  ASP 63  62  62  ASP ASP A . n 
A 1 64  ARG 64  63  63  ARG ARG A . n 
A 1 65  PHE 65  64  64  PHE PHE A . n 
A 1 66  SER 66  65  65  SER SER A . n 
A 1 67  GLY 67  66  66  GLY GLY A . n 
A 1 68  SER 68  67  67  SER SER A . n 
A 1 69  LYS 69  68  68  LYS LYS A . n 
A 1 70  SER 70  69  69  SER SER A . n 
A 1 71  GLY 71  70  70  GLY GLY A . n 
A 1 72  ASN 72  71  71  ASN ASN A . n 
A 1 73  THR 73  72  72  THR THR A . n 
A 1 74  ALA 74  73  73  ALA ALA A . n 
A 1 75  SER 75  74  74  SER SER A . n 
A 1 76  LEU 76  75  75  LEU LEU A . n 
A 1 77  THR 77  76  76  THR THR A . n 
A 1 78  VAL 78  77  77  VAL VAL A . n 
A 1 79  SER 79  78  78  SER SER A . n 
A 1 80  GLY 80  79  79  GLY GLY A . n 
A 1 81  LEU 81  80  80  LEU LEU A . n 
A 1 82  GLN 82  81  81  GLN GLN A . n 
A 1 83  ALA 83  82  82  ALA ALA A . n 
A 1 84  GLU 84  83  83  GLU GLU A . n 
A 1 85  ASP 85  84  84  ASP ASP A . n 
A 1 86  GLU 86  85  85  GLU GLU A . n 
A 1 87  ALA 87  86  86  ALA ALA A . n 
A 1 88  ASP 88  87  87  ASP ASP A . n 
A 1 89  TYR 89  88  88  TYR TYR A . n 
A 1 90  TYR 90  89  89  TYR TYR A . n 
A 1 91  CYS 91  90  90  CYS CYS A . n 
A 1 92  SER 92  91  91  SER SER A . n 
A 1 93  SER 93  92  92  SER SER A . n 
A 1 94  TYR 94  93  93  TYR TYR A . n 
A 1 95  GLU 95  94  94  GLU GLU A . n 
A 1 96  GLY 96  95  95  GLY GLY A . n 
A 1 97  SER 97  96  96  SER SER A . n 
A 1 98  ASP 98  97  97  ASP ASP A . n 
A 1 99  ASN 99  98  98  ASN ASN A . n 
A 1 100 PHE 100 99  99  PHE PHE A . n 
A 1 101 VAL 101 100 100 VAL VAL A . n 
A 1 102 PHE 102 101 101 PHE PHE A . n 
A 1 103 GLY 103 102 102 GLY GLY A . n 
A 1 104 THR 104 103 103 THR THR A . n 
A 1 105 GLY 105 104 104 GLY GLY A . n 
A 1 106 THR 106 105 105 THR THR A . n 
A 1 107 LYS 107 106 106 LYS LYS A . n 
A 1 108 VAL 108 107 107 VAL VAL A . n 
A 1 109 THR 109 108 108 THR THR A . n 
A 1 110 VAL 110 109 109 VAL VAL A . n 
A 1 111 LEU 111 110 110 LEU LEU A . n 
# 
loop_
_pdbx_nonpoly_scheme.asym_id 
_pdbx_nonpoly_scheme.entity_id 
_pdbx_nonpoly_scheme.mon_id 
_pdbx_nonpoly_scheme.ndb_seq_num 
_pdbx_nonpoly_scheme.pdb_seq_num 
_pdbx_nonpoly_scheme.auth_seq_num 
_pdbx_nonpoly_scheme.pdb_mon_id 
_pdbx_nonpoly_scheme.auth_mon_id 
_pdbx_nonpoly_scheme.pdb_strand_id 
_pdbx_nonpoly_scheme.pdb_ins_code 
B 2 SAS 1   1111 1111 SAS SAS A . 
C 3 SO4 1   1112 1112 SO4 SO4 A . 
D 4 HOH 1   2001 2001 HOH HOH A . 
D 4 HOH 2   2002 2002 HOH HOH A . 
D 4 HOH 3   2003 2003 HOH HOH A . 
D 4 HOH 4   2004 2004 HOH HOH A . 
D 4 HOH 5   2005 2005 HOH HOH A . 
D 4 HOH 6   2006 2006 HOH HOH A . 
D 4 HOH 7   2007 2007 HOH HOH A . 
D 4 HOH 8   2008 2008 HOH HOH A . 
D 4 HOH 9   2009 2009 HOH HOH A . 
D 4 HOH 10  2010 2010 HOH HOH A . 
D 4 HOH 11  2011 2011 HOH HOH A . 
D 4 HOH 12  2012 2012 HOH HOH A . 
D 4 HOH 13  2013 2013 HOH HOH A . 
D 4 HOH 14  2014 2014 HOH HOH A . 
D 4 HOH 15  2015 2015 HOH HOH A . 
D 4 HOH 16  2016 2016 HOH HOH A . 
D 4 HOH 17  2017 2017 HOH HOH A . 
D 4 HOH 18  2018 2018 HOH HOH A . 
D 4 HOH 19  2019 2019 HOH HOH A . 
D 4 HOH 20  2020 2020 HOH HOH A . 
D 4 HOH 21  2021 2021 HOH HOH A . 
D 4 HOH 22  2022 2022 HOH HOH A . 
D 4 HOH 23  2023 2023 HOH HOH A . 
D 4 HOH 24  2024 2024 HOH HOH A . 
D 4 HOH 25  2025 2025 HOH HOH A . 
D 4 HOH 26  2026 2026 HOH HOH A . 
D 4 HOH 27  2027 2027 HOH HOH A . 
D 4 HOH 28  2028 2028 HOH HOH A . 
D 4 HOH 29  2029 2029 HOH HOH A . 
D 4 HOH 30  2030 2030 HOH HOH A . 
D 4 HOH 31  2031 2031 HOH HOH A . 
D 4 HOH 32  2032 2032 HOH HOH A . 
D 4 HOH 33  2033 2033 HOH HOH A . 
D 4 HOH 34  2034 2034 HOH HOH A . 
D 4 HOH 35  2035 2035 HOH HOH A . 
D 4 HOH 36  2036 2036 HOH HOH A . 
D 4 HOH 37  2037 2037 HOH HOH A . 
D 4 HOH 38  2038 2038 HOH HOH A . 
D 4 HOH 39  2039 2039 HOH HOH A . 
D 4 HOH 40  2040 2040 HOH HOH A . 
D 4 HOH 41  2041 2041 HOH HOH A . 
D 4 HOH 42  2042 2042 HOH HOH A . 
D 4 HOH 43  2043 2043 HOH HOH A . 
D 4 HOH 44  2044 2044 HOH HOH A . 
D 4 HOH 45  2045 2045 HOH HOH A . 
D 4 HOH 46  2046 2046 HOH HOH A . 
D 4 HOH 47  2047 2047 HOH HOH A . 
D 4 HOH 48  2048 2048 HOH HOH A . 
D 4 HOH 49  2049 2049 HOH HOH A . 
D 4 HOH 50  2050 2050 HOH HOH A . 
D 4 HOH 51  2051 2051 HOH HOH A . 
D 4 HOH 52  2052 2052 HOH HOH A . 
D 4 HOH 53  2053 2053 HOH HOH A . 
D 4 HOH 54  2054 2054 HOH HOH A . 
D 4 HOH 55  2055 2055 HOH HOH A . 
D 4 HOH 56  2056 2056 HOH HOH A . 
D 4 HOH 57  2057 2057 HOH HOH A . 
D 4 HOH 58  2058 2058 HOH HOH A . 
D 4 HOH 59  2059 2059 HOH HOH A . 
D 4 HOH 60  2060 2060 HOH HOH A . 
D 4 HOH 61  2061 2061 HOH HOH A . 
D 4 HOH 62  2062 2062 HOH HOH A . 
D 4 HOH 63  2063 2063 HOH HOH A . 
D 4 HOH 64  2064 2064 HOH HOH A . 
D 4 HOH 65  2065 2065 HOH HOH A . 
D 4 HOH 66  2066 2066 HOH HOH A . 
D 4 HOH 67  2067 2067 HOH HOH A . 
D 4 HOH 68  2068 2068 HOH HOH A . 
D 4 HOH 69  2069 2069 HOH HOH A . 
D 4 HOH 70  2070 2070 HOH HOH A . 
D 4 HOH 71  2071 2071 HOH HOH A . 
D 4 HOH 72  2072 2072 HOH HOH A . 
D 4 HOH 73  2073 2073 HOH HOH A . 
D 4 HOH 74  2074 2074 HOH HOH A . 
D 4 HOH 75  2075 2075 HOH HOH A . 
D 4 HOH 76  2076 2076 HOH HOH A . 
D 4 HOH 77  2077 2077 HOH HOH A . 
D 4 HOH 78  2078 2078 HOH HOH A . 
D 4 HOH 79  2079 2079 HOH HOH A . 
D 4 HOH 80  2080 2080 HOH HOH A . 
D 4 HOH 81  2081 2081 HOH HOH A . 
D 4 HOH 82  2082 2082 HOH HOH A . 
D 4 HOH 83  2083 2083 HOH HOH A . 
D 4 HOH 84  2084 2084 HOH HOH A . 
D 4 HOH 85  2085 2085 HOH HOH A . 
D 4 HOH 86  2086 2086 HOH HOH A . 
D 4 HOH 87  2087 2087 HOH HOH A . 
D 4 HOH 88  2088 2088 HOH HOH A . 
D 4 HOH 89  2089 2089 HOH HOH A . 
D 4 HOH 90  2090 2090 HOH HOH A . 
D 4 HOH 91  2091 2091 HOH HOH A . 
D 4 HOH 92  2092 2092 HOH HOH A . 
D 4 HOH 93  2093 2093 HOH HOH A . 
D 4 HOH 94  2094 2094 HOH HOH A . 
D 4 HOH 95  2095 2095 HOH HOH A . 
D 4 HOH 96  2096 2096 HOH HOH A . 
D 4 HOH 97  2097 2097 HOH HOH A . 
D 4 HOH 98  2098 2098 HOH HOH A . 
D 4 HOH 99  2099 2099 HOH HOH A . 
D 4 HOH 100 2100 2100 HOH HOH A . 
D 4 HOH 101 2101 2101 HOH HOH A . 
D 4 HOH 102 2102 2102 HOH HOH A . 
D 4 HOH 103 2103 2103 HOH HOH A . 
D 4 HOH 104 2104 2104 HOH HOH A . 
D 4 HOH 105 2105 2105 HOH HOH A . 
D 4 HOH 106 2106 2106 HOH HOH A . 
D 4 HOH 107 2107 2107 HOH HOH A . 
D 4 HOH 108 2108 2108 HOH HOH A . 
D 4 HOH 109 2109 2109 HOH HOH A . 
D 4 HOH 110 2110 2110 HOH HOH A . 
D 4 HOH 111 2111 2111 HOH HOH A . 
D 4 HOH 112 2112 2112 HOH HOH A . 
D 4 HOH 113 2113 2113 HOH HOH A . 
D 4 HOH 114 2114 2114 HOH HOH A . 
D 4 HOH 115 2115 2115 HOH HOH A . 
D 4 HOH 116 2116 2116 HOH HOH A . 
D 4 HOH 117 2117 2117 HOH HOH A . 
D 4 HOH 118 2118 2118 HOH HOH A . 
D 4 HOH 119 2119 2119 HOH HOH A . 
D 4 HOH 120 2120 2120 HOH HOH A . 
D 4 HOH 121 2121 2121 HOH HOH A . 
D 4 HOH 122 2122 2122 HOH HOH A . 
D 4 HOH 123 2123 2123 HOH HOH A . 
D 4 HOH 124 2124 2124 HOH HOH A . 
D 4 HOH 125 2125 2125 HOH HOH A . 
D 4 HOH 126 2126 2126 HOH HOH A . 
D 4 HOH 127 2127 2127 HOH HOH A . 
D 4 HOH 128 2128 2128 HOH HOH A . 
D 4 HOH 129 2129 2129 HOH HOH A . 
D 4 HOH 130 2130 2130 HOH HOH A . 
D 4 HOH 131 2131 2131 HOH HOH A . 
D 4 HOH 132 2132 2132 HOH HOH A . 
D 4 HOH 133 2133 2133 HOH HOH A . 
D 4 HOH 134 2134 2134 HOH HOH A . 
# 
loop_
_software.name 
_software.classification 
_software.version 
_software.citation_id 
_software.pdbx_ordinal 
REFMAC refinement       5.8.0107 ? 1 
XDS    'data reduction' .        ? 2 
XSCALE 'data scaling'   .        ? 3 
PHASER phasing          .        ? 4 
# 
_cell.entry_id           5ACL 
_cell.length_a           31.860 
_cell.length_b           74.610 
_cell.length_c           39.280 
_cell.angle_alpha        90.00 
_cell.angle_beta         90.00 
_cell.angle_gamma        90.00 
_cell.Z_PDB              4 
_cell.pdbx_unique_axis   ? 
# 
_symmetry.entry_id                         5ACL 
_symmetry.space_group_name_H-M             'P 21 21 2' 
_symmetry.pdbx_full_space_group_name_H-M   ? 
_symmetry.cell_setting                     ? 
_symmetry.Int_Tables_number                18 
# 
_exptl.entry_id          5ACL 
_exptl.method            'X-RAY DIFFRACTION' 
_exptl.crystals_number   1 
# 
_exptl_crystal.id                    1 
_exptl_crystal.density_meas          ? 
_exptl_crystal.density_Matthews      1.9 
_exptl_crystal.density_percent_sol   37 
_exptl_crystal.description           NONE 
# 
_exptl_crystal_grow.crystal_id      1 
_exptl_crystal_grow.method          ? 
_exptl_crystal_grow.temp            ? 
_exptl_crystal_grow.temp_details    ? 
_exptl_crystal_grow.pH              8.5 
_exptl_crystal_grow.pdbx_pH_range   ? 
_exptl_crystal_grow.pdbx_details    '0.2 M TRI-POTASSIUM CITRATE, 2.2 M (NH4)2SO4, 0.5 M SULFASALAZINE, pH 8.5' 
# 
_diffrn.id                     1 
_diffrn.ambient_temp           100 
_diffrn.ambient_temp_details   ? 
_diffrn.crystal_id             1 
# 
_diffrn_detector.diffrn_id              1 
_diffrn_detector.detector               ? 
_diffrn_detector.type                   'RIGAKU HCT' 
_diffrn_detector.pdbx_collection_date   2015-03-09 
_diffrn_detector.details                MIRRORS 
# 
_diffrn_radiation.diffrn_id                        1 
_diffrn_radiation.wavelength_id                    1 
_diffrn_radiation.pdbx_monochromatic_or_laue_m_l   M 
_diffrn_radiation.monochromator                    ? 
_diffrn_radiation.pdbx_diffrn_protocol             'SINGLE WAVELENGTH' 
_diffrn_radiation.pdbx_scattering_type             x-ray 
# 
_diffrn_radiation_wavelength.id           1 
_diffrn_radiation_wavelength.wavelength   1.54 
_diffrn_radiation_wavelength.wt           1.0 
# 
_diffrn_source.diffrn_id                   1 
_diffrn_source.source                      SYNCHROTRON 
_diffrn_source.type                        'APS BEAMLINE 24-ID-C' 
_diffrn_source.pdbx_synchrotron_site       APS 
_diffrn_source.pdbx_synchrotron_beamline   24-ID-C 
_diffrn_source.pdbx_wavelength             1.54 
_diffrn_source.pdbx_wavelength_list        ? 
# 
_reflns.pdbx_diffrn_id               1 
_reflns.pdbx_ordinal                 1 
_reflns.entry_id                     5ACL 
_reflns.observed_criterion_sigma_I   3.0 
_reflns.observed_criterion_sigma_F   ? 
_reflns.d_resolution_low             100.00 
_reflns.d_resolution_high            1.50 
_reflns.number_obs                   15567 
_reflns.number_all                   ? 
_reflns.percent_possible_obs         98.0 
_reflns.pdbx_Rmerge_I_obs            0.05 
_reflns.pdbx_Rsym_value              ? 
_reflns.pdbx_netI_over_sigmaI        19.00 
_reflns.B_iso_Wilson_estimate        ? 
_reflns.pdbx_redundancy              6.8 
# 
_reflns_shell.pdbx_diffrn_id         1 
_reflns_shell.pdbx_ordinal           1 
_reflns_shell.d_res_high             1.50 
_reflns_shell.d_res_low              1.53 
_reflns_shell.percent_possible_all   83.0 
_reflns_shell.Rmerge_I_obs           0.53 
_reflns_shell.pdbx_Rsym_value        ? 
_reflns_shell.meanI_over_sigI_obs    4.00 
_reflns_shell.pdbx_redundancy        6 
# 
_refine.pdbx_refine_id                           'X-RAY DIFFRACTION' 
_refine.entry_id                                 5ACL 
_refine.pdbx_diffrn_id                           1 
_refine.pdbx_TLS_residual_ADP_flag               ? 
_refine.ls_number_reflns_obs                     14756 
_refine.ls_number_reflns_all                     ? 
_refine.pdbx_ls_sigma_I                          ? 
_refine.pdbx_ls_sigma_F                          . 
_refine.pdbx_data_cutoff_high_absF               ? 
_refine.pdbx_data_cutoff_low_absF                ? 
_refine.pdbx_data_cutoff_high_rms_absF           ? 
_refine.ls_d_res_low                             29.32 
_refine.ls_d_res_high                            1.49 
_refine.ls_percent_reflns_obs                    97.91 
_refine.ls_R_factor_obs                          0.15970 
_refine.ls_R_factor_all                          ? 
_refine.ls_R_factor_R_work                       0.15823 
_refine.ls_R_factor_R_free                       0.18742 
_refine.ls_R_factor_R_free_error                 ? 
_refine.ls_R_factor_R_free_error_details         ? 
_refine.ls_percent_reflns_R_free                 5.0 
_refine.ls_number_reflns_R_free                  779 
_refine.ls_number_parameters                     ? 
_refine.ls_number_restraints                     ? 
_refine.occupancy_min                            ? 
_refine.occupancy_max                            ? 
_refine.correlation_coeff_Fo_to_Fc               0.974 
_refine.correlation_coeff_Fo_to_Fc_free          0.966 
_refine.B_iso_mean                               20.367 
_refine.aniso_B[1][1]                            2.84 
_refine.aniso_B[2][2]                            -1.26 
_refine.aniso_B[3][3]                            -1.58 
_refine.aniso_B[1][2]                            0.00 
_refine.aniso_B[1][3]                            0.00 
_refine.aniso_B[2][3]                            0.00 
_refine.solvent_model_details                    MASK 
_refine.solvent_model_param_ksol                 ? 
_refine.solvent_model_param_bsol                 ? 
_refine.pdbx_solvent_vdw_probe_radii             1.20 
_refine.pdbx_solvent_ion_probe_radii             0.80 
_refine.pdbx_solvent_shrinkage_radii             0.80 
_refine.pdbx_ls_cross_valid_method               THROUGHOUT 
_refine.details                                  'HYDROGENS HAVE BEEN ADDED IN THE RIDING POSITIONS.' 
_refine.pdbx_starting_model                      'PDB ENTRY 4UNU' 
_refine.pdbx_method_to_determine_struct          'MOLECULAR REPLACEMENT' 
_refine.pdbx_isotropic_thermal_model             ? 
_refine.pdbx_stereochemistry_target_values       'MAXIMUM LIKELIHOOD' 
_refine.pdbx_stereochem_target_val_spec_case     ? 
_refine.pdbx_R_Free_selection_details            RANDOM 
_refine.pdbx_overall_ESU_R                       0.074 
_refine.pdbx_overall_ESU_R_Free                  0.075 
_refine.overall_SU_ML                            0.057 
_refine.pdbx_overall_phase_error                 ? 
_refine.overall_SU_B                             1.568 
_refine.overall_SU_R_Cruickshank_DPI             ? 
_refine.pdbx_overall_SU_R_free_Cruickshank_DPI   ? 
_refine.pdbx_overall_SU_R_Blow_DPI               ? 
_refine.pdbx_overall_SU_R_free_Blow_DPI          ? 
# 
_refine_hist.pdbx_refine_id                   'X-RAY DIFFRACTION' 
_refine_hist.cycle_id                         LAST 
_refine_hist.pdbx_number_atoms_protein        801 
_refine_hist.pdbx_number_atoms_nucleic_acid   0 
_refine_hist.pdbx_number_atoms_ligand         33 
_refine_hist.number_atoms_solvent             134 
_refine_hist.number_atoms_total               968 
_refine_hist.d_res_high                       1.49 
_refine_hist.d_res_low                        29.32 
# 
loop_
_refine_ls_restr.type 
_refine_ls_restr.dev_ideal 
_refine_ls_restr.dev_ideal_target 
_refine_ls_restr.weight 
_refine_ls_restr.number 
_refine_ls_restr.pdbx_refine_id 
_refine_ls_restr.pdbx_restraint_function 
r_bond_refined_d             0.023  0.020  ? 907  'X-RAY DIFFRACTION' ? 
r_bond_other_d               0.003  0.020  ? 781  'X-RAY DIFFRACTION' ? 
r_angle_refined_deg          2.037  1.995  ? 1252 'X-RAY DIFFRACTION' ? 
r_angle_other_deg            1.099  3.000  ? 1822 'X-RAY DIFFRACTION' ? 
r_dihedral_angle_1_deg       6.951  5.000  ? 126  'X-RAY DIFFRACTION' ? 
r_dihedral_angle_2_deg       37.868 25.143 ? 35   'X-RAY DIFFRACTION' ? 
r_dihedral_angle_3_deg       12.809 15.000 ? 131  'X-RAY DIFFRACTION' ? 
r_dihedral_angle_4_deg       31.186 15.000 ? 2    'X-RAY DIFFRACTION' ? 
r_chiral_restr               0.129  0.200  ? 136  'X-RAY DIFFRACTION' ? 
r_gen_planes_refined         0.012  0.021  ? 1079 'X-RAY DIFFRACTION' ? 
r_gen_planes_other           0.003  0.020  ? 209  'X-RAY DIFFRACTION' ? 
r_nbd_refined                ?      ?      ? ?    'X-RAY DIFFRACTION' ? 
r_nbd_other                  ?      ?      ? ?    'X-RAY DIFFRACTION' ? 
r_nbtor_refined              ?      ?      ? ?    'X-RAY DIFFRACTION' ? 
r_nbtor_other                ?      ?      ? ?    'X-RAY DIFFRACTION' ? 
r_xyhbond_nbd_refined        ?      ?      ? ?    'X-RAY DIFFRACTION' ? 
r_xyhbond_nbd_other          ?      ?      ? ?    'X-RAY DIFFRACTION' ? 
r_metal_ion_refined          ?      ?      ? ?    'X-RAY DIFFRACTION' ? 
r_metal_ion_other            ?      ?      ? ?    'X-RAY DIFFRACTION' ? 
r_symmetry_vdw_refined       ?      ?      ? ?    'X-RAY DIFFRACTION' ? 
r_symmetry_vdw_other         ?      ?      ? ?    'X-RAY DIFFRACTION' ? 
r_symmetry_hbond_refined     ?      ?      ? ?    'X-RAY DIFFRACTION' ? 
r_symmetry_hbond_other       ?      ?      ? ?    'X-RAY DIFFRACTION' ? 
r_symmetry_metal_ion_refined ?      ?      ? ?    'X-RAY DIFFRACTION' ? 
r_symmetry_metal_ion_other   ?      ?      ? ?    'X-RAY DIFFRACTION' ? 
r_mcbond_it                  1.898  1.724  ? 456  'X-RAY DIFFRACTION' ? 
r_mcbond_other               1.886  1.721  ? 455  'X-RAY DIFFRACTION' ? 
r_mcangle_it                 2.818  2.574  ? 574  'X-RAY DIFFRACTION' ? 
r_mcangle_other              ?      ?      ? ?    'X-RAY DIFFRACTION' ? 
r_scbond_it                  3.310  2.153  ? 451  'X-RAY DIFFRACTION' ? 
r_scbond_other               ?      ?      ? ?    'X-RAY DIFFRACTION' ? 
r_scangle_it                 ?      ?      ? ?    'X-RAY DIFFRACTION' ? 
r_scangle_other              ?      ?      ? ?    'X-RAY DIFFRACTION' ? 
r_long_range_B_refined       ?      ?      ? ?    'X-RAY DIFFRACTION' ? 
r_long_range_B_other         ?      ?      ? ?    'X-RAY DIFFRACTION' ? 
r_rigid_bond_restr           ?      ?      ? ?    'X-RAY DIFFRACTION' ? 
r_sphericity_free            ?      ?      ? ?    'X-RAY DIFFRACTION' ? 
r_sphericity_bonded          ?      ?      ? ?    'X-RAY DIFFRACTION' ? 
# 
_refine_ls_shell.pdbx_refine_id                   'X-RAY DIFFRACTION' 
_refine_ls_shell.pdbx_total_number_of_bins_used   20 
_refine_ls_shell.d_res_high                       1.492 
_refine_ls_shell.d_res_low                        1.531 
_refine_ls_shell.number_reflns_R_work             920 
_refine_ls_shell.R_factor_R_work                  0.234 
_refine_ls_shell.percent_reflns_obs               82.89 
_refine_ls_shell.R_factor_R_free                  0.225 
_refine_ls_shell.R_factor_R_free_error            ? 
_refine_ls_shell.percent_reflns_R_free            ? 
_refine_ls_shell.number_reflns_R_free             49 
_refine_ls_shell.number_reflns_all                ? 
_refine_ls_shell.R_factor_all                     ? 
# 
_struct.entry_id                  5ACL 
_struct.title                     'Mcg immunoglobulin variable domain with sulfasalazine' 
_struct.pdbx_model_details        ? 
_struct.pdbx_CASP_flag            ? 
_struct.pdbx_model_type_details   ? 
# 
_struct_keywords.entry_id        5ACL 
_struct_keywords.pdbx_keywords   'IMMUNE SYSTEM' 
_struct_keywords.text            'IMMUNE SYSTEM, MCG, IMMUNOGLOBULIN VARIABLE DOMAIN, METHYLENE BLUE' 
# 
loop_
_struct_asym.id 
_struct_asym.pdbx_blank_PDB_chainid_flag 
_struct_asym.pdbx_modified 
_struct_asym.entity_id 
_struct_asym.details 
A N N 1 ? 
B N N 2 ? 
C N N 3 ? 
D N N 4 ? 
# 
_struct_ref.id                         1 
_struct_ref.db_name                    UNP 
_struct_ref.db_code                    LV206_HUMAN 
_struct_ref.entity_id                  1 
_struct_ref.pdbx_seq_one_letter_code   ? 
_struct_ref.pdbx_align_begin           ? 
_struct_ref.pdbx_db_accession          P01709 
_struct_ref.pdbx_db_isoform            ? 
# 
_struct_ref_seq.align_id                      1 
_struct_ref_seq.ref_id                        1 
_struct_ref_seq.pdbx_PDB_id_code              5ACL 
_struct_ref_seq.pdbx_strand_id                A 
_struct_ref_seq.seq_align_beg                 2 
_struct_ref_seq.pdbx_seq_align_beg_ins_code   ? 
_struct_ref_seq.seq_align_end                 111 
_struct_ref_seq.pdbx_seq_align_end_ins_code   ? 
_struct_ref_seq.pdbx_db_accession             P01709 
_struct_ref_seq.db_align_beg                  1 
_struct_ref_seq.pdbx_db_align_beg_ins_code    ? 
_struct_ref_seq.db_align_end                  110 
_struct_ref_seq.pdbx_db_align_end_ins_code    ? 
_struct_ref_seq.pdbx_auth_seq_align_beg       1 
_struct_ref_seq.pdbx_auth_seq_align_end       110 
# 
_struct_ref_seq_dif.align_id                     1 
_struct_ref_seq_dif.pdbx_pdb_id_code             5ACL 
_struct_ref_seq_dif.mon_id                       GLY 
_struct_ref_seq_dif.pdbx_pdb_strand_id           A 
_struct_ref_seq_dif.seq_num                      1 
_struct_ref_seq_dif.pdbx_pdb_ins_code            ? 
_struct_ref_seq_dif.pdbx_seq_db_name             UNP 
_struct_ref_seq_dif.pdbx_seq_db_accession_code   P01709 
_struct_ref_seq_dif.db_mon_id                    ? 
_struct_ref_seq_dif.pdbx_seq_db_seq_num          ? 
_struct_ref_seq_dif.details                      'expression tag' 
_struct_ref_seq_dif.pdbx_auth_seq_num            0 
_struct_ref_seq_dif.pdbx_ordinal                 1 
# 
_pdbx_struct_assembly.id                   1 
_pdbx_struct_assembly.details              software_defined_assembly 
_pdbx_struct_assembly.method_details       PISA 
_pdbx_struct_assembly.oligomeric_details   monomeric 
_pdbx_struct_assembly.oligomeric_count     1 
# 
_pdbx_struct_assembly_gen.assembly_id       1 
_pdbx_struct_assembly_gen.oper_expression   1 
_pdbx_struct_assembly_gen.asym_id_list      A,B,C,D 
# 
_pdbx_struct_oper_list.id                   1 
_pdbx_struct_oper_list.type                 'identity operation' 
_pdbx_struct_oper_list.name                 1_555 
_pdbx_struct_oper_list.symmetry_operation   x,y,z 
_pdbx_struct_oper_list.matrix[1][1]         1.0000000000 
_pdbx_struct_oper_list.matrix[1][2]         0.0000000000 
_pdbx_struct_oper_list.matrix[1][3]         0.0000000000 
_pdbx_struct_oper_list.vector[1]            0.0000000000 
_pdbx_struct_oper_list.matrix[2][1]         0.0000000000 
_pdbx_struct_oper_list.matrix[2][2]         1.0000000000 
_pdbx_struct_oper_list.matrix[2][3]         0.0000000000 
_pdbx_struct_oper_list.vector[2]            0.0000000000 
_pdbx_struct_oper_list.matrix[3][1]         0.0000000000 
_pdbx_struct_oper_list.matrix[3][2]         0.0000000000 
_pdbx_struct_oper_list.matrix[3][3]         1.0000000000 
_pdbx_struct_oper_list.vector[3]            0.0000000000 
# 
_struct_biol.id   1 
# 
_struct_conf.conf_type_id            HELX_P 
_struct_conf.id                      HELX_P1 
_struct_conf.pdbx_PDB_helix_id       1 
_struct_conf.beg_label_comp_id       GLN 
_struct_conf.beg_label_asym_id       A 
_struct_conf.beg_label_seq_id        82 
_struct_conf.pdbx_beg_PDB_ins_code   ? 
_struct_conf.end_label_comp_id       GLU 
_struct_conf.end_label_asym_id       A 
_struct_conf.end_label_seq_id        86 
_struct_conf.pdbx_end_PDB_ins_code   ? 
_struct_conf.beg_auth_comp_id        GLN 
_struct_conf.beg_auth_asym_id        A 
_struct_conf.beg_auth_seq_id         81 
_struct_conf.end_auth_comp_id        GLU 
_struct_conf.end_auth_asym_id        A 
_struct_conf.end_auth_seq_id         85 
_struct_conf.pdbx_PDB_helix_class    5 
_struct_conf.details                 ? 
_struct_conf.pdbx_PDB_helix_length   5 
# 
_struct_conf_type.id          HELX_P 
_struct_conf_type.criteria    ? 
_struct_conf_type.reference   ? 
# 
_struct_conn.id                            disulf1 
_struct_conn.conn_type_id                  disulf 
_struct_conn.pdbx_leaving_atom_flag        ? 
_struct_conn.pdbx_PDB_id                   ? 
_struct_conn.ptnr1_label_asym_id           A 
_struct_conn.ptnr1_label_comp_id           CYS 
_struct_conn.ptnr1_label_seq_id            23 
_struct_conn.ptnr1_label_atom_id           SG 
_struct_conn.pdbx_ptnr1_label_alt_id       ? 
_struct_conn.pdbx_ptnr1_PDB_ins_code       ? 
_struct_conn.pdbx_ptnr1_standard_comp_id   ? 
_struct_conn.ptnr1_symmetry                1_555 
_struct_conn.ptnr2_label_asym_id           A 
_struct_conn.ptnr2_label_comp_id           CYS 
_struct_conn.ptnr2_label_seq_id            91 
_struct_conn.ptnr2_label_atom_id           SG 
_struct_conn.pdbx_ptnr2_label_alt_id       ? 
_struct_conn.pdbx_ptnr2_PDB_ins_code       ? 
_struct_conn.ptnr1_auth_asym_id            A 
_struct_conn.ptnr1_auth_comp_id            CYS 
_struct_conn.ptnr1_auth_seq_id             22 
_struct_conn.ptnr2_auth_asym_id            A 
_struct_conn.ptnr2_auth_comp_id            CYS 
_struct_conn.ptnr2_auth_seq_id             90 
_struct_conn.ptnr2_symmetry                1_555 
_struct_conn.pdbx_ptnr3_label_atom_id      ? 
_struct_conn.pdbx_ptnr3_label_seq_id       ? 
_struct_conn.pdbx_ptnr3_label_comp_id      ? 
_struct_conn.pdbx_ptnr3_label_asym_id      ? 
_struct_conn.pdbx_ptnr3_label_alt_id       ? 
_struct_conn.pdbx_ptnr3_PDB_ins_code       ? 
_struct_conn.details                       ? 
_struct_conn.pdbx_dist_value               2.064 
_struct_conn.pdbx_value_order              ? 
_struct_conn.pdbx_role                     ? 
# 
_struct_conn_type.id          disulf 
_struct_conn_type.criteria    ? 
_struct_conn_type.reference   ? 
# 
_pdbx_modification_feature.ordinal                            1 
_pdbx_modification_feature.label_comp_id                      CYS 
_pdbx_modification_feature.label_asym_id                      A 
_pdbx_modification_feature.label_seq_id                       23 
_pdbx_modification_feature.label_alt_id                       ? 
_pdbx_modification_feature.modified_residue_label_comp_id     CYS 
_pdbx_modification_feature.modified_residue_label_asym_id     A 
_pdbx_modification_feature.modified_residue_label_seq_id      91 
_pdbx_modification_feature.modified_residue_label_alt_id      ? 
_pdbx_modification_feature.auth_comp_id                       CYS 
_pdbx_modification_feature.auth_asym_id                       A 
_pdbx_modification_feature.auth_seq_id                        22 
_pdbx_modification_feature.PDB_ins_code                       ? 
_pdbx_modification_feature.symmetry                           1_555 
_pdbx_modification_feature.modified_residue_auth_comp_id      CYS 
_pdbx_modification_feature.modified_residue_auth_asym_id      A 
_pdbx_modification_feature.modified_residue_auth_seq_id       90 
_pdbx_modification_feature.modified_residue_PDB_ins_code      ? 
_pdbx_modification_feature.modified_residue_symmetry          1_555 
_pdbx_modification_feature.comp_id_linking_atom               SG 
_pdbx_modification_feature.modified_residue_id_linking_atom   SG 
_pdbx_modification_feature.modified_residue_id                . 
_pdbx_modification_feature.ref_pcm_id                         . 
_pdbx_modification_feature.ref_comp_id                        . 
_pdbx_modification_feature.type                               None 
_pdbx_modification_feature.category                           'Disulfide bridge' 
# 
loop_
_struct_sheet.id 
_struct_sheet.type 
_struct_sheet.number_strands 
_struct_sheet.details 
AA ? 4 ? 
AB ? 5 ? 
AC ? 2 ? 
AD ? 3 ? 
# 
loop_
_struct_sheet_order.sheet_id 
_struct_sheet_order.range_id_1 
_struct_sheet_order.range_id_2 
_struct_sheet_order.offset 
_struct_sheet_order.sense 
AA 1 2 ? parallel      
AA 2 3 ? anti-parallel 
AA 3 4 ? parallel      
AB 1 2 ? parallel      
AB 2 3 ? anti-parallel 
AB 3 4 ? anti-parallel 
AB 4 5 ? anti-parallel 
AC 1 2 ? parallel      
AD 1 2 ? anti-parallel 
AD 2 3 ? anti-parallel 
# 
loop_
_struct_sheet_range.sheet_id 
_struct_sheet_range.id 
_struct_sheet_range.beg_label_comp_id 
_struct_sheet_range.beg_label_asym_id 
_struct_sheet_range.beg_label_seq_id 
_struct_sheet_range.pdbx_beg_PDB_ins_code 
_struct_sheet_range.end_label_comp_id 
_struct_sheet_range.end_label_asym_id 
_struct_sheet_range.end_label_seq_id 
_struct_sheet_range.pdbx_end_PDB_ins_code 
_struct_sheet_range.beg_auth_comp_id 
_struct_sheet_range.beg_auth_asym_id 
_struct_sheet_range.beg_auth_seq_id 
_struct_sheet_range.end_auth_comp_id 
_struct_sheet_range.end_auth_asym_id 
_struct_sheet_range.end_auth_seq_id 
AA 1 SER A 10  ? GLY A 13  ? SER A 9   GLY A 12  
AA 2 THR A 106 ? VAL A 110 ? THR A 105 VAL A 109 
AA 3 ALA A 87  ? TYR A 94  ? ALA A 86  TYR A 93  
AA 4 PHE A 100 ? PHE A 102 ? PHE A 99  PHE A 101 
AB 1 SER A 10  ? GLY A 13  ? SER A 9   GLY A 12  
AB 2 THR A 106 ? VAL A 110 ? THR A 105 VAL A 109 
AB 3 ALA A 87  ? TYR A 94  ? ALA A 86  TYR A 93  
AB 4 VAL A 36  ? GLN A 41  ? VAL A 35  GLN A 40  
AB 5 LYS A 48  ? ILE A 51  ? LYS A 47  ILE A 50  
AC 1 PHE A 100 ? PHE A 102 ? PHE A 99  PHE A 101 
AC 2 ALA A 87  ? TYR A 94  ? ALA A 86  TYR A 93  
AD 1 VAL A 19  ? THR A 24  ? VAL A 18  THR A 23  
AD 2 THR A 73  ? VAL A 78  ? THR A 72  VAL A 77  
AD 3 PHE A 65  ? SER A 70  ? PHE A 64  SER A 69  
# 
loop_
_pdbx_struct_sheet_hbond.sheet_id 
_pdbx_struct_sheet_hbond.range_id_1 
_pdbx_struct_sheet_hbond.range_id_2 
_pdbx_struct_sheet_hbond.range_1_label_atom_id 
_pdbx_struct_sheet_hbond.range_1_label_comp_id 
_pdbx_struct_sheet_hbond.range_1_label_asym_id 
_pdbx_struct_sheet_hbond.range_1_label_seq_id 
_pdbx_struct_sheet_hbond.range_1_PDB_ins_code 
_pdbx_struct_sheet_hbond.range_1_auth_atom_id 
_pdbx_struct_sheet_hbond.range_1_auth_comp_id 
_pdbx_struct_sheet_hbond.range_1_auth_asym_id 
_pdbx_struct_sheet_hbond.range_1_auth_seq_id 
_pdbx_struct_sheet_hbond.range_2_label_atom_id 
_pdbx_struct_sheet_hbond.range_2_label_comp_id 
_pdbx_struct_sheet_hbond.range_2_label_asym_id 
_pdbx_struct_sheet_hbond.range_2_label_seq_id 
_pdbx_struct_sheet_hbond.range_2_PDB_ins_code 
_pdbx_struct_sheet_hbond.range_2_auth_atom_id 
_pdbx_struct_sheet_hbond.range_2_auth_comp_id 
_pdbx_struct_sheet_hbond.range_2_auth_asym_id 
_pdbx_struct_sheet_hbond.range_2_auth_seq_id 
AA 1 2 N ALA A 11  ? N ALA A 10  O LYS A 107 ? O LYS A 106 
AA 2 3 N VAL A 108 ? N VAL A 107 O ALA A 87  ? O ALA A 86  
AA 3 4 N SER A 93  ? N SER A 92  O VAL A 101 ? O VAL A 100 
AB 1 2 N ALA A 11  ? N ALA A 10  O LYS A 107 ? O LYS A 106 
AB 2 3 N VAL A 108 ? N VAL A 107 O ALA A 87  ? O ALA A 86  
AB 3 4 N SER A 92  ? N SER A 91  O SER A 37  ? O SER A 36  
AB 4 5 N GLN A 40  ? N GLN A 39  O LYS A 48  ? O LYS A 47  
AC 1 2 N VAL A 101 ? N VAL A 100 O SER A 93  ? O SER A 92  
AD 1 2 N CYS A 23  ? N CYS A 22  O ALA A 74  ? O ALA A 73  
AD 2 3 N THR A 77  ? N THR A 76  O SER A 66  ? O SER A 65  
# 
loop_
_struct_site.id 
_struct_site.pdbx_evidence_code 
_struct_site.pdbx_auth_asym_id 
_struct_site.pdbx_auth_comp_id 
_struct_site.pdbx_auth_seq_id 
_struct_site.pdbx_auth_ins_code 
_struct_site.pdbx_num_residues 
_struct_site.details 
AC1 Software A SAS 1111 ? 14 'BINDING SITE FOR RESIDUE SAS A 1111' 
AC2 Software A SO4 1112 ? 4  'BINDING SITE FOR RESIDUE SO4 A 1112' 
# 
loop_
_struct_site_gen.id 
_struct_site_gen.site_id 
_struct_site_gen.pdbx_num_res 
_struct_site_gen.label_comp_id 
_struct_site_gen.label_asym_id 
_struct_site_gen.label_seq_id 
_struct_site_gen.pdbx_auth_ins_code 
_struct_site_gen.auth_comp_id 
_struct_site_gen.auth_asym_id 
_struct_site_gen.auth_seq_id 
_struct_site_gen.label_atom_id 
_struct_site_gen.label_alt_id 
_struct_site_gen.symmetry 
_struct_site_gen.details 
1  AC1 14 TYR A 35  ? TYR A 34   . ? 1_555 ? 
2  AC1 14 VAL A 36  ? VAL A 35   . ? 1_555 ? 
3  AC1 14 SER A 37  ? SER A 36   . ? 1_555 ? 
4  AC1 14 TYR A 39  ? TYR A 38   . ? 1_555 ? 
5  AC1 14 TYR A 39  ? TYR A 38   . ? 2_555 ? 
6  AC1 14 PRO A 47  ? PRO A 46   . ? 2_555 ? 
7  AC1 14 TYR A 52  ? TYR A 51   . ? 1_555 ? 
8  AC1 14 GLU A 53  ? GLU A 52   . ? 1_555 ? 
9  AC1 14 ASP A 98  ? ASP A 97   . ? 2_555 ? 
10 AC1 14 PHE A 100 ? PHE A 99   . ? 1_555 ? 
11 AC1 14 HOH D .   ? HOH A 2058 . ? 1_555 ? 
12 AC1 14 HOH D .   ? HOH A 2089 . ? 1_555 ? 
13 AC1 14 HOH D .   ? HOH A 2090 . ? 1_555 ? 
14 AC1 14 HOH D .   ? HOH A 2130 . ? 1_555 ? 
15 AC2 4  PRO A 62  ? PRO A 61   . ? 1_555 ? 
16 AC2 4  ARG A 64  ? ARG A 63   . ? 1_555 ? 
17 AC2 4  GLN A 82  ? GLN A 81   . ? 1_555 ? 
18 AC2 4  HOH D .   ? HOH A 2098 . ? 1_555 ? 
# 
_pdbx_entry_details.entry_id                   5ACL 
_pdbx_entry_details.compound_details           ? 
_pdbx_entry_details.source_details             ? 
_pdbx_entry_details.nonpolymer_details         ? 
_pdbx_entry_details.sequence_details           ? 
_pdbx_entry_details.has_ligand_of_interest     ? 
_pdbx_entry_details.has_protein_modification   Y 
# 
loop_
_pdbx_validate_close_contact.id 
_pdbx_validate_close_contact.PDB_model_num 
_pdbx_validate_close_contact.auth_atom_id_1 
_pdbx_validate_close_contact.auth_asym_id_1 
_pdbx_validate_close_contact.auth_comp_id_1 
_pdbx_validate_close_contact.auth_seq_id_1 
_pdbx_validate_close_contact.PDB_ins_code_1 
_pdbx_validate_close_contact.label_alt_id_1 
_pdbx_validate_close_contact.auth_atom_id_2 
_pdbx_validate_close_contact.auth_asym_id_2 
_pdbx_validate_close_contact.auth_comp_id_2 
_pdbx_validate_close_contact.auth_seq_id_2 
_pdbx_validate_close_contact.PDB_ins_code_2 
_pdbx_validate_close_contact.label_alt_id_2 
_pdbx_validate_close_contact.dist 
1 1 O   A HOH 2071 ? ? O A HOH 2072 ? ? 1.61 
2 1 O   A HOH 2030 ? ? O A HOH 2031 ? ? 1.77 
3 1 O   A HOH 2089 ? ? O A HOH 2090 ? ? 1.99 
4 1 O3  A SO4 1112 ? ? O A HOH 2098 ? ? 2.12 
5 1 O3  A SAS 1111 ? ? O A HOH 2130 ? ? 2.14 
6 1 OE2 A GLU 85   ? B O A HOH 2116 ? ? 2.16 
# 
_pdbx_validate_rmsd_bond.id                        1 
_pdbx_validate_rmsd_bond.PDB_model_num             1 
_pdbx_validate_rmsd_bond.auth_atom_id_1            CB 
_pdbx_validate_rmsd_bond.auth_asym_id_1            A 
_pdbx_validate_rmsd_bond.auth_comp_id_1            SER 
_pdbx_validate_rmsd_bond.auth_seq_id_1             65 
_pdbx_validate_rmsd_bond.PDB_ins_code_1            ? 
_pdbx_validate_rmsd_bond.label_alt_id_1            ? 
_pdbx_validate_rmsd_bond.auth_atom_id_2            OG 
_pdbx_validate_rmsd_bond.auth_asym_id_2            A 
_pdbx_validate_rmsd_bond.auth_comp_id_2            SER 
_pdbx_validate_rmsd_bond.auth_seq_id_2             65 
_pdbx_validate_rmsd_bond.PDB_ins_code_2            ? 
_pdbx_validate_rmsd_bond.label_alt_id_2            ? 
_pdbx_validate_rmsd_bond.bond_value                1.325 
_pdbx_validate_rmsd_bond.bond_target_value         1.418 
_pdbx_validate_rmsd_bond.bond_deviation            -0.093 
_pdbx_validate_rmsd_bond.bond_standard_deviation   0.013 
_pdbx_validate_rmsd_bond.linker_flag               N 
# 
loop_
_pdbx_validate_rmsd_angle.id 
_pdbx_validate_rmsd_angle.PDB_model_num 
_pdbx_validate_rmsd_angle.auth_atom_id_1 
_pdbx_validate_rmsd_angle.auth_asym_id_1 
_pdbx_validate_rmsd_angle.auth_comp_id_1 
_pdbx_validate_rmsd_angle.auth_seq_id_1 
_pdbx_validate_rmsd_angle.PDB_ins_code_1 
_pdbx_validate_rmsd_angle.label_alt_id_1 
_pdbx_validate_rmsd_angle.auth_atom_id_2 
_pdbx_validate_rmsd_angle.auth_asym_id_2 
_pdbx_validate_rmsd_angle.auth_comp_id_2 
_pdbx_validate_rmsd_angle.auth_seq_id_2 
_pdbx_validate_rmsd_angle.PDB_ins_code_2 
_pdbx_validate_rmsd_angle.label_alt_id_2 
_pdbx_validate_rmsd_angle.auth_atom_id_3 
_pdbx_validate_rmsd_angle.auth_asym_id_3 
_pdbx_validate_rmsd_angle.auth_comp_id_3 
_pdbx_validate_rmsd_angle.auth_seq_id_3 
_pdbx_validate_rmsd_angle.PDB_ins_code_3 
_pdbx_validate_rmsd_angle.label_alt_id_3 
_pdbx_validate_rmsd_angle.angle_value 
_pdbx_validate_rmsd_angle.angle_target_value 
_pdbx_validate_rmsd_angle.angle_deviation 
_pdbx_validate_rmsd_angle.angle_standard_deviation 
_pdbx_validate_rmsd_angle.linker_flag 
1 1 CB A ASP 62 ? ? CG A ASP 62 ? ? OD1 A ASP 62 ? ? 124.76 118.30 6.46 0.90 N 
2 1 CB A ASP 97 ? B CG A ASP 97 ? B OD1 A ASP 97 ? B 123.77 118.30 5.47 0.90 N 
# 
loop_
_pdbx_validate_torsion.id 
_pdbx_validate_torsion.PDB_model_num 
_pdbx_validate_torsion.auth_comp_id 
_pdbx_validate_torsion.auth_asym_id 
_pdbx_validate_torsion.auth_seq_id 
_pdbx_validate_torsion.PDB_ins_code 
_pdbx_validate_torsion.label_alt_id 
_pdbx_validate_torsion.phi 
_pdbx_validate_torsion.psi 
1 1 ASP A 28 ? ? -135.87 -96.39 
2 1 ASN A 33 ? ? -107.48 53.69  
3 1 VAL A 53 ? ? 75.81   -50.65 
4 1 ASN A 54 ? ? -152.58 37.88  
5 1 SER A 96 ? ? 39.93   55.91  
# 
_pdbx_validate_peptide_omega.id               1 
_pdbx_validate_peptide_omega.PDB_model_num    1 
_pdbx_validate_peptide_omega.auth_comp_id_1   SER 
_pdbx_validate_peptide_omega.auth_asym_id_1   A 
_pdbx_validate_peptide_omega.auth_seq_id_1    92 
_pdbx_validate_peptide_omega.PDB_ins_code_1   ? 
_pdbx_validate_peptide_omega.label_alt_id_1   ? 
_pdbx_validate_peptide_omega.auth_comp_id_2   TYR 
_pdbx_validate_peptide_omega.auth_asym_id_2   A 
_pdbx_validate_peptide_omega.auth_seq_id_2    93 
_pdbx_validate_peptide_omega.PDB_ins_code_2   ? 
_pdbx_validate_peptide_omega.label_alt_id_2   ? 
_pdbx_validate_peptide_omega.omega            147.30 
# 
_pdbx_struct_special_symmetry.id              1 
_pdbx_struct_special_symmetry.PDB_model_num   1 
_pdbx_struct_special_symmetry.auth_asym_id    A 
_pdbx_struct_special_symmetry.auth_comp_id    HOH 
_pdbx_struct_special_symmetry.auth_seq_id     2125 
_pdbx_struct_special_symmetry.PDB_ins_code    ? 
_pdbx_struct_special_symmetry.label_asym_id   D 
_pdbx_struct_special_symmetry.label_comp_id   HOH 
_pdbx_struct_special_symmetry.label_seq_id    . 
# 
loop_
_pdbx_unobs_or_zero_occ_residues.id 
_pdbx_unobs_or_zero_occ_residues.PDB_model_num 
_pdbx_unobs_or_zero_occ_residues.polymer_flag 
_pdbx_unobs_or_zero_occ_residues.occupancy_flag 
_pdbx_unobs_or_zero_occ_residues.auth_asym_id 
_pdbx_unobs_or_zero_occ_residues.auth_comp_id 
_pdbx_unobs_or_zero_occ_residues.auth_seq_id 
_pdbx_unobs_or_zero_occ_residues.PDB_ins_code 
_pdbx_unobs_or_zero_occ_residues.label_asym_id 
_pdbx_unobs_or_zero_occ_residues.label_comp_id 
_pdbx_unobs_or_zero_occ_residues.label_seq_id 
1 1 Y 1 A GLY 0 ? A GLY 1 
2 1 Y 1 A GLN 1 ? A GLN 2 
# 
loop_
_chem_comp_atom.comp_id 
_chem_comp_atom.atom_id 
_chem_comp_atom.type_symbol 
_chem_comp_atom.pdbx_aromatic_flag 
_chem_comp_atom.pdbx_stereo_config 
_chem_comp_atom.pdbx_ordinal 
ALA N    N N N 1   
ALA CA   C N S 2   
ALA C    C N N 3   
ALA O    O N N 4   
ALA CB   C N N 5   
ALA OXT  O N N 6   
ALA H    H N N 7   
ALA H2   H N N 8   
ALA HA   H N N 9   
ALA HB1  H N N 10  
ALA HB2  H N N 11  
ALA HB3  H N N 12  
ALA HXT  H N N 13  
ARG N    N N N 14  
ARG CA   C N S 15  
ARG C    C N N 16  
ARG O    O N N 17  
ARG CB   C N N 18  
ARG CG   C N N 19  
ARG CD   C N N 20  
ARG NE   N N N 21  
ARG CZ   C N N 22  
ARG NH1  N N N 23  
ARG NH2  N N N 24  
ARG OXT  O N N 25  
ARG H    H N N 26  
ARG H2   H N N 27  
ARG HA   H N N 28  
ARG HB2  H N N 29  
ARG HB3  H N N 30  
ARG HG2  H N N 31  
ARG HG3  H N N 32  
ARG HD2  H N N 33  
ARG HD3  H N N 34  
ARG HE   H N N 35  
ARG HH11 H N N 36  
ARG HH12 H N N 37  
ARG HH21 H N N 38  
ARG HH22 H N N 39  
ARG HXT  H N N 40  
ASN N    N N N 41  
ASN CA   C N S 42  
ASN C    C N N 43  
ASN O    O N N 44  
ASN CB   C N N 45  
ASN CG   C N N 46  
ASN OD1  O N N 47  
ASN ND2  N N N 48  
ASN OXT  O N N 49  
ASN H    H N N 50  
ASN H2   H N N 51  
ASN HA   H N N 52  
ASN HB2  H N N 53  
ASN HB3  H N N 54  
ASN HD21 H N N 55  
ASN HD22 H N N 56  
ASN HXT  H N N 57  
ASP N    N N N 58  
ASP CA   C N S 59  
ASP C    C N N 60  
ASP O    O N N 61  
ASP CB   C N N 62  
ASP CG   C N N 63  
ASP OD1  O N N 64  
ASP OD2  O N N 65  
ASP OXT  O N N 66  
ASP H    H N N 67  
ASP H2   H N N 68  
ASP HA   H N N 69  
ASP HB2  H N N 70  
ASP HB3  H N N 71  
ASP HD2  H N N 72  
ASP HXT  H N N 73  
CYS N    N N N 74  
CYS CA   C N R 75  
CYS C    C N N 76  
CYS O    O N N 77  
CYS CB   C N N 78  
CYS SG   S N N 79  
CYS OXT  O N N 80  
CYS H    H N N 81  
CYS H2   H N N 82  
CYS HA   H N N 83  
CYS HB2  H N N 84  
CYS HB3  H N N 85  
CYS HG   H N N 86  
CYS HXT  H N N 87  
GLN N    N N N 88  
GLN CA   C N S 89  
GLN C    C N N 90  
GLN O    O N N 91  
GLN CB   C N N 92  
GLN CG   C N N 93  
GLN CD   C N N 94  
GLN OE1  O N N 95  
GLN NE2  N N N 96  
GLN OXT  O N N 97  
GLN H    H N N 98  
GLN H2   H N N 99  
GLN HA   H N N 100 
GLN HB2  H N N 101 
GLN HB3  H N N 102 
GLN HG2  H N N 103 
GLN HG3  H N N 104 
GLN HE21 H N N 105 
GLN HE22 H N N 106 
GLN HXT  H N N 107 
GLU N    N N N 108 
GLU CA   C N S 109 
GLU C    C N N 110 
GLU O    O N N 111 
GLU CB   C N N 112 
GLU CG   C N N 113 
GLU CD   C N N 114 
GLU OE1  O N N 115 
GLU OE2  O N N 116 
GLU OXT  O N N 117 
GLU H    H N N 118 
GLU H2   H N N 119 
GLU HA   H N N 120 
GLU HB2  H N N 121 
GLU HB3  H N N 122 
GLU HG2  H N N 123 
GLU HG3  H N N 124 
GLU HE2  H N N 125 
GLU HXT  H N N 126 
GLY N    N N N 127 
GLY CA   C N N 128 
GLY C    C N N 129 
GLY O    O N N 130 
GLY OXT  O N N 131 
GLY H    H N N 132 
GLY H2   H N N 133 
GLY HA2  H N N 134 
GLY HA3  H N N 135 
GLY HXT  H N N 136 
HIS N    N N N 137 
HIS CA   C N S 138 
HIS C    C N N 139 
HIS O    O N N 140 
HIS CB   C N N 141 
HIS CG   C Y N 142 
HIS ND1  N Y N 143 
HIS CD2  C Y N 144 
HIS CE1  C Y N 145 
HIS NE2  N Y N 146 
HIS OXT  O N N 147 
HIS H    H N N 148 
HIS H2   H N N 149 
HIS HA   H N N 150 
HIS HB2  H N N 151 
HIS HB3  H N N 152 
HIS HD1  H N N 153 
HIS HD2  H N N 154 
HIS HE1  H N N 155 
HIS HE2  H N N 156 
HIS HXT  H N N 157 
HOH O    O N N 158 
HOH H1   H N N 159 
HOH H2   H N N 160 
ILE N    N N N 161 
ILE CA   C N S 162 
ILE C    C N N 163 
ILE O    O N N 164 
ILE CB   C N S 165 
ILE CG1  C N N 166 
ILE CG2  C N N 167 
ILE CD1  C N N 168 
ILE OXT  O N N 169 
ILE H    H N N 170 
ILE H2   H N N 171 
ILE HA   H N N 172 
ILE HB   H N N 173 
ILE HG12 H N N 174 
ILE HG13 H N N 175 
ILE HG21 H N N 176 
ILE HG22 H N N 177 
ILE HG23 H N N 178 
ILE HD11 H N N 179 
ILE HD12 H N N 180 
ILE HD13 H N N 181 
ILE HXT  H N N 182 
LEU N    N N N 183 
LEU CA   C N S 184 
LEU C    C N N 185 
LEU O    O N N 186 
LEU CB   C N N 187 
LEU CG   C N N 188 
LEU CD1  C N N 189 
LEU CD2  C N N 190 
LEU OXT  O N N 191 
LEU H    H N N 192 
LEU H2   H N N 193 
LEU HA   H N N 194 
LEU HB2  H N N 195 
LEU HB3  H N N 196 
LEU HG   H N N 197 
LEU HD11 H N N 198 
LEU HD12 H N N 199 
LEU HD13 H N N 200 
LEU HD21 H N N 201 
LEU HD22 H N N 202 
LEU HD23 H N N 203 
LEU HXT  H N N 204 
LYS N    N N N 205 
LYS CA   C N S 206 
LYS C    C N N 207 
LYS O    O N N 208 
LYS CB   C N N 209 
LYS CG   C N N 210 
LYS CD   C N N 211 
LYS CE   C N N 212 
LYS NZ   N N N 213 
LYS OXT  O N N 214 
LYS H    H N N 215 
LYS H2   H N N 216 
LYS HA   H N N 217 
LYS HB2  H N N 218 
LYS HB3  H N N 219 
LYS HG2  H N N 220 
LYS HG3  H N N 221 
LYS HD2  H N N 222 
LYS HD3  H N N 223 
LYS HE2  H N N 224 
LYS HE3  H N N 225 
LYS HZ1  H N N 226 
LYS HZ2  H N N 227 
LYS HZ3  H N N 228 
LYS HXT  H N N 229 
PHE N    N N N 230 
PHE CA   C N S 231 
PHE C    C N N 232 
PHE O    O N N 233 
PHE CB   C N N 234 
PHE CG   C Y N 235 
PHE CD1  C Y N 236 
PHE CD2  C Y N 237 
PHE CE1  C Y N 238 
PHE CE2  C Y N 239 
PHE CZ   C Y N 240 
PHE OXT  O N N 241 
PHE H    H N N 242 
PHE H2   H N N 243 
PHE HA   H N N 244 
PHE HB2  H N N 245 
PHE HB3  H N N 246 
PHE HD1  H N N 247 
PHE HD2  H N N 248 
PHE HE1  H N N 249 
PHE HE2  H N N 250 
PHE HZ   H N N 251 
PHE HXT  H N N 252 
PRO N    N N N 253 
PRO CA   C N S 254 
PRO C    C N N 255 
PRO O    O N N 256 
PRO CB   C N N 257 
PRO CG   C N N 258 
PRO CD   C N N 259 
PRO OXT  O N N 260 
PRO H    H N N 261 
PRO HA   H N N 262 
PRO HB2  H N N 263 
PRO HB3  H N N 264 
PRO HG2  H N N 265 
PRO HG3  H N N 266 
PRO HD2  H N N 267 
PRO HD3  H N N 268 
PRO HXT  H N N 269 
SAS C1   C Y N 270 
SAS C2   C Y N 271 
SAS C3   C Y N 272 
SAS C4   C Y N 273 
SAS C5   C Y N 274 
SAS N1   N Y N 275 
SAS N2   N N N 276 
SAS S1   S N N 277 
SAS O1   O N N 278 
SAS O2   O N N 279 
SAS C6   C Y N 280 
SAS C7   C Y N 281 
SAS C8   C Y N 282 
SAS C9   C Y N 283 
SAS C10  C Y N 284 
SAS C11  C Y N 285 
SAS N3   N N N 286 
SAS N4   N N N 287 
SAS C12  C Y N 288 
SAS C13  C Y N 289 
SAS C14  C Y N 290 
SAS C15  C Y N 291 
SAS C16  C Y N 292 
SAS C17  C Y N 293 
SAS C18  C N N 294 
SAS O3   O N N 295 
SAS O4   O N N 296 
SAS O5   O N N 297 
SAS H2   H N N 298 
SAS H3   H N N 299 
SAS H4   H N N 300 
SAS H5   H N N 301 
SAS HN2  H N N 302 
SAS H7   H N N 303 
SAS H8   H N N 304 
SAS H10  H N N 305 
SAS H11  H N N 306 
SAS H13  H N N 307 
SAS H16  H N N 308 
SAS H17  H N N 309 
SAS HO3  H N N 310 
SAS HO5  H N N 311 
SER N    N N N 312 
SER CA   C N S 313 
SER C    C N N 314 
SER O    O N N 315 
SER CB   C N N 316 
SER OG   O N N 317 
SER OXT  O N N 318 
SER H    H N N 319 
SER H2   H N N 320 
SER HA   H N N 321 
SER HB2  H N N 322 
SER HB3  H N N 323 
SER HG   H N N 324 
SER HXT  H N N 325 
SO4 S    S N N 326 
SO4 O1   O N N 327 
SO4 O2   O N N 328 
SO4 O3   O N N 329 
SO4 O4   O N N 330 
THR N    N N N 331 
THR CA   C N S 332 
THR C    C N N 333 
THR O    O N N 334 
THR CB   C N R 335 
THR OG1  O N N 336 
THR CG2  C N N 337 
THR OXT  O N N 338 
THR H    H N N 339 
THR H2   H N N 340 
THR HA   H N N 341 
THR HB   H N N 342 
THR HG1  H N N 343 
THR HG21 H N N 344 
THR HG22 H N N 345 
THR HG23 H N N 346 
THR HXT  H N N 347 
TRP N    N N N 348 
TRP CA   C N S 349 
TRP C    C N N 350 
TRP O    O N N 351 
TRP CB   C N N 352 
TRP CG   C Y N 353 
TRP CD1  C Y N 354 
TRP CD2  C Y N 355 
TRP NE1  N Y N 356 
TRP CE2  C Y N 357 
TRP CE3  C Y N 358 
TRP CZ2  C Y N 359 
TRP CZ3  C Y N 360 
TRP CH2  C Y N 361 
TRP OXT  O N N 362 
TRP H    H N N 363 
TRP H2   H N N 364 
TRP HA   H N N 365 
TRP HB2  H N N 366 
TRP HB3  H N N 367 
TRP HD1  H N N 368 
TRP HE1  H N N 369 
TRP HE3  H N N 370 
TRP HZ2  H N N 371 
TRP HZ3  H N N 372 
TRP HH2  H N N 373 
TRP HXT  H N N 374 
TYR N    N N N 375 
TYR CA   C N S 376 
TYR C    C N N 377 
TYR O    O N N 378 
TYR CB   C N N 379 
TYR CG   C Y N 380 
TYR CD1  C Y N 381 
TYR CD2  C Y N 382 
TYR CE1  C Y N 383 
TYR CE2  C Y N 384 
TYR CZ   C Y N 385 
TYR OH   O N N 386 
TYR OXT  O N N 387 
TYR H    H N N 388 
TYR H2   H N N 389 
TYR HA   H N N 390 
TYR HB2  H N N 391 
TYR HB3  H N N 392 
TYR HD1  H N N 393 
TYR HD2  H N N 394 
TYR HE1  H N N 395 
TYR HE2  H N N 396 
TYR HH   H N N 397 
TYR HXT  H N N 398 
VAL N    N N N 399 
VAL CA   C N S 400 
VAL C    C N N 401 
VAL O    O N N 402 
VAL CB   C N N 403 
VAL CG1  C N N 404 
VAL CG2  C N N 405 
VAL OXT  O N N 406 
VAL H    H N N 407 
VAL H2   H N N 408 
VAL HA   H N N 409 
VAL HB   H N N 410 
VAL HG11 H N N 411 
VAL HG12 H N N 412 
VAL HG13 H N N 413 
VAL HG21 H N N 414 
VAL HG22 H N N 415 
VAL HG23 H N N 416 
VAL HXT  H N N 417 
# 
loop_
_chem_comp_bond.comp_id 
_chem_comp_bond.atom_id_1 
_chem_comp_bond.atom_id_2 
_chem_comp_bond.value_order 
_chem_comp_bond.pdbx_aromatic_flag 
_chem_comp_bond.pdbx_stereo_config 
_chem_comp_bond.pdbx_ordinal 
ALA N   CA   sing N N 1   
ALA N   H    sing N N 2   
ALA N   H2   sing N N 3   
ALA CA  C    sing N N 4   
ALA CA  CB   sing N N 5   
ALA CA  HA   sing N N 6   
ALA C   O    doub N N 7   
ALA C   OXT  sing N N 8   
ALA CB  HB1  sing N N 9   
ALA CB  HB2  sing N N 10  
ALA CB  HB3  sing N N 11  
ALA OXT HXT  sing N N 12  
ARG N   CA   sing N N 13  
ARG N   H    sing N N 14  
ARG N   H2   sing N N 15  
ARG CA  C    sing N N 16  
ARG CA  CB   sing N N 17  
ARG CA  HA   sing N N 18  
ARG C   O    doub N N 19  
ARG C   OXT  sing N N 20  
ARG CB  CG   sing N N 21  
ARG CB  HB2  sing N N 22  
ARG CB  HB3  sing N N 23  
ARG CG  CD   sing N N 24  
ARG CG  HG2  sing N N 25  
ARG CG  HG3  sing N N 26  
ARG CD  NE   sing N N 27  
ARG CD  HD2  sing N N 28  
ARG CD  HD3  sing N N 29  
ARG NE  CZ   sing N N 30  
ARG NE  HE   sing N N 31  
ARG CZ  NH1  sing N N 32  
ARG CZ  NH2  doub N N 33  
ARG NH1 HH11 sing N N 34  
ARG NH1 HH12 sing N N 35  
ARG NH2 HH21 sing N N 36  
ARG NH2 HH22 sing N N 37  
ARG OXT HXT  sing N N 38  
ASN N   CA   sing N N 39  
ASN N   H    sing N N 40  
ASN N   H2   sing N N 41  
ASN CA  C    sing N N 42  
ASN CA  CB   sing N N 43  
ASN CA  HA   sing N N 44  
ASN C   O    doub N N 45  
ASN C   OXT  sing N N 46  
ASN CB  CG   sing N N 47  
ASN CB  HB2  sing N N 48  
ASN CB  HB3  sing N N 49  
ASN CG  OD1  doub N N 50  
ASN CG  ND2  sing N N 51  
ASN ND2 HD21 sing N N 52  
ASN ND2 HD22 sing N N 53  
ASN OXT HXT  sing N N 54  
ASP N   CA   sing N N 55  
ASP N   H    sing N N 56  
ASP N   H2   sing N N 57  
ASP CA  C    sing N N 58  
ASP CA  CB   sing N N 59  
ASP CA  HA   sing N N 60  
ASP C   O    doub N N 61  
ASP C   OXT  sing N N 62  
ASP CB  CG   sing N N 63  
ASP CB  HB2  sing N N 64  
ASP CB  HB3  sing N N 65  
ASP CG  OD1  doub N N 66  
ASP CG  OD2  sing N N 67  
ASP OD2 HD2  sing N N 68  
ASP OXT HXT  sing N N 69  
CYS N   CA   sing N N 70  
CYS N   H    sing N N 71  
CYS N   H2   sing N N 72  
CYS CA  C    sing N N 73  
CYS CA  CB   sing N N 74  
CYS CA  HA   sing N N 75  
CYS C   O    doub N N 76  
CYS C   OXT  sing N N 77  
CYS CB  SG   sing N N 78  
CYS CB  HB2  sing N N 79  
CYS CB  HB3  sing N N 80  
CYS SG  HG   sing N N 81  
CYS OXT HXT  sing N N 82  
GLN N   CA   sing N N 83  
GLN N   H    sing N N 84  
GLN N   H2   sing N N 85  
GLN CA  C    sing N N 86  
GLN CA  CB   sing N N 87  
GLN CA  HA   sing N N 88  
GLN C   O    doub N N 89  
GLN C   OXT  sing N N 90  
GLN CB  CG   sing N N 91  
GLN CB  HB2  sing N N 92  
GLN CB  HB3  sing N N 93  
GLN CG  CD   sing N N 94  
GLN CG  HG2  sing N N 95  
GLN CG  HG3  sing N N 96  
GLN CD  OE1  doub N N 97  
GLN CD  NE2  sing N N 98  
GLN NE2 HE21 sing N N 99  
GLN NE2 HE22 sing N N 100 
GLN OXT HXT  sing N N 101 
GLU N   CA   sing N N 102 
GLU N   H    sing N N 103 
GLU N   H2   sing N N 104 
GLU CA  C    sing N N 105 
GLU CA  CB   sing N N 106 
GLU CA  HA   sing N N 107 
GLU C   O    doub N N 108 
GLU C   OXT  sing N N 109 
GLU CB  CG   sing N N 110 
GLU CB  HB2  sing N N 111 
GLU CB  HB3  sing N N 112 
GLU CG  CD   sing N N 113 
GLU CG  HG2  sing N N 114 
GLU CG  HG3  sing N N 115 
GLU CD  OE1  doub N N 116 
GLU CD  OE2  sing N N 117 
GLU OE2 HE2  sing N N 118 
GLU OXT HXT  sing N N 119 
GLY N   CA   sing N N 120 
GLY N   H    sing N N 121 
GLY N   H2   sing N N 122 
GLY CA  C    sing N N 123 
GLY CA  HA2  sing N N 124 
GLY CA  HA3  sing N N 125 
GLY C   O    doub N N 126 
GLY C   OXT  sing N N 127 
GLY OXT HXT  sing N N 128 
HIS N   CA   sing N N 129 
HIS N   H    sing N N 130 
HIS N   H2   sing N N 131 
HIS CA  C    sing N N 132 
HIS CA  CB   sing N N 133 
HIS CA  HA   sing N N 134 
HIS C   O    doub N N 135 
HIS C   OXT  sing N N 136 
HIS CB  CG   sing N N 137 
HIS CB  HB2  sing N N 138 
HIS CB  HB3  sing N N 139 
HIS CG  ND1  sing Y N 140 
HIS CG  CD2  doub Y N 141 
HIS ND1 CE1  doub Y N 142 
HIS ND1 HD1  sing N N 143 
HIS CD2 NE2  sing Y N 144 
HIS CD2 HD2  sing N N 145 
HIS CE1 NE2  sing Y N 146 
HIS CE1 HE1  sing N N 147 
HIS NE2 HE2  sing N N 148 
HIS OXT HXT  sing N N 149 
HOH O   H1   sing N N 150 
HOH O   H2   sing N N 151 
ILE N   CA   sing N N 152 
ILE N   H    sing N N 153 
ILE N   H2   sing N N 154 
ILE CA  C    sing N N 155 
ILE CA  CB   sing N N 156 
ILE CA  HA   sing N N 157 
ILE C   O    doub N N 158 
ILE C   OXT  sing N N 159 
ILE CB  CG1  sing N N 160 
ILE CB  CG2  sing N N 161 
ILE CB  HB   sing N N 162 
ILE CG1 CD1  sing N N 163 
ILE CG1 HG12 sing N N 164 
ILE CG1 HG13 sing N N 165 
ILE CG2 HG21 sing N N 166 
ILE CG2 HG22 sing N N 167 
ILE CG2 HG23 sing N N 168 
ILE CD1 HD11 sing N N 169 
ILE CD1 HD12 sing N N 170 
ILE CD1 HD13 sing N N 171 
ILE OXT HXT  sing N N 172 
LEU N   CA   sing N N 173 
LEU N   H    sing N N 174 
LEU N   H2   sing N N 175 
LEU CA  C    sing N N 176 
LEU CA  CB   sing N N 177 
LEU CA  HA   sing N N 178 
LEU C   O    doub N N 179 
LEU C   OXT  sing N N 180 
LEU CB  CG   sing N N 181 
LEU CB  HB2  sing N N 182 
LEU CB  HB3  sing N N 183 
LEU CG  CD1  sing N N 184 
LEU CG  CD2  sing N N 185 
LEU CG  HG   sing N N 186 
LEU CD1 HD11 sing N N 187 
LEU CD1 HD12 sing N N 188 
LEU CD1 HD13 sing N N 189 
LEU CD2 HD21 sing N N 190 
LEU CD2 HD22 sing N N 191 
LEU CD2 HD23 sing N N 192 
LEU OXT HXT  sing N N 193 
LYS N   CA   sing N N 194 
LYS N   H    sing N N 195 
LYS N   H2   sing N N 196 
LYS CA  C    sing N N 197 
LYS CA  CB   sing N N 198 
LYS CA  HA   sing N N 199 
LYS C   O    doub N N 200 
LYS C   OXT  sing N N 201 
LYS CB  CG   sing N N 202 
LYS CB  HB2  sing N N 203 
LYS CB  HB3  sing N N 204 
LYS CG  CD   sing N N 205 
LYS CG  HG2  sing N N 206 
LYS CG  HG3  sing N N 207 
LYS CD  CE   sing N N 208 
LYS CD  HD2  sing N N 209 
LYS CD  HD3  sing N N 210 
LYS CE  NZ   sing N N 211 
LYS CE  HE2  sing N N 212 
LYS CE  HE3  sing N N 213 
LYS NZ  HZ1  sing N N 214 
LYS NZ  HZ2  sing N N 215 
LYS NZ  HZ3  sing N N 216 
LYS OXT HXT  sing N N 217 
PHE N   CA   sing N N 218 
PHE N   H    sing N N 219 
PHE N   H2   sing N N 220 
PHE CA  C    sing N N 221 
PHE CA  CB   sing N N 222 
PHE CA  HA   sing N N 223 
PHE C   O    doub N N 224 
PHE C   OXT  sing N N 225 
PHE CB  CG   sing N N 226 
PHE CB  HB2  sing N N 227 
PHE CB  HB3  sing N N 228 
PHE CG  CD1  doub Y N 229 
PHE CG  CD2  sing Y N 230 
PHE CD1 CE1  sing Y N 231 
PHE CD1 HD1  sing N N 232 
PHE CD2 CE2  doub Y N 233 
PHE CD2 HD2  sing N N 234 
PHE CE1 CZ   doub Y N 235 
PHE CE1 HE1  sing N N 236 
PHE CE2 CZ   sing Y N 237 
PHE CE2 HE2  sing N N 238 
PHE CZ  HZ   sing N N 239 
PHE OXT HXT  sing N N 240 
PRO N   CA   sing N N 241 
PRO N   CD   sing N N 242 
PRO N   H    sing N N 243 
PRO CA  C    sing N N 244 
PRO CA  CB   sing N N 245 
PRO CA  HA   sing N N 246 
PRO C   O    doub N N 247 
PRO C   OXT  sing N N 248 
PRO CB  CG   sing N N 249 
PRO CB  HB2  sing N N 250 
PRO CB  HB3  sing N N 251 
PRO CG  CD   sing N N 252 
PRO CG  HG2  sing N N 253 
PRO CG  HG3  sing N N 254 
PRO CD  HD2  sing N N 255 
PRO CD  HD3  sing N N 256 
PRO OXT HXT  sing N N 257 
SAS C1  C2   sing Y N 258 
SAS C1  N1   doub Y N 259 
SAS C1  N2   sing N N 260 
SAS C2  C3   doub Y N 261 
SAS C2  H2   sing N N 262 
SAS C3  C4   sing Y N 263 
SAS C3  H3   sing N N 264 
SAS C4  C5   doub Y N 265 
SAS C4  H4   sing N N 266 
SAS C5  N1   sing Y N 267 
SAS C5  H5   sing N N 268 
SAS N2  S1   sing N N 269 
SAS N2  HN2  sing N N 270 
SAS S1  O1   doub N N 271 
SAS S1  O2   doub N N 272 
SAS S1  C6   sing N N 273 
SAS C6  C7   doub Y N 274 
SAS C6  C11  sing Y N 275 
SAS C7  C8   sing Y N 276 
SAS C7  H7   sing N N 277 
SAS C8  C9   doub Y N 278 
SAS C8  H8   sing N N 279 
SAS C9  C10  sing Y N 280 
SAS C9  N3   sing N N 281 
SAS C10 C11  doub Y N 282 
SAS C10 H10  sing N N 283 
SAS C11 H11  sing N N 284 
SAS N3  N4   doub N E 285 
SAS N4  C12  sing N N 286 
SAS C12 C13  sing Y N 287 
SAS C12 C17  doub Y N 288 
SAS C13 C14  doub Y N 289 
SAS C13 H13  sing N N 290 
SAS C14 C15  sing Y N 291 
SAS C14 C18  sing N N 292 
SAS C15 C16  doub Y N 293 
SAS C15 O3   sing N N 294 
SAS C16 C17  sing Y N 295 
SAS C16 H16  sing N N 296 
SAS C17 H17  sing N N 297 
SAS C18 O4   doub N N 298 
SAS C18 O5   sing N N 299 
SAS O3  HO3  sing N N 300 
SAS O5  HO5  sing N N 301 
SER N   CA   sing N N 302 
SER N   H    sing N N 303 
SER N   H2   sing N N 304 
SER CA  C    sing N N 305 
SER CA  CB   sing N N 306 
SER CA  HA   sing N N 307 
SER C   O    doub N N 308 
SER C   OXT  sing N N 309 
SER CB  OG   sing N N 310 
SER CB  HB2  sing N N 311 
SER CB  HB3  sing N N 312 
SER OG  HG   sing N N 313 
SER OXT HXT  sing N N 314 
SO4 S   O1   doub N N 315 
SO4 S   O2   doub N N 316 
SO4 S   O3   sing N N 317 
SO4 S   O4   sing N N 318 
THR N   CA   sing N N 319 
THR N   H    sing N N 320 
THR N   H2   sing N N 321 
THR CA  C    sing N N 322 
THR CA  CB   sing N N 323 
THR CA  HA   sing N N 324 
THR C   O    doub N N 325 
THR C   OXT  sing N N 326 
THR CB  OG1  sing N N 327 
THR CB  CG2  sing N N 328 
THR CB  HB   sing N N 329 
THR OG1 HG1  sing N N 330 
THR CG2 HG21 sing N N 331 
THR CG2 HG22 sing N N 332 
THR CG2 HG23 sing N N 333 
THR OXT HXT  sing N N 334 
TRP N   CA   sing N N 335 
TRP N   H    sing N N 336 
TRP N   H2   sing N N 337 
TRP CA  C    sing N N 338 
TRP CA  CB   sing N N 339 
TRP CA  HA   sing N N 340 
TRP C   O    doub N N 341 
TRP C   OXT  sing N N 342 
TRP CB  CG   sing N N 343 
TRP CB  HB2  sing N N 344 
TRP CB  HB3  sing N N 345 
TRP CG  CD1  doub Y N 346 
TRP CG  CD2  sing Y N 347 
TRP CD1 NE1  sing Y N 348 
TRP CD1 HD1  sing N N 349 
TRP CD2 CE2  doub Y N 350 
TRP CD2 CE3  sing Y N 351 
TRP NE1 CE2  sing Y N 352 
TRP NE1 HE1  sing N N 353 
TRP CE2 CZ2  sing Y N 354 
TRP CE3 CZ3  doub Y N 355 
TRP CE3 HE3  sing N N 356 
TRP CZ2 CH2  doub Y N 357 
TRP CZ2 HZ2  sing N N 358 
TRP CZ3 CH2  sing Y N 359 
TRP CZ3 HZ3  sing N N 360 
TRP CH2 HH2  sing N N 361 
TRP OXT HXT  sing N N 362 
TYR N   CA   sing N N 363 
TYR N   H    sing N N 364 
TYR N   H2   sing N N 365 
TYR CA  C    sing N N 366 
TYR CA  CB   sing N N 367 
TYR CA  HA   sing N N 368 
TYR C   O    doub N N 369 
TYR C   OXT  sing N N 370 
TYR CB  CG   sing N N 371 
TYR CB  HB2  sing N N 372 
TYR CB  HB3  sing N N 373 
TYR CG  CD1  doub Y N 374 
TYR CG  CD2  sing Y N 375 
TYR CD1 CE1  sing Y N 376 
TYR CD1 HD1  sing N N 377 
TYR CD2 CE2  doub Y N 378 
TYR CD2 HD2  sing N N 379 
TYR CE1 CZ   doub Y N 380 
TYR CE1 HE1  sing N N 381 
TYR CE2 CZ   sing Y N 382 
TYR CE2 HE2  sing N N 383 
TYR CZ  OH   sing N N 384 
TYR OH  HH   sing N N 385 
TYR OXT HXT  sing N N 386 
VAL N   CA   sing N N 387 
VAL N   H    sing N N 388 
VAL N   H2   sing N N 389 
VAL CA  C    sing N N 390 
VAL CA  CB   sing N N 391 
VAL CA  HA   sing N N 392 
VAL C   O    doub N N 393 
VAL C   OXT  sing N N 394 
VAL CB  CG1  sing N N 395 
VAL CB  CG2  sing N N 396 
VAL CB  HB   sing N N 397 
VAL CG1 HG11 sing N N 398 
VAL CG1 HG12 sing N N 399 
VAL CG1 HG13 sing N N 400 
VAL CG2 HG21 sing N N 401 
VAL CG2 HG22 sing N N 402 
VAL CG2 HG23 sing N N 403 
VAL OXT HXT  sing N N 404 
# 
_pdbx_initial_refinement_model.id               1 
_pdbx_initial_refinement_model.entity_id_list   ? 
_pdbx_initial_refinement_model.type             'experimental model' 
_pdbx_initial_refinement_model.source_name      PDB 
_pdbx_initial_refinement_model.accession_code   4UNU 
_pdbx_initial_refinement_model.details          'PDB ENTRY 4UNU' 
# 
_atom_sites.entry_id                    5ACL 
_atom_sites.fract_transf_matrix[1][1]   -0.00230335 
_atom_sites.fract_transf_matrix[1][2]   -0.02815852 
_atom_sites.fract_transf_matrix[1][3]   -0.01367246 
_atom_sites.fract_transf_matrix[2][1]   -0.01231706 
_atom_sites.fract_transf_matrix[2][2]   0.00308950 
_atom_sites.fract_transf_matrix[2][3]   -0.00428783 
_atom_sites.fract_transf_matrix[3][1]   0.00986294 
_atom_sites.fract_transf_matrix[3][2]   0.00959354 
_atom_sites.fract_transf_matrix[3][3]   -0.02141953 
_atom_sites.fract_transf_vector[1]      -0.155980 
_atom_sites.fract_transf_vector[2]      0.148269 
_atom_sites.fract_transf_vector[3]      -0.427085 
# 
loop_
_atom_type.symbol 
C 
N 
O 
S 
# 
loop_
_atom_site.group_PDB 
_atom_site.id 
_atom_site.type_symbol 
_atom_site.label_atom_id 
_atom_site.label_alt_id 
_atom_site.label_comp_id 
_atom_site.label_asym_id 
_atom_site.label_entity_id 
_atom_site.label_seq_id 
_atom_site.pdbx_PDB_ins_code 
_atom_site.Cartn_x 
_atom_site.Cartn_y 
_atom_site.Cartn_z 
_atom_site.occupancy 
_atom_site.B_iso_or_equiv 
_atom_site.pdbx_formal_charge 
_atom_site.auth_seq_id 
_atom_site.auth_comp_id 
_atom_site.auth_asym_id 
_atom_site.auth_atom_id 
_atom_site.pdbx_PDB_model_num 
ATOM   1    N N   . SER A 1 3   ? 10.986  14.578  -2.402  1.00 55.53 ? 2    SER A N   1 
ATOM   2    C CA  . SER A 1 3   ? 10.729  13.295  -3.118  1.00 52.87 ? 2    SER A CA  1 
ATOM   3    C C   . SER A 1 3   ? 10.169  12.115  -2.226  1.00 47.86 ? 2    SER A C   1 
ATOM   4    O O   . SER A 1 3   ? 10.930  11.190  -1.830  1.00 41.96 ? 2    SER A O   1 
ATOM   5    C CB  . SER A 1 3   ? 12.014  12.878  -3.848  1.00 59.21 ? 2    SER A CB  1 
ATOM   6    O OG  . SER A 1 3   ? 11.737  11.938  -4.869  1.00 63.75 ? 2    SER A OG  1 
ATOM   7    N N   . ALA A 1 4   ? 8.869   12.174  -1.875  1.00 35.00 ? 3    ALA A N   1 
ATOM   8    C CA  . ALA A 1 4   ? 8.134   11.001  -1.303  1.00 27.57 ? 3    ALA A CA  1 
ATOM   9    C C   . ALA A 1 4   ? 6.780   10.865  -2.023  1.00 23.96 ? 3    ALA A C   1 
ATOM   10   O O   . ALA A 1 4   ? 6.180   11.864  -2.476  1.00 26.77 ? 3    ALA A O   1 
ATOM   11   C CB  . ALA A 1 4   ? 7.903   11.151  0.162   1.00 23.94 ? 3    ALA A CB  1 
ATOM   12   N N   . LEU A 1 5   ? 6.259   9.647   -2.126  1.00 15.03 ? 4    LEU A N   1 
ATOM   13   C CA  . LEU A 1 5   ? 4.884   9.468   -2.592  1.00 15.21 ? 4    LEU A CA  1 
ATOM   14   C C   . LEU A 1 5   ? 3.908   9.868   -1.454  1.00 15.94 ? 4    LEU A C   1 
ATOM   15   O O   . LEU A 1 5   ? 4.192   9.650   -0.276  1.00 16.43 ? 4    LEU A O   1 
ATOM   16   C CB  . LEU A 1 5   ? 4.635   8.029   -2.988  1.00 15.28 ? 4    LEU A CB  1 
ATOM   17   C CG  . LEU A 1 5   ? 5.652   7.490   -4.017  1.00 13.89 ? 4    LEU A CG  1 
ATOM   18   C CD1 . LEU A 1 5   ? 5.406   6.029   -4.302  1.00 15.40 ? 4    LEU A CD1 1 
ATOM   19   C CD2 . LEU A 1 5   ? 5.561   8.276   -5.321  1.00 14.60 ? 4    LEU A CD2 1 
ATOM   20   N N   . THR A 1 6   ? 2.735   10.386  -1.819  1.00 13.44 ? 5    THR A N   1 
ATOM   21   C CA  . THR A 1 6   ? 1.779   10.914  -0.811  1.00 14.07 ? 5    THR A CA  1 
ATOM   22   C C   . THR A 1 6   ? 0.811   9.845   -0.384  1.00 13.62 ? 5    THR A C   1 
ATOM   23   O O   . THR A 1 6   ? 0.223   9.144   -1.230  1.00 12.98 ? 5    THR A O   1 
ATOM   24   C CB  . THR A 1 6   ? 0.982   12.063  -1.449  1.00 15.13 ? 5    THR A CB  1 
ATOM   25   O OG1 . THR A 1 6   ? 1.927   13.041  -1.896  1.00 17.07 ? 5    THR A OG1 1 
ATOM   26   C CG2 . THR A 1 6   ? 0.016   12.630  -0.458  1.00 17.58 ? 5    THR A CG2 1 
ATOM   27   N N   . GLN A 1 7   ? 0.696   9.662   0.925   1.00 13.58 ? 6    GLN A N   1 
ATOM   28   C CA  . GLN A 1 7   ? -0.269  8.744   1.525   1.00 12.65 ? 6    GLN A CA  1 
ATOM   29   C C   . GLN A 1 7   ? -0.969  9.485   2.674   1.00 14.55 ? 6    GLN A C   1 
ATOM   30   O O   . GLN A 1 7   ? -0.376  10.378  3.283   1.00 15.22 ? 6    GLN A O   1 
ATOM   31   C CB  . GLN A 1 7   ? 0.461   7.558   2.166   1.00 13.40 ? 6    GLN A CB  1 
ATOM   32   C CG  . GLN A 1 7   ? 1.168   6.641   1.183   1.00 12.90 ? 6    GLN A CG  1 
ATOM   33   C CD  . GLN A 1 7   ? 1.792   5.411   1.883   1.00 12.59 ? 6    GLN A CD  1 
ATOM   34   O OE1 . GLN A 1 7   ? 2.989   5.192   1.810   1.00 14.22 ? 6    GLN A OE1 1 
ATOM   35   N NE2 . GLN A 1 7   ? 1.032   4.763   2.698   1.00 13.87 ? 6    GLN A NE2 1 
ATOM   36   N N   . PRO A 1 8   ? -2.217  9.127   2.948   1.00 13.29 ? 7    PRO A N   1 
ATOM   37   C CA  . PRO A 1 8   ? -2.874  9.714   4.141   1.00 14.44 ? 7    PRO A CA  1 
ATOM   38   C C   . PRO A 1 8   ? -2.106  9.291   5.401   1.00 14.35 ? 7    PRO A C   1 
ATOM   39   O O   . PRO A 1 8   ? -1.693  8.136   5.501   1.00 13.71 ? 7    PRO A O   1 
ATOM   40   C CB  . PRO A 1 8   ? -4.260  9.107   4.078   1.00 13.09 ? 7    PRO A CB  1 
ATOM   41   C CG  . PRO A 1 8   ? -4.056  7.769   3.371   1.00 14.45 ? 7    PRO A CG  1 
ATOM   42   C CD  . PRO A 1 8   ? -3.068  8.100   2.341   1.00 14.05 ? 7    PRO A CD  1 
ATOM   43   N N   . PRO A 1 9   ? -1.921  10.165  6.384   1.00 14.39 ? 8    PRO A N   1 
ATOM   44   C CA  . PRO A 1 9   ? -1.212  9.755   7.587   1.00 15.56 ? 8    PRO A CA  1 
ATOM   45   C C   . PRO A 1 9   ? -1.850  8.625   8.383   1.00 14.88 ? 8    PRO A C   1 
ATOM   46   O O   . PRO A 1 9   ? -1.145  7.789   8.984   1.00 15.02 ? 8    PRO A O   1 
ATOM   47   C CB  . PRO A 1 9   ? -1.104  11.067  8.370   1.00 17.84 ? 8    PRO A CB  1 
ATOM   48   C CG  . PRO A 1 9   ? -1.129  12.121  7.340   1.00 19.67 ? 8    PRO A CG  1 
ATOM   49   C CD  . PRO A 1 9   ? -2.117  11.632  6.327   1.00 17.84 ? 8    PRO A CD  1 
ATOM   50   N N   . SER A 1 10  ? -3.175  8.552   8.336   1.00 14.65 ? 9    SER A N   1 
ATOM   51   C CA  . SER A 1 10  ? -3.897  7.556   9.066   1.00 15.38 ? 9    SER A CA  1 
ATOM   52   C C   . SER A 1 10  ? -5.181  7.203   8.371   1.00 15.80 ? 9    SER A C   1 
ATOM   53   O O   . SER A 1 10  ? -5.682  7.944   7.517   1.00 16.62 ? 9    SER A O   1 
ATOM   54   C CB  . SER A 1 10  ? -4.199  8.095   10.487  1.00 18.99 ? 9    SER A CB  1 
ATOM   55   O OG  . SER A 1 10  ? -5.187  9.011   10.342  1.00 22.69 ? 9    SER A OG  1 
ATOM   56   N N   . ALA A 1 11  ? -5.731  6.063   8.713   1.00 15.05 ? 10   ALA A N   1 
ATOM   57   C CA  . ALA A 1 11  ? -6.998  5.597   8.176   1.00 15.87 ? 10   ALA A CA  1 
ATOM   58   C C   . ALA A 1 11  ? -7.581  4.562   9.153   1.00 17.12 ? 10   ALA A C   1 
ATOM   59   O O   . ALA A 1 11  ? -6.864  3.934   9.864   1.00 16.56 ? 10   ALA A O   1 
ATOM   60   C CB  . ALA A 1 11  ? -6.832  4.951   6.816   1.00 17.48 ? 10   ALA A CB  1 
ATOM   61   N N   . SER A 1 12  ? -8.892  4.515   9.278   1.00 16.22 ? 11   SER A N   1 
ATOM   62   C CA  . SER A 1 12  ? -9.555  3.602   10.228  1.00 14.93 ? 11   SER A CA  1 
ATOM   63   C C   . SER A 1 12  ? -10.664 2.890   9.500   1.00 17.20 ? 11   SER A C   1 
ATOM   64   O O   . SER A 1 12  ? -11.268 3.373   8.548   1.00 17.28 ? 11   SER A O   1 
ATOM   65   C CB  . SER A 1 12  ? -10.190 4.321   11.371  1.00 18.41 ? 11   SER A CB  1 
ATOM   66   O OG  . SER A 1 12  ? -9.303  5.180   12.089  1.00 19.66 ? 11   SER A OG  1 
ATOM   67   N N   . GLY A 1 13  ? -11.022 1.751   10.075  1.00 16.61 ? 12   GLY A N   1 
ATOM   68   C CA  . GLY A 1 13  ? -12.169 0.956   9.572   1.00 16.88 ? 12   GLY A CA  1 
ATOM   69   C C   . GLY A 1 13  ? -12.682 0.075   10.679  1.00 16.71 ? 12   GLY A C   1 
ATOM   70   O O   . GLY A 1 13  ? -12.018 -0.186  11.663  1.00 15.95 ? 12   GLY A O   1 
ATOM   71   N N   . SER A 1 14  ? -13.918 -0.335  10.520  1.00 17.10 ? 13   SER A N   1 
ATOM   72   C CA  . SER A 1 14  ? -14.491 -1.243  11.451  1.00 18.24 ? 13   SER A CA  1 
ATOM   73   C C   . SER A 1 14  ? -14.125 -2.658  11.087  1.00 15.78 ? 13   SER A C   1 
ATOM   74   O O   . SER A 1 14  ? -13.947 -3.032  9.913   1.00 16.06 ? 13   SER A O   1 
ATOM   75   C CB  . SER A 1 14  ? -15.989 -1.095  11.467  1.00 21.16 ? 13   SER A CB  1 
ATOM   76   O OG  . SER A 1 14  ? -16.399 0.206   11.917  1.00 24.89 ? 13   SER A OG  1 
ATOM   77   N N   . LEU A 1 15  ? -14.120 -3.507  12.123  1.00 15.77 ? 14   LEU A N   1 
ATOM   78   C CA  . LEU A 1 15  ? -13.869 -4.950  11.889  1.00 15.93 ? 14   LEU A CA  1 
ATOM   79   C C   . LEU A 1 15  ? -14.816 -5.492  10.879  1.00 17.44 ? 14   LEU A C   1 
ATOM   80   O O   . LEU A 1 15  ? -16.038 -5.217  10.985  1.00 16.44 ? 14   LEU A O   1 
ATOM   81   C CB  . LEU A 1 15  ? -14.059 -5.723  13.205  1.00 18.57 ? 14   LEU A CB  1 
ATOM   82   C CG  . LEU A 1 15  ? -12.923 -5.754  14.197  1.00 19.98 ? 14   LEU A CG  1 
ATOM   83   C CD1 . LEU A 1 15  ? -13.337 -6.393  15.504  1.00 19.88 ? 14   LEU A CD1 1 
ATOM   84   C CD2 . LEU A 1 15  ? -11.712 -6.439  13.680  1.00 20.72 ? 14   LEU A CD2 1 
ATOM   85   N N   . GLY A 1 16  ? -14.276 -6.246  9.914   1.00 15.04 ? 15   GLY A N   1 
ATOM   86   C CA  . GLY A 1 16  ? -15.040 -6.885  8.826   1.00 17.32 ? 15   GLY A CA  1 
ATOM   87   C C   . GLY A 1 16  ? -15.324 -5.986  7.625   1.00 16.29 ? 15   GLY A C   1 
ATOM   88   O O   . GLY A 1 16  ? -15.795 -6.485  6.602   1.00 19.20 ? 15   GLY A O   1 
ATOM   89   N N   . GLN A 1 17  ? -15.016 -4.679  7.744   1.00 16.03 ? 16   GLN A N   1 
ATOM   90   C CA  . GLN A 1 17  ? -15.242 -3.741  6.703   1.00 17.10 ? 16   GLN A CA  1 
ATOM   91   C C   . GLN A 1 17  ? -13.980 -3.581  5.875   1.00 17.20 ? 16   GLN A C   1 
ATOM   92   O O   . GLN A 1 17  ? -13.138 -4.425  5.921   1.00 17.16 ? 16   GLN A O   1 
ATOM   93   C CB  . GLN A 1 17  ? -15.765 -2.413  7.244   1.00 21.25 ? 16   GLN A CB  1 
ATOM   94   C CG  . GLN A 1 17  ? -17.149 -2.583  7.912   1.00 22.32 ? 16   GLN A CG  1 
ATOM   95   C CD  . GLN A 1 17  ? -18.204 -3.215  6.942   1.00 26.31 ? 16   GLN A CD  1 
ATOM   96   O OE1 . GLN A 1 17  ? -18.778 -4.276  7.206   1.00 29.75 ? 16   GLN A OE1 1 
ATOM   97   N NE2 . GLN A 1 17  ? -18.369 -2.600  5.791   1.00 25.96 ? 16   GLN A NE2 1 
ATOM   98   N N   . SER A 1 18  ? -13.877 -2.584  5.058   1.00 18.10 ? 17   SER A N   1 
ATOM   99   C CA  . SER A 1 18  ? -12.610 -2.360  4.323   1.00 20.44 ? 17   SER A CA  1 
ATOM   100  C C   . SER A 1 18  ? -11.951 -1.034  4.643   1.00 23.48 ? 17   SER A C   1 
ATOM   101  O O   . SER A 1 18  ? -12.627 -0.138  5.081   1.00 21.97 ? 17   SER A O   1 
ATOM   102  C CB  . SER A 1 18  ? -12.852 -2.453  2.861   1.00 23.12 ? 17   SER A CB  1 
ATOM   103  O OG  . SER A 1 18  ? -13.633 -1.449  2.311   1.00 24.93 ? 17   SER A OG  1 
ATOM   104  N N   . VAL A 1 19  ? -10.655 -0.960  4.389   1.00 18.43 ? 18   VAL A N   1 
ATOM   105  C CA  A VAL A 1 19  ? -9.885  0.273   4.438   0.50 16.64 ? 18   VAL A CA  1 
ATOM   106  C CA  B VAL A 1 19  ? -9.966  0.339   4.357   0.50 18.20 ? 18   VAL A CA  1 
ATOM   107  C C   . VAL A 1 19  ? -9.181  0.391   3.093   1.00 16.79 ? 18   VAL A C   1 
ATOM   108  O O   . VAL A 1 19  ? -8.591  -0.570  2.651   1.00 17.18 ? 18   VAL A O   1 
ATOM   109  C CB  A VAL A 1 19  ? -8.880  0.273   5.596   0.50 16.40 ? 18   VAL A CB  1 
ATOM   110  C CB  B VAL A 1 19  ? -9.022  0.732   5.525   0.50 20.16 ? 18   VAL A CB  1 
ATOM   111  C CG1 A VAL A 1 19  ? -8.170  1.629   5.651   0.50 15.23 ? 18   VAL A CG1 1 
ATOM   112  C CG1 B VAL A 1 19  ? -9.812  1.140   6.749   0.50 21.35 ? 18   VAL A CG1 1 
ATOM   113  C CG2 A VAL A 1 19  ? -9.620  0.039   6.893   0.50 17.57 ? 18   VAL A CG2 1 
ATOM   114  C CG2 B VAL A 1 19  ? -7.950  -0.307  5.784   0.50 18.98 ? 18   VAL A CG2 1 
ATOM   115  N N   . THR A 1 20  ? -9.236  1.563   2.495   1.00 16.47 ? 19   THR A N   1 
ATOM   116  C CA  . THR A 1 20  ? -8.423  1.793   1.330   1.00 15.74 ? 19   THR A CA  1 
ATOM   117  C C   . THR A 1 20  ? -7.367  2.840   1.586   1.00 18.14 ? 19   THR A C   1 
ATOM   118  O O   . THR A 1 20  ? -7.710  3.884   2.111   1.00 21.15 ? 19   THR A O   1 
ATOM   119  C CB  . THR A 1 20  ? -9.259  2.142   0.062   1.00 15.37 ? 19   THR A CB  1 
ATOM   120  O OG1 . THR A 1 20  ? -10.153 1.049   -0.239  1.00 17.51 ? 19   THR A OG1 1 
ATOM   121  C CG2 . THR A 1 20  ? -8.490  2.458   -1.166  1.00 17.50 ? 19   THR A CG2 1 
ATOM   122  N N   . ILE A 1 21  ? -6.173  2.593   1.127   1.00 15.06 ? 20   ILE A N   1 
ATOM   123  C CA  . ILE A 1 21  ? -5.020  3.521   1.386   1.00 16.15 ? 20   ILE A CA  1 
ATOM   124  C C   . ILE A 1 21  ? -4.489  3.963   0.005   1.00 15.37 ? 20   ILE A C   1 
ATOM   125  O O   . ILE A 1 21  ? -4.040  3.105   -0.810  1.00 16.13 ? 20   ILE A O   1 
ATOM   126  C CB  . ILE A 1 21  ? -3.850  2.810   2.133   1.00 15.83 ? 20   ILE A CB  1 
ATOM   127  C CG1 . ILE A 1 21  ? -4.341  2.248   3.422   1.00 19.86 ? 20   ILE A CG1 1 
ATOM   128  C CG2 . ILE A 1 21  ? -2.679  3.829   2.315   1.00 19.87 ? 20   ILE A CG2 1 
ATOM   129  C CD1 . ILE A 1 21  ? -3.309  1.379   4.037   1.00 23.56 ? 20   ILE A CD1 1 
ATOM   130  N N   . SER A 1 22  ? -4.437  5.260   -0.272  1.00 12.78 ? 21   SER A N   1 
ATOM   131  C CA  . SER A 1 22  ? -3.946  5.727   -1.566  1.00 13.44 ? 21   SER A CA  1 
ATOM   132  C C   . SER A 1 22  ? -2.447  6.069   -1.468  1.00 11.69 ? 21   SER A C   1 
ATOM   133  O O   . SER A 1 22  ? -1.883  6.373   -0.402  1.00 12.77 ? 21   SER A O   1 
ATOM   134  C CB  . SER A 1 22  ? -4.719  6.971   -2.050  1.00 14.75 ? 21   SER A CB  1 
ATOM   135  O OG  . SER A 1 22  ? -4.647  8.035   -1.162  1.00 14.13 ? 21   SER A OG  1 
ATOM   136  N N   . CYS A 1 23  ? -1.838  6.067   -2.650  1.00 12.74 ? 22   CYS A N   1 
ATOM   137  C CA  . CYS A 1 23  ? -0.403  6.294   -2.858  1.00 12.96 ? 22   CYS A CA  1 
ATOM   138  C C   . CYS A 1 23  ? -0.275  7.109   -4.143  1.00 14.46 ? 22   CYS A C   1 
ATOM   139  O O   . CYS A 1 23  ? -0.421  6.594   -5.239  1.00 13.62 ? 22   CYS A O   1 
ATOM   140  C CB  . CYS A 1 23  ? 0.266   4.954   -3.026  1.00 14.65 ? 22   CYS A CB  1 
ATOM   141  S SG  . CYS A 1 23  ? 2.009   5.005   -3.445  1.00 15.12 ? 22   CYS A SG  1 
ATOM   142  N N   . THR A 1 24  ? -0.068  8.411   -3.990  1.00 13.36 ? 23   THR A N   1 
ATOM   143  C CA  . THR A 1 24  ? -0.089  9.338   -5.155  1.00 13.45 ? 23   THR A CA  1 
ATOM   144  C C   . THR A 1 24  ? 1.292   9.821   -5.475  1.00 14.12 ? 23   THR A C   1 
ATOM   145  O O   . THR A 1 24  ? 2.048   10.342  -4.618  1.00 14.21 ? 23   THR A O   1 
ATOM   146  C CB  . THR A 1 24  ? -1.047  10.565  -4.908  1.00 14.65 ? 23   THR A CB  1 
ATOM   147  O OG1 . THR A 1 24  ? -2.343  10.037  -4.613  1.00 14.61 ? 23   THR A OG1 1 
ATOM   148  C CG2 . THR A 1 24  ? -1.070  11.486  -6.125  1.00 15.32 ? 23   THR A CG2 1 
ATOM   149  N N   . GLY A 1 25  ? 1.669   9.623   -6.719  1.00 13.97 ? 24   GLY A N   1 
ATOM   150  C CA  . GLY A 1 25  ? 2.879   10.143  -7.255  1.00 16.42 ? 24   GLY A CA  1 
ATOM   151  C C   . GLY A 1 25  ? 2.645   10.955  -8.485  1.00 16.17 ? 24   GLY A C   1 
ATOM   152  O O   . GLY A 1 25  ? 1.673   11.709  -8.568  1.00 17.28 ? 24   GLY A O   1 
ATOM   153  N N   . THR A 1 26  ? 3.517   10.778  -9.485  1.00 16.45 ? 25   THR A N   1 
ATOM   154  C CA  . THR A 1 26  ? 3.477   11.562  -10.740 1.00 15.71 ? 25   THR A CA  1 
ATOM   155  C C   . THR A 1 26  ? 3.523   10.606  -11.916 1.00 16.27 ? 25   THR A C   1 
ATOM   156  O O   . THR A 1 26  ? 3.718   9.378   -11.773 1.00 15.72 ? 25   THR A O   1 
ATOM   157  C CB  . THR A 1 26  ? 4.662   12.568  -10.880 1.00 18.03 ? 25   THR A CB  1 
ATOM   158  O OG1 . THR A 1 26  ? 5.851   11.853  -11.178 1.00 17.61 ? 25   THR A OG1 1 
ATOM   159  C CG2 . THR A 1 26  ? 4.902   13.460  -9.636  1.00 18.44 ? 25   THR A CG2 1 
ATOM   160  N N   A SER A 1 27  ? 3.395   11.195  -13.095 0.50 16.09 ? 26   SER A N   1 
ATOM   161  N N   B SER A 1 27  ? 3.425   11.150  -13.127 0.50 16.13 ? 26   SER A N   1 
ATOM   162  C CA  A SER A 1 27  ? 3.439   10.447  -14.304 0.50 16.64 ? 26   SER A CA  1 
ATOM   163  C CA  B SER A 1 27  ? 3.522   10.330  -14.330 0.50 16.60 ? 26   SER A CA  1 
ATOM   164  C C   A SER A 1 27  ? 4.825   9.814   -14.540 0.50 17.58 ? 26   SER A C   1 
ATOM   165  C C   B SER A 1 27  ? 4.906   9.720   -14.509 0.50 17.54 ? 26   SER A C   1 
ATOM   166  O O   A SER A 1 27  ? 4.918   8.938   -15.420 0.50 18.85 ? 26   SER A O   1 
ATOM   167  O O   B SER A 1 27  ? 5.135   8.802   -15.313 0.50 17.52 ? 26   SER A O   1 
ATOM   168  C CB  A SER A 1 27  ? 3.013   11.383  -15.451 0.50 17.91 ? 26   SER A CB  1 
ATOM   169  C CB  B SER A 1 27  ? 3.247   11.213  -15.522 0.50 18.48 ? 26   SER A CB  1 
ATOM   170  O OG  A SER A 1 27  ? 1.666   11.838  -15.298 0.50 20.02 ? 26   SER A OG  1 
ATOM   171  O OG  B SER A 1 27  ? 4.261   12.189  -15.579 0.50 20.29 ? 26   SER A OG  1 
ATOM   172  N N   . SER A 1 28  ? 5.874   10.234  -13.792 1.00 18.26 ? 27   SER A N   1 
ATOM   173  C CA  . SER A 1 28  ? 7.205   9.681   -13.840 1.00 18.96 ? 27   SER A CA  1 
ATOM   174  C C   . SER A 1 28  ? 7.467   8.505   -12.920 1.00 19.90 ? 27   SER A C   1 
ATOM   175  O O   . SER A 1 28  ? 8.544   7.930   -12.924 1.00 22.05 ? 27   SER A O   1 
ATOM   176  C CB  . SER A 1 28  ? 8.249   10.742  -13.491 1.00 24.43 ? 27   SER A CB  1 
ATOM   177  O OG  . SER A 1 28  ? 8.244   11.814  -14.424 1.00 30.86 ? 27   SER A OG  1 
ATOM   178  N N   . ASP A 1 29  ? 6.513   8.179   -12.061 1.00 17.65 ? 28   ASP A N   1 
ATOM   179  C CA  . ASP A 1 29  ? 6.691   7.067   -11.158 1.00 15.69 ? 28   ASP A CA  1 
ATOM   180  C C   . ASP A 1 29  ? 5.396   6.242   -11.140 1.00 14.64 ? 28   ASP A C   1 
ATOM   181  O O   . ASP A 1 29  ? 5.195   5.315   -11.948 1.00 17.16 ? 28   ASP A O   1 
ATOM   182  C CB  . ASP A 1 29  ? 7.205   7.595   -9.785  1.00 15.74 ? 28   ASP A CB  1 
ATOM   183  C CG  . ASP A 1 29  ? 6.499   8.846   -9.294  1.00 19.93 ? 28   ASP A CG  1 
ATOM   184  O OD1 . ASP A 1 29  ? 5.348   8.836   -8.914  1.00 16.82 ? 28   ASP A OD1 1 
ATOM   185  O OD2 . ASP A 1 29  ? 7.142   9.907   -9.259  1.00 25.61 ? 28   ASP A OD2 1 
ATOM   186  N N   . VAL A 1 30  ? 4.521   6.485   -10.156 1.00 15.06 ? 29   VAL A N   1 
ATOM   187  C CA  . VAL A 1 30  ? 3.296   5.704   -9.982  1.00 14.03 ? 29   VAL A CA  1 
ATOM   188  C C   . VAL A 1 30  ? 2.544   5.640   -11.257 1.00 14.73 ? 29   VAL A C   1 
ATOM   189  O O   . VAL A 1 30  ? 2.082   4.531   -11.680 1.00 16.06 ? 29   VAL A O   1 
ATOM   190  C CB  . VAL A 1 30  ? 2.436   6.288   -8.827  1.00 14.65 ? 29   VAL A CB  1 
ATOM   191  C CG1 . VAL A 1 30  ? 1.049   5.633   -8.814  1.00 15.18 ? 29   VAL A CG1 1 
ATOM   192  C CG2 . VAL A 1 30  ? 3.117   6.193   -7.464  1.00 15.38 ? 29   VAL A CG2 1 
ATOM   193  N N   . GLY A 1 31  ? 2.384   6.765   -11.935 1.00 14.74 ? 30   GLY A N   1 
ATOM   194  C CA  . GLY A 1 31  ? 1.609   6.740   -13.217 1.00 15.30 ? 30   GLY A CA  1 
ATOM   195  C C   . GLY A 1 31  ? 2.347   6.231   -14.421 1.00 15.05 ? 30   GLY A C   1 
ATOM   196  O O   . GLY A 1 31  ? 1.705   5.905   -15.407 1.00 19.44 ? 30   GLY A O   1 
ATOM   197  N N   . GLY A 1 32  ? 3.637   6.103   -14.355 1.00 14.50 ? 31   GLY A N   1 
ATOM   198  C CA  . GLY A 1 32  ? 4.443   5.737   -15.511 1.00 15.94 ? 31   GLY A CA  1 
ATOM   199  C C   . GLY A 1 32  ? 4.793   4.270   -15.631 1.00 16.70 ? 31   GLY A C   1 
ATOM   200  O O   . GLY A 1 32  ? 5.248   3.853   -16.681 1.00 17.45 ? 31   GLY A O   1 
ATOM   201  N N   . TYR A 1 33  ? 4.585   3.465   -14.573 1.00 14.92 ? 32   TYR A N   1 
ATOM   202  C CA  . TYR A 1 33  ? 4.975   2.071   -14.511 1.00 16.33 ? 32   TYR A CA  1 
ATOM   203  C C   . TYR A 1 33  ? 3.975   1.242   -13.695 1.00 16.34 ? 32   TYR A C   1 
ATOM   204  O O   . TYR A 1 33  ? 3.199   1.806   -12.919 1.00 17.48 ? 32   TYR A O   1 
ATOM   205  C CB  . TYR A 1 33  ? 6.343   1.889   -13.830 1.00 16.86 ? 32   TYR A CB  1 
ATOM   206  C CG  . TYR A 1 33  ? 7.449   2.754   -14.441 1.00 16.48 ? 32   TYR A CG  1 
ATOM   207  C CD1 . TYR A 1 33  ? 8.157   2.302   -15.519 1.00 19.39 ? 32   TYR A CD1 1 
ATOM   208  C CD2 . TYR A 1 33  ? 7.720   4.013   -13.972 1.00 19.41 ? 32   TYR A CD2 1 
ATOM   209  C CE1 . TYR A 1 33  ? 9.077   3.096   -16.139 1.00 20.18 ? 32   TYR A CE1 1 
ATOM   210  C CE2 . TYR A 1 33  ? 8.671   4.792   -14.539 1.00 22.42 ? 32   TYR A CE2 1 
ATOM   211  C CZ  . TYR A 1 33  ? 9.378   4.332   -15.602 1.00 23.52 ? 32   TYR A CZ  1 
ATOM   212  O OH  . TYR A 1 33  ? 10.347  5.152   -16.186 1.00 25.86 ? 32   TYR A OH  1 
ATOM   213  N N   . ASN A 1 34  ? 4.020   -0.070  -13.845 1.00 17.52 ? 33   ASN A N   1 
ATOM   214  C CA  . ASN A 1 34  ? 3.118   -0.952  -13.024 1.00 17.38 ? 33   ASN A CA  1 
ATOM   215  C C   . ASN A 1 34  ? 4.031   -1.638  -11.990 1.00 18.65 ? 33   ASN A C   1 
ATOM   216  O O   . ASN A 1 34  ? 4.084   -2.882  -11.927 1.00 20.95 ? 33   ASN A O   1 
ATOM   217  C CB  . ASN A 1 34  ? 2.359   -1.912  -13.939 1.00 19.68 ? 33   ASN A CB  1 
ATOM   218  C CG  . ASN A 1 34  ? 1.265   -1.187  -14.719 1.00 19.24 ? 33   ASN A CG  1 
ATOM   219  O OD1 . ASN A 1 34  ? 0.647   -0.255  -14.241 1.00 24.97 ? 33   ASN A OD1 1 
ATOM   220  N ND2 . ASN A 1 34  ? 1.115   -1.572  -15.975 1.00 26.58 ? 33   ASN A ND2 1 
ATOM   221  N N   . TYR A 1 35  ? 4.785   -0.836  -11.250 1.00 16.33 ? 34   TYR A N   1 
ATOM   222  C CA  A TYR A 1 35  ? 5.774   -1.362  -10.290 0.50 18.14 ? 34   TYR A CA  1 
ATOM   223  C CA  B TYR A 1 35  ? 5.827   -1.290  -10.345 0.50 17.50 ? 34   TYR A CA  1 
ATOM   224  C C   . TYR A 1 35  ? 5.568   -0.664  -8.970  1.00 16.33 ? 34   TYR A C   1 
ATOM   225  O O   . TYR A 1 35  ? 6.456   -0.059  -8.387  1.00 15.49 ? 34   TYR A O   1 
ATOM   226  C CB  A TYR A 1 35  ? 7.226   -1.282  -10.792 0.50 19.80 ? 34   TYR A CB  1 
ATOM   227  C CB  B TYR A 1 35  ? 7.214   -0.859  -10.844 0.50 18.55 ? 34   TYR A CB  1 
ATOM   228  C CG  A TYR A 1 35  ? 7.502   -2.345  -11.845 0.50 21.56 ? 34   TYR A CG  1 
ATOM   229  C CG  B TYR A 1 35  ? 7.698   -1.452  -12.152 0.50 19.04 ? 34   TYR A CG  1 
ATOM   230  C CD1 A TYR A 1 35  ? 7.213   -2.094  -13.168 0.50 22.53 ? 34   TYR A CD1 1 
ATOM   231  C CD1 B TYR A 1 35  ? 7.536   -2.778  -12.430 0.50 20.81 ? 34   TYR A CD1 1 
ATOM   232  C CD2 A TYR A 1 35  ? 7.956   -3.632  -11.489 0.50 21.81 ? 34   TYR A CD2 1 
ATOM   233  C CD2 B TYR A 1 35  ? 8.371   -0.688  -13.047 0.50 20.26 ? 34   TYR A CD2 1 
ATOM   234  C CE1 A TYR A 1 35  ? 7.414   -3.067  -14.149 0.50 23.92 ? 34   TYR A CE1 1 
ATOM   235  C CE1 B TYR A 1 35  ? 8.040   -3.325  -13.622 0.50 21.06 ? 34   TYR A CE1 1 
ATOM   236  C CE2 A TYR A 1 35  ? 8.138   -4.634  -12.461 0.50 24.95 ? 34   TYR A CE2 1 
ATOM   237  C CE2 B TYR A 1 35  ? 8.856   -1.214  -14.230 0.50 20.36 ? 34   TYR A CE2 1 
ATOM   238  C CZ  A TYR A 1 35  ? 7.879   -4.339  -13.793 0.50 26.07 ? 34   TYR A CZ  1 
ATOM   239  C CZ  B TYR A 1 35  ? 8.666   -2.509  -14.514 0.50 22.85 ? 34   TYR A CZ  1 
ATOM   240  O OH  A TYR A 1 35  ? 8.097   -5.328  -14.768 0.50 29.48 ? 34   TYR A OH  1 
ATOM   241  O OH  B TYR A 1 35  ? 9.118   -3.065  -15.709 0.50 28.35 ? 34   TYR A OH  1 
ATOM   242  N N   . VAL A 1 36  ? 4.334   -0.749  -8.473  1.00 14.27 ? 35   VAL A N   1 
ATOM   243  C CA  . VAL A 1 36  ? 3.978   -0.279  -7.126  1.00 13.37 ? 35   VAL A CA  1 
ATOM   244  C C   . VAL A 1 36  ? 3.938   -1.477  -6.161  1.00 13.45 ? 35   VAL A C   1 
ATOM   245  O O   . VAL A 1 36  ? 3.290   -2.492  -6.469  1.00 13.94 ? 35   VAL A O   1 
ATOM   246  C CB  . VAL A 1 36  ? 2.598   0.392   -7.088  1.00 15.28 ? 35   VAL A CB  1 
ATOM   247  C CG1 . VAL A 1 36  ? 2.228   0.760   -5.676  1.00 15.83 ? 35   VAL A CG1 1 
ATOM   248  C CG2 . VAL A 1 36  ? 2.596   1.628   -7.952  1.00 15.75 ? 35   VAL A CG2 1 
ATOM   249  N N   . SER A 1 37  ? 4.627   -1.338  -5.036  1.00 12.10 ? 36   SER A N   1 
ATOM   250  C CA  A SER A 1 37  ? 4.662   -2.316  -3.960  0.50 12.03 ? 36   SER A CA  1 
ATOM   251  C CA  B SER A 1 37  ? 4.620   -2.330  -3.968  0.50 13.36 ? 36   SER A CA  1 
ATOM   252  C C   . SER A 1 37  ? 4.070   -1.733  -2.683  1.00 12.41 ? 36   SER A C   1 
ATOM   253  O O   . SER A 1 37  ? 4.075   -0.515  -2.494  1.00 14.01 ? 36   SER A O   1 
ATOM   254  C CB  A SER A 1 37  ? 6.068   -2.787  -3.694  0.50 13.15 ? 36   SER A CB  1 
ATOM   255  C CB  B SER A 1 37  ? 5.982   -2.970  -3.741  0.50 16.16 ? 36   SER A CB  1 
ATOM   256  O OG  A SER A 1 37  ? 6.580   -3.514  -4.788  0.50 12.30 ? 36   SER A OG  1 
ATOM   257  O OG  B SER A 1 37  ? 6.986   -2.009  -3.593  0.50 19.74 ? 36   SER A OG  1 
ATOM   258  N N   . TRP A 1 38  ? 3.588   -2.624  -1.827  1.00 12.30 ? 37   TRP A N   1 
ATOM   259  C CA  . TRP A 1 38  ? 3.043   -2.272  -0.545  1.00 12.20 ? 37   TRP A CA  1 
ATOM   260  C C   . TRP A 1 38  ? 3.637   -3.141  0.536   1.00 13.19 ? 37   TRP A C   1 
ATOM   261  O O   . TRP A 1 38  ? 3.832   -4.352  0.352   1.00 12.84 ? 37   TRP A O   1 
ATOM   262  C CB  . TRP A 1 38  ? 1.520   -2.426  -0.527  1.00 11.66 ? 37   TRP A CB  1 
ATOM   263  C CG  . TRP A 1 38  ? 0.815   -1.464  -1.378  1.00 11.56 ? 37   TRP A CG  1 
ATOM   264  C CD1 . TRP A 1 38  ? 0.402   -1.616  -2.663  1.00 12.11 ? 37   TRP A CD1 1 
ATOM   265  C CD2 . TRP A 1 38  ? 0.360   -0.167  -0.942  1.00 11.58 ? 37   TRP A CD2 1 
ATOM   266  N NE1 . TRP A 1 38  ? -0.228  -0.463  -3.083  1.00 12.87 ? 37   TRP A NE1 1 
ATOM   267  C CE2 . TRP A 1 38  ? -0.228  0.439   -2.034  1.00 11.41 ? 37   TRP A CE2 1 
ATOM   268  C CE3 . TRP A 1 38  ? 0.438   0.524   0.243   1.00 11.79 ? 37   TRP A CE3 1 
ATOM   269  C CZ2 . TRP A 1 38  ? -0.885  1.691   -1.907  1.00 12.14 ? 37   TRP A CZ2 1 
ATOM   270  C CZ3 . TRP A 1 38  ? -0.191  1.747   0.339   1.00 13.51 ? 37   TRP A CZ3 1 
ATOM   271  C CH2 . TRP A 1 38  ? -0.814  2.313   -0.726  1.00 12.70 ? 37   TRP A CH2 1 
ATOM   272  N N   . TYR A 1 39  ? 3.977   -2.499  1.625   1.00 12.34 ? 38   TYR A N   1 
ATOM   273  C CA  . TYR A 1 39  ? 4.585   -3.121  2.823   1.00 13.71 ? 38   TYR A CA  1 
ATOM   274  C C   . TYR A 1 39  ? 3.747   -2.869  4.059   1.00 13.03 ? 38   TYR A C   1 
ATOM   275  O O   . TYR A 1 39  ? 3.223   -1.752  4.215   1.00 13.90 ? 38   TYR A O   1 
ATOM   276  C CB  . TYR A 1 39  ? 6.015   -2.595  3.028   1.00 14.39 ? 38   TYR A CB  1 
ATOM   277  C CG  . TYR A 1 39  ? 6.839   -2.724  1.790   1.00 14.70 ? 38   TYR A CG  1 
ATOM   278  C CD1 . TYR A 1 39  ? 7.507   -3.861  1.527   1.00 17.45 ? 38   TYR A CD1 1 
ATOM   279  C CD2 . TYR A 1 39  ? 6.889   -1.684  0.866   1.00 16.35 ? 38   TYR A CD2 1 
ATOM   280  C CE1 . TYR A 1 39  ? 8.246   -3.998  0.354   1.00 21.64 ? 38   TYR A CE1 1 
ATOM   281  C CE2 . TYR A 1 39  ? 7.598   -1.816  -0.342  1.00 17.84 ? 38   TYR A CE2 1 
ATOM   282  C CZ  . TYR A 1 39  ? 8.253   -2.991  -0.544  1.00 21.28 ? 38   TYR A CZ  1 
ATOM   283  O OH  . TYR A 1 39  ? 8.961   -3.130  -1.765  1.00 29.18 ? 38   TYR A OH  1 
ATOM   284  N N   . GLN A 1 40  ? 3.638   -3.867  4.919   1.00 12.17 ? 39   GLN A N   1 
ATOM   285  C CA  . GLN A 1 40  ? 2.956   -3.808  6.196   1.00 11.94 ? 39   GLN A CA  1 
ATOM   286  C C   . GLN A 1 40  ? 3.959   -3.909  7.306   1.00 13.88 ? 39   GLN A C   1 
ATOM   287  O O   . GLN A 1 40  ? 4.729   -4.863  7.300   1.00 15.20 ? 39   GLN A O   1 
ATOM   288  C CB  . GLN A 1 40  ? 1.924   -4.953  6.323   1.00 12.63 ? 39   GLN A CB  1 
ATOM   289  C CG  . GLN A 1 40  ? 1.167   -4.954  7.614   1.00 14.50 ? 39   GLN A CG  1 
ATOM   290  C CD  . GLN A 1 40  ? 0.472   -6.273  7.815   1.00 17.13 ? 39   GLN A CD  1 
ATOM   291  O OE1 . GLN A 1 40  ? 1.133   -7.298  7.944   1.00 17.96 ? 39   GLN A OE1 1 
ATOM   292  N NE2 . GLN A 1 40  ? -0.832  -6.287  7.765   1.00 15.39 ? 39   GLN A NE2 1 
ATOM   293  N N   . GLN A 1 41  ? 3.987   -2.961  8.237   1.00 12.47 ? 40   GLN A N   1 
ATOM   294  C CA  . GLN A 1 41  ? 4.940   -2.996  9.347   1.00 13.62 ? 40   GLN A CA  1 
ATOM   295  C C   . GLN A 1 41  ? 4.241   -2.819  10.694  1.00 15.07 ? 40   GLN A C   1 
ATOM   296  O O   . GLN A 1 41  ? 3.726   -1.776  10.995  1.00 15.80 ? 40   GLN A O   1 
ATOM   297  C CB  . GLN A 1 41  ? 6.006   -1.999  9.103   1.00 13.99 ? 40   GLN A CB  1 
ATOM   298  C CG  . GLN A 1 41  ? 7.102   -2.122  10.179  1.00 17.91 ? 40   GLN A CG  1 
ATOM   299  C CD  . GLN A 1 41  ? 8.291   -1.265  9.858   1.00 22.22 ? 40   GLN A CD  1 
ATOM   300  O OE1 . GLN A 1 41  ? 8.137   -0.108  9.540   1.00 25.08 ? 40   GLN A OE1 1 
ATOM   301  N NE2 . GLN A 1 41  ? 9.487   -1.835  9.965   1.00 20.54 ? 40   GLN A NE2 1 
ATOM   302  N N   . HIS A 1 42  ? 4.229   -3.881  11.497  1.00 14.66 ? 41   HIS A N   1 
ATOM   303  C CA  . HIS A 1 42  ? 3.744   -3.825  12.902  1.00 16.47 ? 41   HIS A CA  1 
ATOM   304  C C   . HIS A 1 42  ? 4.788   -3.156  13.728  1.00 19.42 ? 41   HIS A C   1 
ATOM   305  O O   . HIS A 1 42  ? 6.004   -3.245  13.420  1.00 19.23 ? 41   HIS A O   1 
ATOM   306  C CB  . HIS A 1 42  ? 3.422   -5.174  13.453  1.00 16.46 ? 41   HIS A CB  1 
ATOM   307  C CG  . HIS A 1 42  ? 2.278   -5.843  12.805  1.00 16.87 ? 41   HIS A CG  1 
ATOM   308  N ND1 . HIS A 1 42  ? 0.983   -5.428  13.009  1.00 20.54 ? 41   HIS A ND1 1 
ATOM   309  C CD2 . HIS A 1 42  ? 2.209   -6.934  12.022  1.00 19.77 ? 41   HIS A CD2 1 
ATOM   310  C CE1 . HIS A 1 42  ? 0.177   -6.188  12.302  1.00 19.49 ? 41   HIS A CE1 1 
ATOM   311  N NE2 . HIS A 1 42  ? 0.892   -7.105  11.685  1.00 24.17 ? 41   HIS A NE2 1 
ATOM   312  N N   . ALA A 1 43  ? 4.349   -2.552  14.826  1.00 24.34 ? 42   ALA A N   1 
ATOM   313  C CA  . ALA A 1 43  ? 5.237   -1.703  15.602  1.00 25.18 ? 42   ALA A CA  1 
ATOM   314  C C   . ALA A 1 43  ? 6.417   -2.543  16.148  1.00 24.91 ? 42   ALA A C   1 
ATOM   315  O O   . ALA A 1 43  ? 6.195   -3.634  16.709  1.00 24.88 ? 42   ALA A O   1 
ATOM   316  C CB  . ALA A 1 43  ? 4.446   -1.115  16.740  1.00 26.27 ? 42   ALA A CB  1 
ATOM   317  N N   . GLY A 1 44  ? 7.653   -2.074  15.871  1.00 27.57 ? 43   GLY A N   1 
ATOM   318  C CA  . GLY A 1 44  ? 8.889   -2.754  16.172  1.00 27.69 ? 43   GLY A CA  1 
ATOM   319  C C   . GLY A 1 44  ? 9.230   -4.049  15.478  1.00 26.24 ? 43   GLY A C   1 
ATOM   320  O O   . GLY A 1 44  ? 10.097  -4.816  15.942  1.00 26.62 ? 43   GLY A O   1 
ATOM   321  N N   . LYS A 1 45  ? 8.594   -4.315  14.354  1.00 19.64 ? 44   LYS A N   1 
ATOM   322  C CA  . LYS A 1 45  ? 8.807   -5.546  13.635  1.00 19.71 ? 44   LYS A CA  1 
ATOM   323  C C   . LYS A 1 45  ? 9.299   -5.156  12.264  1.00 16.90 ? 44   LYS A C   1 
ATOM   324  O O   . LYS A 1 45  ? 9.189   -3.997  11.874  1.00 17.71 ? 44   LYS A O   1 
ATOM   325  C CB  . LYS A 1 45  ? 7.517   -6.384  13.490  1.00 22.14 ? 44   LYS A CB  1 
ATOM   326  C CG  . LYS A 1 45  ? 6.913   -6.868  14.820  1.00 29.71 ? 44   LYS A CG  1 
ATOM   327  C CD  . LYS A 1 45  ? 7.961   -7.677  15.609  1.00 36.35 ? 44   LYS A CD  1 
ATOM   328  C CE  . LYS A 1 45  ? 7.442   -8.437  16.837  1.00 47.00 ? 44   LYS A CE  1 
ATOM   329  N NZ  . LYS A 1 45  ? 6.241   -7.795  17.448  1.00 53.36 ? 44   LYS A NZ  1 
ATOM   330  N N   . ALA A 1 46  ? 9.836   -6.121  11.562  1.00 17.22 ? 45   ALA A N   1 
ATOM   331  C CA  . ALA A 1 46  ? 10.334  -5.946  10.228  1.00 15.62 ? 45   ALA A CA  1 
ATOM   332  C C   . ALA A 1 46  ? 9.130   -5.804  9.246   1.00 17.46 ? 45   ALA A C   1 
ATOM   333  O O   . ALA A 1 46  ? 8.041   -6.310  9.536   1.00 17.91 ? 45   ALA A O   1 
ATOM   334  C CB  . ALA A 1 46  ? 11.111  -7.206  9.782   1.00 17.67 ? 45   ALA A CB  1 
ATOM   335  N N   . PRO A 1 47  ? 9.336   -5.174  8.082   1.00 15.31 ? 46   PRO A N   1 
ATOM   336  C CA  . PRO A 1 47  ? 8.236   -4.985  7.114   1.00 14.83 ? 46   PRO A CA  1 
ATOM   337  C C   . PRO A 1 47  ? 7.971   -6.241  6.356   1.00 16.72 ? 46   PRO A C   1 
ATOM   338  O O   . PRO A 1 47  ? 8.907   -6.935  6.049   1.00 17.94 ? 46   PRO A O   1 
ATOM   339  C CB  . PRO A 1 47  ? 8.720   -3.874  6.213   1.00 16.86 ? 46   PRO A CB  1 
ATOM   340  C CG  . PRO A 1 47  ? 10.192  -3.769  6.386   1.00 18.90 ? 46   PRO A CG  1 
ATOM   341  C CD  . PRO A 1 47  ? 10.594  -4.499  7.647   1.00 16.72 ? 46   PRO A CD  1 
ATOM   342  N N   . LYS A 1 48  ? 6.719   -6.518  6.078   1.00 12.70 ? 47   LYS A N   1 
ATOM   343  C CA  . LYS A 1 48  ? 6.213   -7.607  5.263   1.00 14.94 ? 47   LYS A CA  1 
ATOM   344  C C   . LYS A 1 48  ? 5.824   -7.099  3.891   1.00 14.35 ? 47   LYS A C   1 
ATOM   345  O O   . LYS A 1 48  ? 5.193   -6.053  3.775   1.00 13.68 ? 47   LYS A O   1 
ATOM   346  C CB  . LYS A 1 48  ? 5.029   -8.277  5.912   1.00 19.14 ? 47   LYS A CB  1 
ATOM   347  C CG  . LYS A 1 48  ? 5.510   -9.133  7.093   1.00 23.70 ? 47   LYS A CG  1 
ATOM   348  C CD  . LYS A 1 48  ? 4.530   -10.213 7.508   1.00 31.42 ? 47   LYS A CD  1 
ATOM   349  C CE  . LYS A 1 48  ? 5.109   -11.636 7.693   1.00 35.54 ? 47   LYS A CE  1 
ATOM   350  N NZ  . LYS A 1 48  ? 5.329   -12.052 9.086   1.00 49.98 ? 47   LYS A NZ  1 
ATOM   351  N N   . VAL A 1 49  ? 6.219   -7.818  2.876   1.00 13.78 ? 48   VAL A N   1 
ATOM   352  C CA  . VAL A 1 49  ? 5.841   -7.514  1.504   1.00 14.06 ? 48   VAL A CA  1 
ATOM   353  C C   . VAL A 1 49  ? 4.428   -8.080  1.317   1.00 16.12 ? 48   VAL A C   1 
ATOM   354  O O   . VAL A 1 49  ? 4.190   -9.279  1.391   1.00 16.03 ? 48   VAL A O   1 
ATOM   355  C CB  . VAL A 1 49  ? 6.768   -8.193  0.420   1.00 15.83 ? 48   VAL A CB  1 
ATOM   356  C CG1 . VAL A 1 49  ? 6.411   -7.696  -0.981  1.00 17.72 ? 48   VAL A CG1 1 
ATOM   357  C CG2 . VAL A 1 49  ? 8.183   -7.977  0.775   1.00 16.73 ? 48   VAL A CG2 1 
ATOM   358  N N   . ILE A 1 50  ? 3.462   -7.176  1.064   1.00 13.90 ? 49   ILE A N   1 
ATOM   359  C CA  . ILE A 1 50  ? 2.082   -7.527  0.844   1.00 15.04 ? 49   ILE A CA  1 
ATOM   360  C C   . ILE A 1 50  ? 1.659   -7.578  -0.625  1.00 14.29 ? 49   ILE A C   1 
ATOM   361  O O   . ILE A 1 50  ? 0.880   -8.444  -1.024  1.00 13.62 ? 49   ILE A O   1 
ATOM   362  C CB  . ILE A 1 50  ? 1.175   -6.378  1.532   1.00 18.48 ? 49   ILE A CB  1 
ATOM   363  C CG1 . ILE A 1 50  ? 1.382   -6.346  3.032   1.00 25.11 ? 49   ILE A CG1 1 
ATOM   364  C CG2 . ILE A 1 50  ? -0.347  -6.534  1.181   1.00 24.15 ? 49   ILE A CG2 1 
ATOM   365  C CD1 . ILE A 1 50  ? 1.216   -7.688  3.646   1.00 22.77 ? 49   ILE A CD1 1 
ATOM   366  N N   . ILE A 1 51  ? 2.124   -6.637  -1.453  1.00 12.61 ? 50   ILE A N   1 
ATOM   367  C CA  . ILE A 1 51  ? 1.772   -6.499  -2.842  1.00 13.01 ? 50   ILE A CA  1 
ATOM   368  C C   . ILE A 1 51  ? 3.017   -6.045  -3.560  1.00 12.41 ? 50   ILE A C   1 
ATOM   369  O O   . ILE A 1 51  ? 3.784   -5.209  -3.059  1.00 13.37 ? 50   ILE A O   1 
ATOM   370  C CB  . ILE A 1 51  ? 0.707   -5.397  -3.058  1.00 15.52 ? 50   ILE A CB  1 
ATOM   371  C CG1 . ILE A 1 51  ? -0.563  -5.727  -2.349  1.00 20.04 ? 50   ILE A CG1 1 
ATOM   372  C CG2 . ILE A 1 51  ? 0.503   -5.032  -4.524  1.00 15.43 ? 50   ILE A CG2 1 
ATOM   373  C CD1 . ILE A 1 51  ? -1.412  -6.720  -3.015  1.00 19.60 ? 50   ILE A CD1 1 
ATOM   374  N N   . TYR A 1 52  ? 3.190   -6.527  -4.781  1.00 12.73 ? 51   TYR A N   1 
ATOM   375  C CA  . TYR A 1 52  ? 4.152   -6.010  -5.740  1.00 12.56 ? 51   TYR A CA  1 
ATOM   376  C C   . TYR A 1 52  ? 3.478   -5.944  -7.120  1.00 11.67 ? 51   TYR A C   1 
ATOM   377  O O   . TYR A 1 52  ? 2.426   -6.553  -7.386  1.00 14.19 ? 51   TYR A O   1 
ATOM   378  C CB  . TYR A 1 52  ? 5.462   -6.842  -5.736  1.00 13.39 ? 51   TYR A CB  1 
ATOM   379  C CG  . TYR A 1 52  ? 5.287   -8.261  -6.254  1.00 15.46 ? 51   TYR A CG  1 
ATOM   380  C CD1 . TYR A 1 52  ? 4.851   -9.274  -5.406  1.00 16.20 ? 51   TYR A CD1 1 
ATOM   381  C CD2 . TYR A 1 52  ? 5.558   -8.593  -7.603  1.00 17.59 ? 51   TYR A CD2 1 
ATOM   382  C CE1 . TYR A 1 52  ? 4.697   -10.565 -5.866  1.00 17.97 ? 51   TYR A CE1 1 
ATOM   383  C CE2 . TYR A 1 52  ? 5.393   -9.917  -8.062  1.00 17.44 ? 51   TYR A CE2 1 
ATOM   384  C CZ  . TYR A 1 52  ? 4.990   -10.849 -7.194  1.00 18.99 ? 51   TYR A CZ  1 
ATOM   385  O OH  . TYR A 1 52  ? 4.785   -12.160 -7.650  1.00 23.49 ? 51   TYR A OH  1 
ATOM   386  N N   . GLU A 1 53  ? 4.052   -5.107  -7.993  1.00 14.02 ? 52   GLU A N   1 
ATOM   387  C CA  . GLU A 1 53  ? 3.552   -4.916  -9.368  1.00 14.75 ? 52   GLU A CA  1 
ATOM   388  C C   . GLU A 1 53  ? 2.059   -4.631  -9.327  1.00 15.86 ? 52   GLU A C   1 
ATOM   389  O O   . GLU A 1 53  ? 1.278   -5.226  -10.108 1.00 16.19 ? 52   GLU A O   1 
ATOM   390  C CB  . GLU A 1 53  ? 3.910   -6.179  -10.216 1.00 16.82 ? 52   GLU A CB  1 
ATOM   391  C CG  . GLU A 1 53  ? 5.377   -6.166  -10.601 1.00 18.91 ? 52   GLU A CG  1 
ATOM   392  C CD  . GLU A 1 53  ? 5.713   -7.439  -11.372 1.00 24.46 ? 52   GLU A CD  1 
ATOM   393  O OE1 . GLU A 1 53  ? 5.065   -7.644  -12.409 1.00 35.63 ? 52   GLU A OE1 1 
ATOM   394  O OE2 . GLU A 1 53  ? 6.576   -8.212  -10.963 1.00 31.19 ? 52   GLU A OE2 1 
ATOM   395  N N   . VAL A 1 54  ? 1.712   -3.678  -8.441  1.00 13.62 ? 53   VAL A N   1 
ATOM   396  C CA  . VAL A 1 54  ? 0.391   -3.089  -8.294  1.00 14.59 ? 53   VAL A CA  1 
ATOM   397  C C   . VAL A 1 54  ? -0.588  -4.022  -7.580  1.00 13.59 ? 53   VAL A C   1 
ATOM   398  O O   . VAL A 1 54  ? -1.341  -3.563  -6.700  1.00 15.07 ? 53   VAL A O   1 
ATOM   399  C CB  . VAL A 1 54  ? -0.227  -2.587  -9.632  1.00 15.81 ? 53   VAL A CB  1 
ATOM   400  C CG1 . VAL A 1 54  ? -1.546  -1.889  -9.343  1.00 17.95 ? 53   VAL A CG1 1 
ATOM   401  C CG2 . VAL A 1 54  ? 0.702   -1.687  -10.373 1.00 16.24 ? 53   VAL A CG2 1 
ATOM   402  N N   . ASN A 1 55  ? -0.710  -5.287  -8.020  1.00 13.79 ? 54   ASN A N   1 
ATOM   403  C CA  . ASN A 1 55  ? -1.691  -6.193  -7.460  1.00 14.33 ? 54   ASN A CA  1 
ATOM   404  C C   . ASN A 1 55  ? -1.288  -7.648  -7.559  1.00 18.49 ? 54   ASN A C   1 
ATOM   405  O O   . ASN A 1 55  ? -2.103  -8.479  -7.875  1.00 19.71 ? 54   ASN A O   1 
ATOM   406  C CB  . ASN A 1 55  ? -3.089  -6.063  -8.097  1.00 16.16 ? 54   ASN A CB  1 
ATOM   407  C CG  . ASN A 1 55  ? -4.161  -6.784  -7.295  1.00 20.20 ? 54   ASN A CG  1 
ATOM   408  O OD1 . ASN A 1 55  ? -4.054  -7.061  -6.045  1.00 19.80 ? 54   ASN A OD1 1 
ATOM   409  N ND2 . ASN A 1 55  ? -5.268  -7.046  -7.978  1.00 22.85 ? 54   ASN A ND2 1 
ATOM   410  N N   . LYS A 1 56  ? 0.003   -7.938  -7.369  1.00 14.21 ? 55   LYS A N   1 
ATOM   411  C CA  . LYS A 1 56  ? 0.427   -9.282  -7.177  1.00 14.23 ? 55   LYS A CA  1 
ATOM   412  C C   . LYS A 1 56  ? 0.748   -9.553  -5.762  1.00 14.87 ? 55   LYS A C   1 
ATOM   413  O O   . LYS A 1 56  ? 1.360   -8.717  -5.142  1.00 15.87 ? 55   LYS A O   1 
ATOM   414  C CB  . LYS A 1 56  ? 1.648   -9.630  -8.073  1.00 16.29 ? 55   LYS A CB  1 
ATOM   415  C CG  . LYS A 1 56  ? 1.410   -9.400  -9.543  1.00 19.28 ? 55   LYS A CG  1 
ATOM   416  C CD  . LYS A 1 56  ? 2.538   -9.927  -10.425 1.00 22.65 ? 55   LYS A CD  1 
ATOM   417  C CE  . LYS A 1 56  ? 2.250   -9.698  -11.876 1.00 27.78 ? 55   LYS A CE  1 
ATOM   418  N NZ  . LYS A 1 56  ? 3.363   -10.331 -12.632 1.00 32.52 ? 55   LYS A NZ  1 
ATOM   419  N N   . ARG A 1 57  ? 0.374   -10.717 -5.237  1.00 15.48 ? 56   ARG A N   1 
ATOM   420  C CA  . ARG A 1 57  ? 0.668   -11.073 -3.852  1.00 16.49 ? 56   ARG A CA  1 
ATOM   421  C C   . ARG A 1 57  ? 1.696   -12.145 -3.752  1.00 16.82 ? 56   ARG A C   1 
ATOM   422  O O   . ARG A 1 57  ? 1.613   -13.180 -4.416  1.00 18.01 ? 56   ARG A O   1 
ATOM   423  C CB  . ARG A 1 57  ? -0.578  -11.610 -3.212  1.00 16.15 ? 56   ARG A CB  1 
ATOM   424  C CG  . ARG A 1 57  ? -1.631  -10.573 -2.854  1.00 17.82 ? 56   ARG A CG  1 
ATOM   425  C CD  . ARG A 1 57  ? -2.847  -11.234 -2.286  1.00 19.62 ? 56   ARG A CD  1 
ATOM   426  N NE  . ARG A 1 57  ? -3.579  -11.940 -3.310  1.00 19.43 ? 56   ARG A NE  1 
ATOM   427  C CZ  . ARG A 1 57  ? -4.171  -13.097 -3.188  1.00 19.07 ? 56   ARG A CZ  1 
ATOM   428  N NH1 . ARG A 1 57  ? -4.111  -13.758 -2.086  1.00 22.27 ? 56   ARG A NH1 1 
ATOM   429  N NH2 . ARG A 1 57  ? -4.835  -13.675 -4.216  1.00 21.38 ? 56   ARG A NH2 1 
ATOM   430  N N   . PRO A 1 58  ? 2.692   -11.918 -2.879  1.00 15.27 ? 57   PRO A N   1 
ATOM   431  C CA  . PRO A 1 58  ? 3.482   -13.050 -2.404  1.00 16.53 ? 57   PRO A CA  1 
ATOM   432  C C   . PRO A 1 58  ? 2.643   -14.099 -1.792  1.00 16.72 ? 57   PRO A C   1 
ATOM   433  O O   . PRO A 1 58  ? 1.519   -13.834 -1.325  1.00 17.48 ? 57   PRO A O   1 
ATOM   434  C CB  . PRO A 1 58  ? 4.401   -12.373 -1.343  1.00 16.64 ? 57   PRO A CB  1 
ATOM   435  C CG  . PRO A 1 58  ? 4.406   -10.960 -1.620  1.00 19.14 ? 57   PRO A CG  1 
ATOM   436  C CD  . PRO A 1 58  ? 3.033   -10.657 -2.151  1.00 15.44 ? 57   PRO A CD  1 
ATOM   437  N N   . SER A 1 59  ? 3.192   -15.331 -1.730  1.00 18.69 ? 58   SER A N   1 
ATOM   438  C CA  . SER A 1 59  ? 2.554   -16.365 -0.938  1.00 21.30 ? 58   SER A CA  1 
ATOM   439  C C   . SER A 1 59  ? 2.409   -15.953 0.504   1.00 18.55 ? 58   SER A C   1 
ATOM   440  O O   . SER A 1 59  ? 3.285   -15.164 1.048   1.00 21.52 ? 58   SER A O   1 
ATOM   441  C CB  . SER A 1 59  ? 3.313   -17.710 -1.095  1.00 24.32 ? 58   SER A CB  1 
ATOM   442  O OG  . SER A 1 59  ? 4.612   -17.574 -0.514  1.00 29.18 ? 58   SER A OG  1 
ATOM   443  N N   . GLY A 1 60  ? 1.334   -16.379 1.144   1.00 19.78 ? 59   GLY A N   1 
ATOM   444  C CA  . GLY A 1 60  ? 0.991   -16.078 2.468   1.00 18.70 ? 59   GLY A CA  1 
ATOM   445  C C   . GLY A 1 60  ? 0.232   -14.791 2.754   1.00 17.26 ? 59   GLY A C   1 
ATOM   446  O O   . GLY A 1 60  ? -0.101  -14.461 3.878   1.00 22.34 ? 59   GLY A O   1 
ATOM   447  N N   . VAL A 1 61  ? -0.011  -14.020 1.692   1.00 17.42 ? 60   VAL A N   1 
ATOM   448  C CA  . VAL A 1 61  ? -0.834  -12.823 1.854   1.00 16.18 ? 60   VAL A CA  1 
ATOM   449  C C   . VAL A 1 61  ? -2.313  -13.203 1.489   1.00 16.29 ? 60   VAL A C   1 
ATOM   450  O O   . VAL A 1 61  ? -2.480  -13.642 0.376   1.00 17.30 ? 60   VAL A O   1 
ATOM   451  C CB  . VAL A 1 61  ? -0.372  -11.710 0.931   1.00 15.94 ? 60   VAL A CB  1 
ATOM   452  C CG1 . VAL A 1 61  ? -1.264  -10.463 1.010   1.00 15.47 ? 60   VAL A CG1 1 
ATOM   453  C CG2 . VAL A 1 61  ? 1.053   -11.316 1.227   1.00 15.68 ? 60   VAL A CG2 1 
ATOM   454  N N   . PRO A 1 62  ? -3.260  -12.959 2.393   1.00 18.14 ? 61   PRO A N   1 
ATOM   455  C CA  . PRO A 1 62  ? -4.638  -13.313 2.190   1.00 18.51 ? 61   PRO A CA  1 
ATOM   456  C C   . PRO A 1 62  ? -5.280  -12.598 1.029   1.00 18.92 ? 61   PRO A C   1 
ATOM   457  O O   . PRO A 1 62  ? -4.883  -11.496 0.659   1.00 15.48 ? 61   PRO A O   1 
ATOM   458  C CB  . PRO A 1 62  ? -5.280  -12.878 3.489   1.00 18.61 ? 61   PRO A CB  1 
ATOM   459  C CG  . PRO A 1 62  ? -4.229  -12.879 4.472   1.00 21.40 ? 61   PRO A CG  1 
ATOM   460  C CD  . PRO A 1 62  ? -3.042  -12.453 3.750   1.00 18.30 ? 61   PRO A CD  1 
ATOM   461  N N   . ASP A 1 63  ? -6.297  -13.263 0.472   1.00 17.11 ? 62   ASP A N   1 
ATOM   462  C CA  . ASP A 1 63  ? -7.087  -12.718 -0.616  1.00 18.29 ? 62   ASP A CA  1 
ATOM   463  C C   . ASP A 1 63  ? -7.770  -11.425 -0.337  1.00 16.96 ? 62   ASP A C   1 
ATOM   464  O O   . ASP A 1 63  ? -8.171  -10.753 -1.317  1.00 17.81 ? 62   ASP A O   1 
ATOM   465  C CB  . ASP A 1 63  ? -8.191  -13.707 -0.983  1.00 19.28 ? 62   ASP A CB  1 
ATOM   466  C CG  . ASP A 1 63  ? -7.692  -14.953 -1.741  1.00 25.75 ? 62   ASP A CG  1 
ATOM   467  O OD1 . ASP A 1 63  ? -6.498  -15.108 -2.188  1.00 30.14 ? 62   ASP A OD1 1 
ATOM   468  O OD2 . ASP A 1 63  ? -8.519  -15.833 -1.839  1.00 28.44 ? 62   ASP A OD2 1 
ATOM   469  N N   . ARG A 1 64  ? -7.938  -11.067 0.907   1.00 16.53 ? 63   ARG A N   1 
ATOM   470  C CA  . ARG A 1 64  ? -8.519  -9.817  1.276   1.00 16.09 ? 63   ARG A CA  1 
ATOM   471  C C   . ARG A 1 64  ? -7.667  -8.597  1.121   1.00 13.93 ? 63   ARG A C   1 
ATOM   472  O O   . ARG A 1 64  ? -8.185  -7.484  1.249   1.00 15.67 ? 63   ARG A O   1 
ATOM   473  C CB  . ARG A 1 64  ? -9.125  -9.881  2.670   1.00 21.79 ? 63   ARG A CB  1 
ATOM   474  C CG  . ARG A 1 64  ? -8.242  -10.135 3.753   1.00 21.81 ? 63   ARG A CG  1 
ATOM   475  C CD  . ARG A 1 64  ? -9.055  -10.740 4.970   1.00 23.53 ? 63   ARG A CD  1 
ATOM   476  N NE  . ARG A 1 64  ? -8.038  -10.915 5.968   1.00 21.32 ? 63   ARG A NE  1 
ATOM   477  C CZ  . ARG A 1 64  ? -7.436  -9.913  6.592   1.00 17.67 ? 63   ARG A CZ  1 
ATOM   478  N NH1 . ARG A 1 64  ? -7.865  -8.725  6.392   1.00 19.71 ? 63   ARG A NH1 1 
ATOM   479  N NH2 . ARG A 1 64  ? -6.450  -10.115 7.423   1.00 21.17 ? 63   ARG A NH2 1 
ATOM   480  N N   . PHE A 1 65  ? -6.402  -8.755  0.726   1.00 13.83 ? 64   PHE A N   1 
ATOM   481  C CA  . PHE A 1 65  ? -5.547  -7.605  0.388   1.00 14.48 ? 64   PHE A CA  1 
ATOM   482  C C   . PHE A 1 65  ? -5.488  -7.501  -1.131  1.00 14.49 ? 64   PHE A C   1 
ATOM   483  O O   . PHE A 1 65  ? -5.213  -8.486  -1.804  1.00 14.36 ? 64   PHE A O   1 
ATOM   484  C CB  . PHE A 1 65  ? -4.125  -7.877  0.920   1.00 15.27 ? 64   PHE A CB  1 
ATOM   485  C CG  . PHE A 1 65  ? -3.976  -7.799  2.399   1.00 15.17 ? 64   PHE A CG  1 
ATOM   486  C CD1 . PHE A 1 65  ? -4.236  -8.923  3.167   1.00 20.31 ? 64   PHE A CD1 1 
ATOM   487  C CD2 . PHE A 1 65  ? -3.558  -6.613  3.023   1.00 19.05 ? 64   PHE A CD2 1 
ATOM   488  C CE1 . PHE A 1 65  ? -4.095  -8.860  4.530   1.00 19.50 ? 64   PHE A CE1 1 
ATOM   489  C CE2 . PHE A 1 65  ? -3.434  -6.546  4.382   1.00 20.01 ? 64   PHE A CE2 1 
ATOM   490  C CZ  . PHE A 1 65  ? -3.701  -7.653  5.135   1.00 18.82 ? 64   PHE A CZ  1 
ATOM   491  N N   . SER A 1 66  ? -5.758  -6.336  -1.655  1.00 14.65 ? 65   SER A N   1 
ATOM   492  C CA  . SER A 1 66  ? -5.726  -6.176  -3.116  1.00 15.60 ? 65   SER A CA  1 
ATOM   493  C C   . SER A 1 66  ? -5.230  -4.824  -3.452  1.00 14.85 ? 65   SER A C   1 
ATOM   494  O O   . SER A 1 66  ? -5.296  -3.943  -2.634  1.00 16.15 ? 65   SER A O   1 
ATOM   495  C CB  . SER A 1 66  ? -7.093  -6.437  -3.717  1.00 16.16 ? 65   SER A CB  1 
ATOM   496  O OG  . SER A 1 66  ? -7.947  -5.509  -3.313  1.00 16.91 ? 65   SER A OG  1 
ATOM   497  N N   . GLY A 1 67  ? -4.782  -4.676  -4.661  1.00 14.69 ? 66   GLY A N   1 
ATOM   498  C CA  . GLY A 1 67  ? -4.298  -3.395  -5.200  1.00 16.03 ? 66   GLY A CA  1 
ATOM   499  C C   . GLY A 1 67  ? -5.044  -2.951  -6.446  1.00 17.86 ? 66   GLY A C   1 
ATOM   500  O O   . GLY A 1 67  ? -5.577  -3.778  -7.246  1.00 16.03 ? 66   GLY A O   1 
ATOM   501  N N   . SER A 1 68  ? -5.071  -1.653  -6.672  1.00 15.64 ? 67   SER A N   1 
ATOM   502  C CA  . SER A 1 68  ? -5.565  -1.084  -7.884  1.00 16.82 ? 67   SER A CA  1 
ATOM   503  C C   . SER A 1 68  ? -4.739  0.144   -8.236  1.00 17.54 ? 67   SER A C   1 
ATOM   504  O O   . SER A 1 68  ? -3.891  0.583   -7.410  1.00 15.42 ? 67   SER A O   1 
ATOM   505  C CB  . SER A 1 68  ? -7.029  -0.821  -7.778  1.00 22.87 ? 67   SER A CB  1 
ATOM   506  O OG  . SER A 1 68  ? -7.283  0.252   -6.988  1.00 29.42 ? 67   SER A OG  1 
ATOM   507  N N   . LYS A 1 69  ? -4.895  0.627   -9.483  1.00 15.59 ? 68   LYS A N   1 
ATOM   508  C CA  . LYS A 1 69  ? -4.192  1.858   -9.868  1.00 16.35 ? 68   LYS A CA  1 
ATOM   509  C C   . LYS A 1 69  ? -4.967  2.524   -10.942 1.00 18.31 ? 68   LYS A C   1 
ATOM   510  O O   . LYS A 1 69  ? -5.462  1.816   -11.864 1.00 19.23 ? 68   LYS A O   1 
ATOM   511  C CB  . LYS A 1 69  ? -2.746  1.564   -10.336 1.00 17.86 ? 68   LYS A CB  1 
ATOM   512  C CG  . LYS A 1 69  ? -1.920  2.764   -10.676 1.00 17.60 ? 68   LYS A CG  1 
ATOM   513  C CD  . LYS A 1 69  ? -0.436  2.496   -10.733 1.00 21.35 ? 68   LYS A CD  1 
ATOM   514  C CE  . LYS A 1 69  ? -0.052  1.764   -11.994 1.00 18.99 ? 68   LYS A CE  1 
ATOM   515  N NZ  . LYS A 1 69  ? 0.384   2.720   -13.092 1.00 17.95 ? 68   LYS A NZ  1 
ATOM   516  N N   . SER A 1 70  ? -5.046  3.833   -10.883 1.00 16.93 ? 69   SER A N   1 
ATOM   517  C CA  . SER A 1 70  ? -5.643  4.643   -11.930 1.00 17.68 ? 69   SER A CA  1 
ATOM   518  C C   . SER A 1 70  ? -4.912  5.957   -11.980 1.00 16.39 ? 69   SER A C   1 
ATOM   519  O O   . SER A 1 70  ? -4.708  6.572   -10.971 1.00 16.07 ? 69   SER A O   1 
ATOM   520  C CB  . SER A 1 70  ? -7.066  4.898   -11.574 1.00 20.76 ? 69   SER A CB  1 
ATOM   521  O OG  . SER A 1 70  ? -7.641  5.687   -12.577 1.00 28.12 ? 69   SER A OG  1 
ATOM   522  N N   . GLY A 1 71  ? -4.447  6.347   -13.126 1.00 17.90 ? 70   GLY A N   1 
ATOM   523  C CA  . GLY A 1 71  ? -3.669  7.582   -13.216 1.00 16.69 ? 70   GLY A CA  1 
ATOM   524  C C   . GLY A 1 71  ? -2.427  7.535   -12.324 1.00 15.35 ? 70   GLY A C   1 
ATOM   525  O O   . GLY A 1 71  ? -1.679  6.558   -12.299 1.00 16.92 ? 70   GLY A O   1 
ATOM   526  N N   . ASN A 1 72  ? -2.215  8.616   -11.592 1.00 15.50 ? 71   ASN A N   1 
ATOM   527  C CA  . ASN A 1 72  ? -1.051  8.737   -10.767 1.00 15.28 ? 71   ASN A CA  1 
ATOM   528  C C   . ASN A 1 72  ? -1.275  8.280   -9.338  1.00 14.89 ? 71   ASN A C   1 
ATOM   529  O O   . ASN A 1 72  ? -0.391  8.514   -8.503  1.00 15.78 ? 71   ASN A O   1 
ATOM   530  C CB  . ASN A 1 72  ? -0.573  10.178  -10.788 1.00 16.86 ? 71   ASN A CB  1 
ATOM   531  C CG  . ASN A 1 72  ? -0.013  10.589  -12.105 1.00 17.66 ? 71   ASN A CG  1 
ATOM   532  O OD1 . ASN A 1 72  ? 0.471   9.821   -12.910 1.00 18.47 ? 71   ASN A OD1 1 
ATOM   533  N ND2 . ASN A 1 72  ? -0.129  11.876  -12.351 1.00 20.63 ? 71   ASN A ND2 1 
ATOM   534  N N   . THR A 1 73  ? -2.355  7.557   -9.089  1.00 13.83 ? 72   THR A N   1 
ATOM   535  C CA  . THR A 1 73  ? -2.668  7.071   -7.746  1.00 14.45 ? 72   THR A CA  1 
ATOM   536  C C   . THR A 1 73  ? -2.861  5.596   -7.750  1.00 13.95 ? 72   THR A C   1 
ATOM   537  O O   . THR A 1 73  ? -3.721  5.017   -8.465  1.00 15.15 ? 72   THR A O   1 
ATOM   538  C CB  . THR A 1 73  ? -3.874  7.783   -7.135  1.00 16.47 ? 72   THR A CB  1 
ATOM   539  O OG1 . THR A 1 73  ? -3.561  9.182   -6.997  1.00 18.73 ? 72   THR A OG1 1 
ATOM   540  C CG2 . THR A 1 73  ? -4.239  7.228   -5.777  1.00 16.26 ? 72   THR A CG2 1 
ATOM   541  N N   . ALA A 1 74  ? -2.073  4.942   -6.887  1.00 13.33 ? 73   ALA A N   1 
ATOM   542  C CA  . ALA A 1 74  ? -2.273  3.511   -6.638  1.00 13.74 ? 73   ALA A CA  1 
ATOM   543  C C   . ALA A 1 74  ? -2.934  3.382   -5.279  1.00 14.53 ? 73   ALA A C   1 
ATOM   544  O O   . ALA A 1 74  ? -2.928  4.282   -4.448  1.00 15.54 ? 73   ALA A O   1 
ATOM   545  C CB  . ALA A 1 74  ? -0.968  2.785   -6.646  1.00 15.72 ? 73   ALA A CB  1 
ATOM   546  N N   . SER A 1 75  ? -3.612  2.275   -5.079  1.00 13.31 ? 74   SER A N   1 
ATOM   547  C CA  A SER A 1 75  ? -4.162  2.025   -3.779  0.50 13.26 ? 74   SER A CA  1 
ATOM   548  C CA  B SER A 1 75  ? -4.313  1.999   -3.827  0.50 14.45 ? 74   SER A CA  1 
ATOM   549  C C   . SER A 1 75  ? -4.099  0.603   -3.332  1.00 13.97 ? 74   SER A C   1 
ATOM   550  O O   . SER A 1 75  ? -4.027  -0.347  -4.159  1.00 14.22 ? 74   SER A O   1 
ATOM   551  C CB  A SER A 1 75  ? -5.591  2.507   -3.732  0.50 13.16 ? 74   SER A CB  1 
ATOM   552  C CB  B SER A 1 75  ? -5.817  2.133   -4.041  0.50 16.36 ? 74   SER A CB  1 
ATOM   553  O OG  A SER A 1 75  ? -6.471  1.798   -4.599  0.50 13.67 ? 74   SER A OG  1 
ATOM   554  O OG  B SER A 1 75  ? -6.176  3.421   -4.552  0.50 19.14 ? 74   SER A OG  1 
ATOM   555  N N   . LEU A 1 76  ? -4.099  0.448   -2.019  1.00 12.46 ? 75   LEU A N   1 
ATOM   556  C CA  . LEU A 1 76  ? -4.194  -0.833  -1.345  1.00 12.22 ? 75   LEU A CA  1 
ATOM   557  C C   . LEU A 1 76  ? -5.510  -0.868  -0.599  1.00 12.05 ? 75   LEU A C   1 
ATOM   558  O O   . LEU A 1 76  ? -5.861  0.046   0.161   1.00 13.01 ? 75   LEU A O   1 
ATOM   559  C CB  . LEU A 1 76  ? -3.075  -0.958  -0.309  1.00 12.81 ? 75   LEU A CB  1 
ATOM   560  C CG  . LEU A 1 76  ? -3.149  -2.205  0.546   1.00 13.94 ? 75   LEU A CG  1 
ATOM   561  C CD1 . LEU A 1 76  ? -2.871  -3.483  -0.179  1.00 15.73 ? 75   LEU A CD1 1 
ATOM   562  C CD2 . LEU A 1 76  ? -2.179  -2.024  1.694   1.00 14.84 ? 75   LEU A CD2 1 
ATOM   563  N N   . THR A 1 77  ? -6.266  -1.935  -0.805  1.00 12.30 ? 76   THR A N   1 
ATOM   564  C CA  . THR A 1 77  ? -7.519  -2.165  0.012   1.00 12.58 ? 76   THR A CA  1 
ATOM   565  C C   . THR A 1 77  ? -7.262  -3.348  0.886   1.00 11.87 ? 76   THR A C   1 
ATOM   566  O O   . THR A 1 77  ? -6.853  -4.434  0.410   1.00 13.48 ? 76   THR A O   1 
ATOM   567  C CB  . THR A 1 77  ? -8.807  -2.329  -0.802  1.00 13.77 ? 76   THR A CB  1 
ATOM   568  O OG1 . THR A 1 77  ? -8.990  -1.078  -1.557  1.00 14.71 ? 76   THR A OG1 1 
ATOM   569  C CG2 . THR A 1 77  ? -9.966  -2.665  0.043   1.00 15.35 ? 76   THR A CG2 1 
ATOM   570  N N   . VAL A 1 78  ? -7.558  -3.215  2.160   1.00 12.68 ? 77   VAL A N   1 
ATOM   571  C CA  . VAL A 1 78  ? -7.616  -4.333  3.108   1.00 14.40 ? 77   VAL A CA  1 
ATOM   572  C C   . VAL A 1 78  ? -9.071  -4.576  3.441   1.00 14.98 ? 77   VAL A C   1 
ATOM   573  O O   . VAL A 1 78  ? -9.727  -3.729  4.043   1.00 15.00 ? 77   VAL A O   1 
ATOM   574  C CB  . VAL A 1 78  ? -6.830  -3.994  4.416   1.00 14.67 ? 77   VAL A CB  1 
ATOM   575  C CG1 . VAL A 1 78  ? -6.817  -5.209  5.311   1.00 14.96 ? 77   VAL A CG1 1 
ATOM   576  C CG2 . VAL A 1 78  ? -5.431  -3.479  4.121   1.00 15.80 ? 77   VAL A CG2 1 
ATOM   577  N N   . SER A 1 79  ? -9.638  -5.645  2.879   1.00 16.79 ? 78   SER A N   1 
ATOM   578  C CA  A SER A 1 79  ? -11.025 -5.920  2.999   0.50 17.32 ? 78   SER A CA  1 
ATOM   579  C CA  B SER A 1 79  ? -11.025 -5.941  3.019   0.50 17.94 ? 78   SER A CA  1 
ATOM   580  C C   . SER A 1 79  ? -11.178 -6.957  4.132   1.00 19.66 ? 78   SER A C   1 
ATOM   581  O O   . SER A 1 79  ? -10.202 -7.644  4.553   1.00 20.60 ? 78   SER A O   1 
ATOM   582  C CB  A SER A 1 79  ? -11.552 -6.392  1.650   0.50 18.16 ? 78   SER A CB  1 
ATOM   583  C CB  B SER A 1 79  ? -11.576 -6.503  1.737   0.50 19.63 ? 78   SER A CB  1 
ATOM   584  O OG  A SER A 1 79  ? -12.976 -6.402  1.596   0.50 16.88 ? 78   SER A OG  1 
ATOM   585  O OG  B SER A 1 79  ? -11.593 -5.527  0.741   0.50 19.04 ? 78   SER A OG  1 
ATOM   586  N N   . GLY A 1 80  ? -12.355 -7.026  4.687   1.00 18.76 ? 79   GLY A N   1 
ATOM   587  C CA  . GLY A 1 80  ? -12.572 -7.930  5.813   1.00 17.08 ? 79   GLY A CA  1 
ATOM   588  C C   . GLY A 1 80  ? -11.617 -7.626  6.976   1.00 14.66 ? 79   GLY A C   1 
ATOM   589  O O   . GLY A 1 80  ? -11.030 -8.553  7.509   1.00 18.30 ? 79   GLY A O   1 
ATOM   590  N N   . LEU A 1 81  ? -11.543 -6.372  7.350   1.00 16.44 ? 80   LEU A N   1 
ATOM   591  C CA  A LEU A 1 81  ? -10.554 -5.901  8.299   0.50 15.13 ? 80   LEU A CA  1 
ATOM   592  C CA  B LEU A 1 81  ? -10.533 -5.920  8.355   0.50 16.15 ? 80   LEU A CA  1 
ATOM   593  C C   . LEU A 1 81  ? -10.542 -6.758  9.580   1.00 16.40 ? 80   LEU A C   1 
ATOM   594  O O   . LEU A 1 81  ? -11.637 -7.042  10.197  1.00 15.18 ? 80   LEU A O   1 
ATOM   595  C CB  A LEU A 1 81  ? -10.853 -4.433  8.611   0.50 15.34 ? 80   LEU A CB  1 
ATOM   596  C CB  B LEU A 1 81  ? -10.744 -4.511  8.904   0.50 17.55 ? 80   LEU A CB  1 
ATOM   597  C CG  A LEU A 1 81  ? -9.790  -3.589  9.315   0.50 12.17 ? 80   LEU A CG  1 
ATOM   598  C CG  B LEU A 1 81  ? -10.173 -3.418  8.033   0.50 16.84 ? 80   LEU A CG  1 
ATOM   599  C CD1 A LEU A 1 81  ? -8.541  -3.318  8.510   0.50 12.76 ? 80   LEU A CD1 1 
ATOM   600  C CD1 B LEU A 1 81  ? -10.629 -2.082  8.544   0.50 16.02 ? 80   LEU A CD1 1 
ATOM   601  C CD2 A LEU A 1 81  ? -10.412 -2.276  9.815   0.50 12.53 ? 80   LEU A CD2 1 
ATOM   602  C CD2 B LEU A 1 81  ? -8.667  -3.539  7.973   0.50 16.88 ? 80   LEU A CD2 1 
ATOM   603  N N   . GLN A 1 82  ? -9.350  -7.174  9.962   1.00 14.28 ? 81   GLN A N   1 
ATOM   604  C CA  . GLN A 1 82  ? -9.101  -7.893  11.209  1.00 14.57 ? 81   GLN A CA  1 
ATOM   605  C C   . GLN A 1 82  ? -8.213  -7.078  12.148  1.00 13.66 ? 81   GLN A C   1 
ATOM   606  O O   . GLN A 1 82  ? -7.460  -6.243  11.731  1.00 14.43 ? 81   GLN A O   1 
ATOM   607  C CB  . GLN A 1 82  ? -8.430  -9.222  10.927  1.00 15.44 ? 81   GLN A CB  1 
ATOM   608  C CG  . GLN A 1 82  ? -9.250  -10.130 10.033  1.00 19.59 ? 81   GLN A CG  1 
ATOM   609  C CD  . GLN A 1 82  ? -8.708  -11.491 9.930   1.00 22.36 ? 81   GLN A CD  1 
ATOM   610  O OE1 . GLN A 1 82  ? -7.727  -11.880 10.599  1.00 28.55 ? 81   GLN A OE1 1 
ATOM   611  N NE2 . GLN A 1 82  ? -9.274  -12.223 9.010   1.00 24.42 ? 81   GLN A NE2 1 
ATOM   612  N N   . ALA A 1 83  ? -8.256  -7.415  13.420  1.00 14.73 ? 82   ALA A N   1 
ATOM   613  C CA  . ALA A 1 83  ? -7.376  -6.790  14.406  1.00 13.81 ? 82   ALA A CA  1 
ATOM   614  C C   . ALA A 1 83  ? -5.875  -6.812  14.066  1.00 15.15 ? 82   ALA A C   1 
ATOM   615  O O   . ALA A 1 83  ? -5.182  -5.809  14.249  1.00 16.19 ? 82   ALA A O   1 
ATOM   616  C CB  . ALA A 1 83  ? -7.635  -7.435  15.743  1.00 15.67 ? 82   ALA A CB  1 
ATOM   617  N N   . GLU A 1 84  ? -5.438  -7.904  13.470  1.00 16.69 ? 83   GLU A N   1 
ATOM   618  C CA  . GLU A 1 84  ? -4.024  -8.028  13.104  1.00 18.34 ? 83   GLU A CA  1 
ATOM   619  C C   . GLU A 1 84  ? -3.634  -7.142  11.941  1.00 18.49 ? 83   GLU A C   1 
ATOM   620  O O   . GLU A 1 84  ? -2.458  -7.029  11.627  1.00 19.15 ? 83   GLU A O   1 
ATOM   621  C CB  . GLU A 1 84  ? -3.657  -9.448  12.716  1.00 25.11 ? 83   GLU A CB  1 
ATOM   622  C CG  . GLU A 1 84  ? -4.651  -10.237 11.936  1.00 29.87 ? 83   GLU A CG  1 
ATOM   623  C CD  . GLU A 1 84  ? -5.557  -11.053 12.927  1.00 39.12 ? 83   GLU A CD  1 
ATOM   624  O OE1 . GLU A 1 84  ? -5.206  -12.186 13.398  1.00 50.85 ? 83   GLU A OE1 1 
ATOM   625  O OE2 . GLU A 1 84  ? -6.612  -10.549 13.313  1.00 27.66 ? 83   GLU A OE2 1 
ATOM   626  N N   . ASP A 1 85  ? -4.588  -6.459  11.318  1.00 15.50 ? 84   ASP A N   1 
ATOM   627  C CA  . ASP A 1 85  ? -4.308  -5.638  10.159  1.00 14.58 ? 84   ASP A CA  1 
ATOM   628  C C   . ASP A 1 85  ? -3.913  -4.220  10.653  1.00 14.25 ? 84   ASP A C   1 
ATOM   629  O O   . ASP A 1 85  ? -3.446  -3.408  9.866   1.00 14.84 ? 84   ASP A O   1 
ATOM   630  C CB  . ASP A 1 85  ? -5.514  -5.546  9.228   1.00 14.53 ? 84   ASP A CB  1 
ATOM   631  C CG  . ASP A 1 85  ? -5.930  -6.853  8.655   1.00 16.57 ? 84   ASP A CG  1 
ATOM   632  O OD1 . ASP A 1 85  ? -5.133  -7.751  8.502   1.00 15.63 ? 84   ASP A OD1 1 
ATOM   633  O OD2 . ASP A 1 85  ? -7.100  -6.975  8.303   1.00 15.48 ? 84   ASP A OD2 1 
ATOM   634  N N   . GLU A 1 86  ? -4.086  -3.921  11.919  1.00 14.42 ? 85   GLU A N   1 
ATOM   635  C CA  A GLU A 1 86  ? -3.575  -2.663  12.477  0.50 15.02 ? 85   GLU A CA  1 
ATOM   636  C CA  B GLU A 1 86  ? -3.610  -2.675  12.445  0.50 14.97 ? 85   GLU A CA  1 
ATOM   637  C C   . GLU A 1 86  ? -2.071  -2.644  12.382  1.00 15.46 ? 85   GLU A C   1 
ATOM   638  O O   . GLU A 1 86  ? -1.387  -3.483  12.965  1.00 16.50 ? 85   GLU A O   1 
ATOM   639  C CB  A GLU A 1 86  ? -3.987  -2.482  13.955  0.50 17.49 ? 85   GLU A CB  1 
ATOM   640  C CB  B GLU A 1 86  ? -4.196  -2.530  13.856  0.50 17.40 ? 85   GLU A CB  1 
ATOM   641  C CG  A GLU A 1 86  ? -5.478  -2.454  14.176  0.50 18.28 ? 85   GLU A CG  1 
ATOM   642  C CG  B GLU A 1 86  ? -3.748  -1.303  14.595  0.50 17.68 ? 85   GLU A CG  1 
ATOM   643  C CD  A GLU A 1 86  ? -5.930  -2.170  15.593  0.50 19.59 ? 85   GLU A CD  1 
ATOM   644  C CD  B GLU A 1 86  ? -4.655  -0.944  15.767  0.50 22.16 ? 85   GLU A CD  1 
ATOM   645  O OE1 A GLU A 1 86  ? -5.737  -3.054  16.468  0.50 25.40 ? 85   GLU A OE1 1 
ATOM   646  O OE1 B GLU A 1 86  ? -5.868  -0.712  15.622  0.50 18.35 ? 85   GLU A OE1 1 
ATOM   647  O OE2 A GLU A 1 86  ? -6.544  -1.102  15.777  0.50 18.94 ? 85   GLU A OE2 1 
ATOM   648  O OE2 B GLU A 1 86  ? -4.093  -0.787  16.854  0.50 27.15 ? 85   GLU A OE2 1 
ATOM   649  N N   . ALA A 1 87  ? -1.544  -1.651  11.680  1.00 13.02 ? 86   ALA A N   1 
ATOM   650  C CA  . ALA A 1 87  ? -0.105  -1.570  11.311  1.00 13.44 ? 86   ALA A CA  1 
ATOM   651  C C   . ALA A 1 87  ? 0.127   -0.335  10.535  1.00 12.78 ? 86   ALA A C   1 
ATOM   652  O O   . ALA A 1 87  ? -0.875  0.352   10.167  1.00 13.46 ? 86   ALA A O   1 
ATOM   653  C CB  . ALA A 1 87  ? 0.237   -2.790  10.433  1.00 14.83 ? 86   ALA A CB  1 
ATOM   654  N N   . ASP A 1 88  ? 1.393   0.013   10.263  1.00 12.34 ? 87   ASP A N   1 
ATOM   655  C CA  . ASP A 1 88  ? 1.732   1.023   9.312   1.00 12.74 ? 87   ASP A CA  1 
ATOM   656  C C   . ASP A 1 88  ? 1.887   0.391   7.929   1.00 13.85 ? 87   ASP A C   1 
ATOM   657  O O   . ASP A 1 88  ? 2.460   -0.703  7.803   1.00 14.99 ? 87   ASP A O   1 
ATOM   658  C CB  . ASP A 1 88  ? 3.055   1.659   9.671   1.00 15.13 ? 87   ASP A CB  1 
ATOM   659  C CG  . ASP A 1 88  ? 2.960   2.496   10.904  1.00 23.18 ? 87   ASP A CG  1 
ATOM   660  O OD1 . ASP A 1 88  ? 2.137   3.397   10.984  1.00 24.70 ? 87   ASP A OD1 1 
ATOM   661  O OD2 . ASP A 1 88  ? 3.757   2.289   11.816  1.00 25.42 ? 87   ASP A OD2 1 
ATOM   662  N N   . TYR A 1 89  ? 1.406   1.071   6.894   1.00 13.14 ? 88   TYR A N   1 
ATOM   663  C CA  . TYR A 1 89  ? 1.535   0.594   5.538   1.00 11.77 ? 88   TYR A CA  1 
ATOM   664  C C   . TYR A 1 89  ? 2.225   1.583   4.672   1.00 12.58 ? 88   TYR A C   1 
ATOM   665  O O   . TYR A 1 89  ? 1.934   2.785   4.747   1.00 13.20 ? 88   TYR A O   1 
ATOM   666  C CB  . TYR A 1 89  ? 0.137   0.286   4.950   1.00 12.16 ? 88   TYR A CB  1 
ATOM   667  C CG  . TYR A 1 89  ? -0.628  -0.811  5.588   1.00 11.67 ? 88   TYR A CG  1 
ATOM   668  C CD1 . TYR A 1 89  ? -1.276  -0.634  6.786   1.00 12.95 ? 88   TYR A CD1 1 
ATOM   669  C CD2 . TYR A 1 89  ? -0.657  -2.098  5.026   1.00 12.57 ? 88   TYR A CD2 1 
ATOM   670  C CE1 . TYR A 1 89  ? -1.920  -1.679  7.434   1.00 11.85 ? 88   TYR A CE1 1 
ATOM   671  C CE2 . TYR A 1 89  ? -1.331  -3.128  5.640   1.00 12.20 ? 88   TYR A CE2 1 
ATOM   672  C CZ  . TYR A 1 89  ? -1.923  -2.937  6.852   1.00 12.25 ? 88   TYR A CZ  1 
ATOM   673  O OH  . TYR A 1 89  ? -2.632  -3.981  7.401   1.00 14.13 ? 88   TYR A OH  1 
ATOM   674  N N   . TYR A 1 90  ? 3.155   1.106   3.867   1.00 12.25 ? 89   TYR A N   1 
ATOM   675  C CA  . TYR A 1 90  ? 3.978   1.955   2.983   1.00 11.90 ? 89   TYR A CA  1 
ATOM   676  C C   . TYR A 1 90  ? 3.855   1.463   1.573   1.00 11.76 ? 89   TYR A C   1 
ATOM   677  O O   . TYR A 1 90  ? 3.902   0.257   1.349   1.00 14.18 ? 89   TYR A O   1 
ATOM   678  C CB  . TYR A 1 90  ? 5.487   1.959   3.359   1.00 12.60 ? 89   TYR A CB  1 
ATOM   679  C CG  . TYR A 1 90  ? 5.762   2.478   4.752   1.00 15.31 ? 89   TYR A CG  1 
ATOM   680  C CD1 . TYR A 1 90  ? 5.716   1.640   5.819   1.00 18.94 ? 89   TYR A CD1 1 
ATOM   681  C CD2 . TYR A 1 90  ? 6.028   3.834   4.969   1.00 17.97 ? 89   TYR A CD2 1 
ATOM   682  C CE1 . TYR A 1 90  ? 5.919   2.089   7.108   1.00 19.56 ? 89   TYR A CE1 1 
ATOM   683  C CE2 . TYR A 1 90  ? 6.261   4.281   6.260   1.00 18.95 ? 89   TYR A CE2 1 
ATOM   684  C CZ  . TYR A 1 90  ? 6.187   3.424   7.295   1.00 20.43 ? 89   TYR A CZ  1 
ATOM   685  O OH  . TYR A 1 90  ? 6.437   3.887   8.581   1.00 23.82 ? 89   TYR A OH  1 
ATOM   686  N N   . CYS A 1 91  ? 3.749   2.388   0.617   1.00 12.64 ? 90   CYS A N   1 
ATOM   687  C CA  . CYS A 1 91  ? 3.934   2.056   -0.801  1.00 12.72 ? 90   CYS A CA  1 
ATOM   688  C C   . CYS A 1 91  ? 5.324   2.440   -1.302  1.00 13.30 ? 90   CYS A C   1 
ATOM   689  O O   . CYS A 1 91  ? 6.014   3.278   -0.683  1.00 13.48 ? 90   CYS A O   1 
ATOM   690  C CB  . CYS A 1 91  ? 2.868   2.748   -1.617  1.00 13.39 ? 90   CYS A CB  1 
ATOM   691  S SG  . CYS A 1 91  ? 2.919   4.574   -1.643  1.00 14.95 ? 90   CYS A SG  1 
ATOM   692  N N   . SER A 1 92  ? 5.645   1.878   -2.445  1.00 12.83 ? 91   SER A N   1 
ATOM   693  C CA  . SER A 1 92  ? 6.829   2.310   -3.170  1.00 13.70 ? 91   SER A CA  1 
ATOM   694  C C   . SER A 1 92  ? 6.552   2.205   -4.648  1.00 12.72 ? 91   SER A C   1 
ATOM   695  O O   . SER A 1 92  ? 5.668   1.425   -5.069  1.00 13.77 ? 91   SER A O   1 
ATOM   696  C CB  . SER A 1 92  ? 8.075   1.434   -2.811  1.00 15.97 ? 91   SER A CB  1 
ATOM   697  O OG  . SER A 1 92  ? 7.886   0.132   -3.244  1.00 19.89 ? 91   SER A OG  1 
ATOM   698  N N   . SER A 1 93  ? 7.335   2.939   -5.451  1.00 14.47 ? 92   SER A N   1 
ATOM   699  C CA  . SER A 1 93  ? 7.254   2.819   -6.886  1.00 15.26 ? 92   SER A CA  1 
ATOM   700  C C   . SER A 1 93  ? 8.634   2.818   -7.481  1.00 17.92 ? 92   SER A C   1 
ATOM   701  O O   . SER A 1 93  ? 9.507   3.508   -6.992  1.00 17.61 ? 92   SER A O   1 
ATOM   702  C CB  . SER A 1 93  ? 6.403   3.979   -7.477  1.00 15.45 ? 92   SER A CB  1 
ATOM   703  O OG  . SER A 1 93  ? 6.320   3.816   -8.920  1.00 17.05 ? 92   SER A OG  1 
ATOM   704  N N   . TYR A 1 94  ? 8.846   2.039   -8.527  1.00 19.21 ? 93   TYR A N   1 
ATOM   705  C CA  . TYR A 1 94  ? 9.865   2.516   -9.593  1.00 22.50 ? 93   TYR A CA  1 
ATOM   706  C C   . TYR A 1 94  ? 9.722   3.982   -10.074 1.00 26.37 ? 93   TYR A C   1 
ATOM   707  O O   . TYR A 1 94  ? 8.616   4.534   -10.299 1.00 20.53 ? 93   TYR A O   1 
ATOM   708  C CB  . TYR A 1 94  ? 9.782   1.661   -10.820 1.00 21.79 ? 93   TYR A CB  1 
ATOM   709  C CG  . TYR A 1 94  ? 10.993  1.688   -11.684 1.00 24.44 ? 93   TYR A CG  1 
ATOM   710  C CD1 . TYR A 1 94  ? 12.251  1.424   -11.168 1.00 29.31 ? 93   TYR A CD1 1 
ATOM   711  C CD2 . TYR A 1 94  ? 10.858  1.946   -13.077 1.00 24.97 ? 93   TYR A CD2 1 
ATOM   712  C CE1 . TYR A 1 94  ? 13.366  1.493   -11.981 1.00 29.49 ? 93   TYR A CE1 1 
ATOM   713  C CE2 . TYR A 1 94  ? 11.963  1.996   -13.901 1.00 28.57 ? 93   TYR A CE2 1 
ATOM   714  C CZ  . TYR A 1 94  ? 13.198  1.725   -13.351 1.00 33.28 ? 93   TYR A CZ  1 
ATOM   715  O OH  . TYR A 1 94  ? 14.276  1.757   -14.204 1.00 34.10 ? 93   TYR A OH  1 
ATOM   716  N N   . GLU A 1 95  ? 10.865  4.660   -10.258 1.00 25.35 ? 94   GLU A N   1 
ATOM   717  C CA  . GLU A 1 95  ? 10.784  6.064   -10.774 1.00 27.71 ? 94   GLU A CA  1 
ATOM   718  C C   . GLU A 1 95  ? 11.763  6.319   -11.915 1.00 28.96 ? 94   GLU A C   1 
ATOM   719  O O   . GLU A 1 95  ? 12.167  7.464   -12.161 1.00 32.33 ? 94   GLU A O   1 
ATOM   720  C CB  . GLU A 1 95  ? 10.924  7.078   -9.654  1.00 29.28 ? 94   GLU A CB  1 
ATOM   721  C CG  . GLU A 1 95  ? 12.262  6.990   -8.922  1.00 34.07 ? 94   GLU A CG  1 
ATOM   722  C CD  . GLU A 1 95  ? 12.490  8.180   -8.011  1.00 37.61 ? 94   GLU A CD  1 
ATOM   723  O OE1 . GLU A 1 95  ? 11.771  9.174   -8.156  1.00 40.94 ? 94   GLU A OE1 1 
ATOM   724  O OE2 . GLU A 1 95  ? 13.378  8.114   -7.133  1.00 44.54 ? 94   GLU A OE2 1 
ATOM   725  N N   . GLY A 1 96  ? 12.110  5.238   -12.606 1.00 29.22 ? 95   GLY A N   1 
ATOM   726  C CA  . GLY A 1 96  ? 13.032  5.282   -13.731 1.00 31.62 ? 95   GLY A CA  1 
ATOM   727  C C   . GLY A 1 96  ? 14.473  5.127   -13.269 1.00 38.50 ? 95   GLY A C   1 
ATOM   728  O O   . GLY A 1 96  ? 14.783  5.305   -12.061 1.00 35.08 ? 95   GLY A O   1 
ATOM   729  N N   . SER A 1 97  ? 15.364  4.875   -14.247 1.00 39.41 ? 96   SER A N   1 
ATOM   730  C CA  . SER A 1 97  ? 16.860  4.723   -14.003 1.00 48.59 ? 96   SER A CA  1 
ATOM   731  C C   . SER A 1 97  ? 17.283  3.936   -12.710 1.00 45.13 ? 96   SER A C   1 
ATOM   732  O O   . SER A 1 97  ? 18.035  4.478   -11.874 1.00 43.04 ? 96   SER A O   1 
ATOM   733  C CB  . SER A 1 97  ? 17.627  6.081   -14.130 1.00 55.10 ? 96   SER A CB  1 
ATOM   734  O OG  . SER A 1 97  ? 17.043  7.129   -13.370 1.00 52.53 ? 96   SER A OG  1 
ATOM   735  N N   . ASP A 1 98  ? 16.773  2.680   -12.603 1.00 47.00 ? 97   ASP A N   1 
ATOM   736  C CA  A ASP A 1 98  ? 17.062  1.757   -11.505 0.50 41.51 ? 97   ASP A CA  1 
ATOM   737  C CA  B ASP A 1 98  ? 17.041  1.723   -11.471 0.50 44.59 ? 97   ASP A CA  1 
ATOM   738  C C   . ASP A 1 98  ? 16.918  2.427   -10.113 1.00 39.77 ? 97   ASP A C   1 
ATOM   739  O O   . ASP A 1 98  ? 17.692  2.201   -9.196  1.00 38.25 ? 97   ASP A O   1 
ATOM   740  C CB  A ASP A 1 98  ? 18.423  1.154   -11.803 0.50 40.02 ? 97   ASP A CB  1 
ATOM   741  C CB  B ASP A 1 98  ? 18.385  0.960   -11.612 0.50 47.30 ? 97   ASP A CB  1 
ATOM   742  C CG  A ASP A 1 98  ? 18.581  0.897   -13.273 0.50 37.91 ? 97   ASP A CG  1 
ATOM   743  C CG  B ASP A 1 98  ? 18.632  -0.107  -10.476 0.50 48.91 ? 97   ASP A CG  1 
ATOM   744  O OD1 A ASP A 1 98  ? 17.694  0.226   -13.839 0.50 33.33 ? 97   ASP A OD1 1 
ATOM   745  O OD1 B ASP A 1 98  ? 17.732  -0.516  -9.691  0.50 45.27 ? 97   ASP A OD1 1 
ATOM   746  O OD2 A ASP A 1 98  ? 19.497  1.470   -13.883 0.50 38.44 ? 97   ASP A OD2 1 
ATOM   747  O OD2 B ASP A 1 98  ? 19.783  -0.562  -10.368 0.50 57.53 ? 97   ASP A OD2 1 
ATOM   748  N N   . ASN A 1 99  ? 15.915  3.294   -9.998  1.00 37.09 ? 98   ASN A N   1 
ATOM   749  C CA  . ASN A 1 99  ? 15.612  4.025   -8.753  1.00 33.98 ? 98   ASN A CA  1 
ATOM   750  C C   . ASN A 1 99  ? 14.166  3.789   -8.322  1.00 29.44 ? 98   ASN A C   1 
ATOM   751  O O   . ASN A 1 99  ? 13.297  3.716   -9.170  1.00 26.14 ? 98   ASN A O   1 
ATOM   752  C CB  . ASN A 1 99  ? 15.701  5.519   -8.972  1.00 33.81 ? 98   ASN A CB  1 
ATOM   753  C CG  . ASN A 1 99  ? 17.122  5.997   -9.183  1.00 43.15 ? 98   ASN A CG  1 
ATOM   754  O OD1 . ASN A 1 99  ? 18.085  5.400   -8.669  1.00 41.72 ? 98   ASN A OD1 1 
ATOM   755  N ND2 . ASN A 1 99  ? 17.257  7.106   -9.907  1.00 45.67 ? 98   ASN A ND2 1 
ATOM   756  N N   . PHE A 1 100 ? 13.982  3.802   -6.999  1.00 25.02 ? 99   PHE A N   1 
ATOM   757  C CA  . PHE A 1 100 ? 12.641  3.674   -6.310  1.00 24.42 ? 99   PHE A CA  1 
ATOM   758  C C   . PHE A 1 100 ? 12.372  4.752   -5.272  1.00 24.18 ? 99   PHE A C   1 
ATOM   759  O O   . PHE A 1 100 ? 13.255  5.225   -4.555  1.00 25.87 ? 99   PHE A O   1 
ATOM   760  C CB  . PHE A 1 100 ? 12.520  2.351   -5.631  1.00 24.78 ? 99   PHE A CB  1 
ATOM   761  C CG  . PHE A 1 100 ? 12.480  1.160   -6.627  1.00 30.49 ? 99   PHE A CG  1 
ATOM   762  C CD1 . PHE A 1 100 ? 13.647  0.736   -7.316  1.00 35.67 ? 99   PHE A CD1 1 
ATOM   763  C CD2 . PHE A 1 100 ? 11.270  0.534   -6.956  1.00 33.46 ? 99   PHE A CD2 1 
ATOM   764  C CE1 . PHE A 1 100 ? 13.587  -0.305  -8.292  1.00 34.02 ? 99   PHE A CE1 1 
ATOM   765  C CE2 . PHE A 1 100 ? 11.221  -0.511  -7.909  1.00 35.42 ? 99   PHE A CE2 1 
ATOM   766  C CZ  . PHE A 1 100 ? 12.385  -0.928  -8.568  1.00 32.68 ? 99   PHE A CZ  1 
ATOM   767  N N   . VAL A 1 101 ? 11.095  5.057   -5.108  1.00 19.17 ? 100  VAL A N   1 
ATOM   768  C CA  . VAL A 1 101 ? 10.658  6.065   -4.203  1.00 16.74 ? 100  VAL A CA  1 
ATOM   769  C C   . VAL A 1 101 ? 9.565   5.536   -3.288  1.00 15.53 ? 100  VAL A C   1 
ATOM   770  O O   . VAL A 1 101 ? 8.745   4.757   -3.771  1.00 17.00 ? 100  VAL A O   1 
ATOM   771  C CB  . VAL A 1 101 ? 10.144  7.300   -4.974  1.00 17.96 ? 100  VAL A CB  1 
ATOM   772  C CG1 . VAL A 1 101 ? 9.060   7.028   -6.000  1.00 18.59 ? 100  VAL A CG1 1 
ATOM   773  C CG2 . VAL A 1 101 ? 9.801   8.467   -4.025  1.00 23.23 ? 100  VAL A CG2 1 
ATOM   774  N N   . PHE A 1 102 ? 9.549   5.911   -2.033  1.00 15.90 ? 101  PHE A N   1 
ATOM   775  C CA  . PHE A 1 102 ? 8.640   5.396   -1.031  1.00 15.75 ? 101  PHE A CA  1 
ATOM   776  C C   . PHE A 1 102 ? 7.640   6.454   -0.641  1.00 15.53 ? 101  PHE A C   1 
ATOM   777  O O   . PHE A 1 102 ? 7.898   7.655   -0.730  1.00 16.27 ? 101  PHE A O   1 
ATOM   778  C CB  . PHE A 1 102 ? 9.345   4.953   0.265   1.00 17.27 ? 101  PHE A CB  1 
ATOM   779  C CG  . PHE A 1 102 ? 9.909   3.605   0.176   1.00 19.98 ? 101  PHE A CG  1 
ATOM   780  C CD1 . PHE A 1 102 ? 11.080  3.422   -0.505  1.00 23.32 ? 101  PHE A CD1 1 
ATOM   781  C CD2 . PHE A 1 102 ? 9.256   2.531   0.749   1.00 23.18 ? 101  PHE A CD2 1 
ATOM   782  C CE1 . PHE A 1 102 ? 11.640  2.157   -0.597  1.00 27.92 ? 101  PHE A CE1 1 
ATOM   783  C CE2 . PHE A 1 102 ? 9.771   1.256   0.628   1.00 24.01 ? 101  PHE A CE2 1 
ATOM   784  C CZ  . PHE A 1 102 ? 10.973  1.067   -0.057  1.00 25.26 ? 101  PHE A CZ  1 
ATOM   785  N N   . GLY A 1 103 ? 6.466   5.972   -0.255  1.00 13.76 ? 102  GLY A N   1 
ATOM   786  C CA  . GLY A 1 103 ? 5.504   6.819   0.424   1.00 15.08 ? 102  GLY A CA  1 
ATOM   787  C C   . GLY A 1 103 ? 5.782   7.102   1.871   1.00 15.58 ? 102  GLY A C   1 
ATOM   788  O O   . GLY A 1 103 ? 6.616   6.492   2.490   1.00 16.61 ? 102  GLY A O   1 
ATOM   789  N N   . THR A 1 104 ? 5.035   8.055   2.415   1.00 15.89 ? 103  THR A N   1 
ATOM   790  C CA  . THR A 1 104 ? 5.266   8.512   3.763   1.00 16.49 ? 103  THR A CA  1 
ATOM   791  C C   . THR A 1 104 ? 4.600   7.682   4.861   1.00 16.78 ? 103  THR A C   1 
ATOM   792  O O   . THR A 1 104 ? 4.846   7.888   6.065   1.00 18.57 ? 103  THR A O   1 
ATOM   793  C CB  . THR A 1 104 ? 4.742   9.935   3.891   1.00 18.76 ? 103  THR A CB  1 
ATOM   794  O OG1 . THR A 1 104 ? 3.411   9.990   3.365   1.00 19.28 ? 103  THR A OG1 1 
ATOM   795  C CG2 . THR A 1 104 ? 5.670   10.809  3.077   1.00 20.39 ? 103  THR A CG2 1 
ATOM   796  N N   . GLY A 1 105 ? 3.780   6.694   4.462   1.00 13.07 ? 104  GLY A N   1 
ATOM   797  C CA  . GLY A 1 105 ? 3.194   5.791   5.371   1.00 14.06 ? 104  GLY A CA  1 
ATOM   798  C C   . GLY A 1 105 ? 1.796   6.103   5.859   1.00 14.22 ? 104  GLY A C   1 
ATOM   799  O O   . GLY A 1 105 ? 1.486   7.262   6.091   1.00 14.47 ? 104  GLY A O   1 
ATOM   800  N N   . THR A 1 106 ? 1.014   5.058   6.132   1.00 12.94 ? 105  THR A N   1 
ATOM   801  C CA  . THR A 1 106 ? -0.348  5.281   6.689   1.00 12.35 ? 105  THR A CA  1 
ATOM   802  C C   . THR A 1 106 ? -0.470  4.394   7.888   1.00 12.98 ? 105  THR A C   1 
ATOM   803  O O   . THR A 1 106 ? -0.328  3.174   7.738   1.00 13.47 ? 105  THR A O   1 
ATOM   804  C CB  . THR A 1 106 ? -1.424  4.939   5.621   1.00 11.79 ? 105  THR A CB  1 
ATOM   805  O OG1 . THR A 1 106 ? -1.240  5.771   4.480   1.00 11.86 ? 105  THR A OG1 1 
ATOM   806  C CG2 . THR A 1 106 ? -2.815  5.046   6.185   1.00 14.33 ? 105  THR A CG2 1 
ATOM   807  N N   . LYS A 1 107 ? -0.898  4.890   9.026   1.00 12.72 ? 106  LYS A N   1 
ATOM   808  C CA  . LYS A 1 107 ? -1.223  4.074   10.158  1.00 14.32 ? 106  LYS A CA  1 
ATOM   809  C C   . LYS A 1 107 ? -2.676  3.683   10.107  1.00 14.59 ? 106  LYS A C   1 
ATOM   810  O O   . LYS A 1 107 ? -3.555  4.565   10.091  1.00 13.90 ? 106  LYS A O   1 
ATOM   811  C CB  . LYS A 1 107 ? -0.967  4.832   11.454  1.00 15.67 ? 106  LYS A CB  1 
ATOM   812  C CG  . LYS A 1 107 ? -1.374  4.055   12.661  1.00 21.16 ? 106  LYS A CG  1 
ATOM   813  C CD  . LYS A 1 107 ? -0.968  4.706   13.984  1.00 31.38 ? 106  LYS A CD  1 
ATOM   814  C CE  . LYS A 1 107 ? -1.530  3.900   15.163  1.00 40.40 ? 106  LYS A CE  1 
ATOM   815  N NZ  . LYS A 1 107 ? -2.113  4.775   16.227  1.00 41.80 ? 106  LYS A NZ  1 
ATOM   816  N N   . VAL A 1 108 ? -2.965  2.396   9.991   1.00 13.64 ? 107  VAL A N   1 
ATOM   817  C CA  . VAL A 1 108 ? -4.312  1.838   9.974   1.00 13.82 ? 107  VAL A CA  1 
ATOM   818  C C   . VAL A 1 108 ? -4.708  1.362   11.331  1.00 14.41 ? 107  VAL A C   1 
ATOM   819  O O   . VAL A 1 108 ? -3.997  0.575   11.984  1.00 14.88 ? 107  VAL A O   1 
ATOM   820  C CB  . VAL A 1 108 ? -4.463  0.702   8.924   1.00 16.05 ? 107  VAL A CB  1 
ATOM   821  C CG1 . VAL A 1 108 ? -5.840  0.008   9.062   1.00 17.66 ? 107  VAL A CG1 1 
ATOM   822  C CG2 . VAL A 1 108 ? -4.229  1.213   7.508   1.00 15.48 ? 107  VAL A CG2 1 
ATOM   823  N N   . THR A 1 109 ? -5.865  1.868   11.791  1.00 15.30 ? 108  THR A N   1 
ATOM   824  C CA  . THR A 1 109 ? -6.460  1.422   13.092  1.00 16.31 ? 108  THR A CA  1 
ATOM   825  C C   . THR A 1 109 ? -7.833  0.848   12.859  1.00 16.63 ? 108  THR A C   1 
ATOM   826  O O   . THR A 1 109 ? -8.529  1.154   11.892  1.00 16.62 ? 108  THR A O   1 
ATOM   827  C CB  . THR A 1 109 ? -6.508  2.544   14.098  1.00 16.81 ? 108  THR A CB  1 
ATOM   828  O OG1 . THR A 1 109 ? -7.271  3.620   13.586  1.00 20.04 ? 108  THR A OG1 1 
ATOM   829  C CG2 . THR A 1 109 ? -5.082  2.952   14.439  1.00 18.58 ? 108  THR A CG2 1 
ATOM   830  N N   . VAL A 1 110 ? -8.209  -0.041  13.777  1.00 17.21 ? 109  VAL A N   1 
ATOM   831  C CA  . VAL A 1 110 ? -9.500  -0.673  13.731  1.00 18.76 ? 109  VAL A CA  1 
ATOM   832  C C   . VAL A 1 110 ? -10.412 0.063   14.749  1.00 18.17 ? 109  VAL A C   1 
ATOM   833  O O   . VAL A 1 110 ? -9.989  0.282   15.909  1.00 19.35 ? 109  VAL A O   1 
ATOM   834  C CB  . VAL A 1 110 ? -9.447  -2.157  14.050  1.00 22.58 ? 109  VAL A CB  1 
ATOM   835  C CG1 . VAL A 1 110 ? -10.857 -2.689  14.135  1.00 24.40 ? 109  VAL A CG1 1 
ATOM   836  C CG2 . VAL A 1 110 ? -8.730  -2.915  12.960  1.00 23.83 ? 109  VAL A CG2 1 
ATOM   837  N N   . LEU A 1 111 ? -11.628 0.427   14.317  1.00 18.72 ? 110  LEU A N   1 
ATOM   838  C CA  . LEU A 1 111 ? -12.544 1.154   15.196  1.00 20.31 ? 110  LEU A CA  1 
ATOM   839  C C   . LEU A 1 111 ? -13.058 0.265   16.324  1.00 24.03 ? 110  LEU A C   1 
ATOM   840  O O   . LEU A 1 111 ? -13.189 0.774   17.477  1.00 27.34 ? 110  LEU A O   1 
ATOM   841  C CB  . LEU A 1 111 ? -13.679 1.798   14.408  1.00 20.45 ? 110  LEU A CB  1 
ATOM   842  C CG  . LEU A 1 111 ? -13.334 2.865   13.367  1.00 20.55 ? 110  LEU A CG  1 
ATOM   843  C CD1 . LEU A 1 111 ? -14.556 3.135   12.468  1.00 24.18 ? 110  LEU A CD1 1 
ATOM   844  C CD2 . LEU A 1 111 ? -12.851 4.101   14.037  1.00 22.75 ? 110  LEU A CD2 1 
ATOM   845  O OXT . LEU A 1 111 ? -13.270 -0.922  16.148  1.00 25.34 ? 110  LEU A OXT 1 
HETATM 846  C C1  . SAS B 2 .   ? 9.499   -4.430  -9.994  0.50 29.84 ? 1111 SAS A C1  1 
HETATM 847  C C2  . SAS B 2 .   ? 9.514   -5.314  -11.063 0.50 29.68 ? 1111 SAS A C2  1 
HETATM 848  C C3  . SAS B 2 .   ? 10.658  -5.487  -11.840 0.50 33.10 ? 1111 SAS A C3  1 
HETATM 849  C C4  . SAS B 2 .   ? 11.754  -4.718  -11.543 0.50 30.07 ? 1111 SAS A C4  1 
HETATM 850  C C5  . SAS B 2 .   ? 11.709  -3.853  -10.471 0.50 30.57 ? 1111 SAS A C5  1 
HETATM 851  N N1  . SAS B 2 .   ? 10.598  -3.700  -9.690  0.50 31.25 ? 1111 SAS A N1  1 
HETATM 852  N N2  . SAS B 2 .   ? 8.338   -4.417  -9.301  0.50 26.16 ? 1111 SAS A N2  1 
HETATM 853  S S1  . SAS B 2 .   ? 8.092   -3.779  -7.842  0.50 26.30 ? 1111 SAS A S1  1 
HETATM 854  O O1  . SAS B 2 .   ? 6.532   -3.491  -7.674  1.00 18.74 ? 1111 SAS A O1  1 
HETATM 855  O O2  . SAS B 2 .   ? 8.955   -2.655  -7.613  0.50 27.91 ? 1111 SAS A O2  1 
HETATM 856  C C6  . SAS B 2 .   ? 8.620   -4.920  -6.763  1.00 31.00 ? 1111 SAS A C6  1 
HETATM 857  C C7  . SAS B 2 .   ? 8.958   -4.661  -5.384  1.00 37.33 ? 1111 SAS A C7  1 
HETATM 858  C C8  . SAS B 2 .   ? 9.235   -5.676  -4.411  1.00 30.88 ? 1111 SAS A C8  1 
HETATM 859  C C9  . SAS B 2 .   ? 9.188   -6.939  -4.831  1.00 32.34 ? 1111 SAS A C9  1 
HETATM 860  C C10 . SAS B 2 .   ? 8.920   -7.242  -6.172  1.00 35.50 ? 1111 SAS A C10 1 
HETATM 861  C C11 . SAS B 2 .   ? 8.631   -6.246  -7.141  1.00 35.30 ? 1111 SAS A C11 1 
HETATM 862  N N3  . SAS B 2 .   ? 9.439   -7.982  -3.996  1.00 29.77 ? 1111 SAS A N3  1 
HETATM 863  N N4  . SAS B 2 .   ? 8.674   -8.974  -4.155  1.00 32.02 ? 1111 SAS A N4  1 
HETATM 864  C C12 . SAS B 2 .   ? 8.968   -10.057 -3.337  1.00 27.97 ? 1111 SAS A C12 1 
HETATM 865  C C13 . SAS B 2 .   ? 8.295   -11.183 -3.482  1.00 29.88 ? 1111 SAS A C13 1 
HETATM 866  C C14 . SAS B 2 .   ? 8.513   -12.278 -2.697  1.00 30.95 ? 1111 SAS A C14 1 
HETATM 867  C C15 . SAS B 2 .   ? 9.614   -12.281 -1.771  1.00 29.59 ? 1111 SAS A C15 1 
HETATM 868  C C16 . SAS B 2 .   ? 10.308  -11.100 -1.687  1.00 33.31 ? 1111 SAS A C16 1 
HETATM 869  C C17 . SAS B 2 .   ? 9.994   -9.959  -2.455  1.00 29.13 ? 1111 SAS A C17 1 
HETATM 870  C C18 . SAS B 2 .   ? 7.713   -13.532 -2.831  1.00 41.78 ? 1111 SAS A C18 1 
HETATM 871  O O3  . SAS B 2 .   ? 9.805   -13.409 -1.023  1.00 36.20 ? 1111 SAS A O3  1 
HETATM 872  O O4  . SAS B 2 .   ? 7.845   -14.451 -1.986  1.00 41.75 ? 1111 SAS A O4  1 
HETATM 873  O O5  . SAS B 2 .   ? 6.898   -13.636 -3.785  1.00 45.59 ? 1111 SAS A O5  1 
HETATM 874  S S   . SO4 C 3 .   ? -6.988  -14.361 6.816   1.00 78.93 ? 1112 SO4 A S   1 
HETATM 875  O O1  . SO4 C 3 .   ? -8.013  -14.423 5.721   1.00 67.16 ? 1112 SO4 A O1  1 
HETATM 876  O O2  . SO4 C 3 .   ? -7.707  -14.755 8.067   1.00 85.35 ? 1112 SO4 A O2  1 
HETATM 877  O O3  . SO4 C 3 .   ? -6.481  -12.962 6.882   1.00 73.03 ? 1112 SO4 A O3  1 
HETATM 878  O O4  . SO4 C 3 .   ? -5.799  -15.266 6.655   1.00 76.20 ? 1112 SO4 A O4  1 
HETATM 879  O O   . HOH D 4 .   ? 10.057  -17.451 -3.958  1.00 49.47 ? 2001 HOH A O   1 
HETATM 880  O O   . HOH D 4 .   ? 4.255   13.509  -3.155  1.00 42.27 ? 2002 HOH A O   1 
HETATM 881  O O   . HOH D 4 .   ? 4.836   12.788  -5.658  1.00 40.22 ? 2003 HOH A O   1 
HETATM 882  O O   . HOH D 4 .   ? 6.701   14.657  2.423   1.00 45.85 ? 2004 HOH A O   1 
HETATM 883  O O   . HOH D 4 .   ? 2.590   11.928  6.667   1.00 36.41 ? 2005 HOH A O   1 
HETATM 884  O O   . HOH D 4 .   ? -2.528  9.517   -1.889  1.00 14.84 ? 2006 HOH A O   1 
HETATM 885  O O   . HOH D 4 .   ? 4.367   13.574  0.650   1.00 35.41 ? 2007 HOH A O   1 
HETATM 886  O O   . HOH D 4 .   ? 2.461   12.060  2.186   1.00 23.32 ? 2008 HOH A O   1 
HETATM 887  O O   . HOH D 4 .   ? 1.593   9.877   5.362   1.00 18.23 ? 2009 HOH A O   1 
HETATM 888  O O   . HOH D 4 .   ? -12.039 -10.604 13.068  1.00 32.65 ? 2010 HOH A O   1 
HETATM 889  O O   . HOH D 4 .   ? -13.833 -10.956 9.277   1.00 30.63 ? 2011 HOH A O   1 
HETATM 890  O O   . HOH D 4 .   ? -15.923 -8.922  11.973  1.00 33.23 ? 2012 HOH A O   1 
HETATM 891  O O   . HOH D 4 .   ? -4.778  11.043  8.229   1.00 22.66 ? 2013 HOH A O   1 
HETATM 892  O O   . HOH D 4 .   ? 1.587   7.868   9.461   1.00 28.98 ? 2014 HOH A O   1 
HETATM 893  O O   . HOH D 4 .   ? -5.227  5.222   12.359  1.00 24.86 ? 2015 HOH A O   1 
HETATM 894  O O   . HOH D 4 .   ? -9.994  3.331   14.379  1.00 70.40 ? 2016 HOH A O   1 
HETATM 895  O O   . HOH D 4 .   ? 1.207   15.376  -11.244 1.00 37.27 ? 2017 HOH A O   1 
HETATM 896  O O   . HOH D 4 .   ? -15.378 0.716   8.241   1.00 21.40 ? 2018 HOH A O   1 
HETATM 897  O O   . HOH D 4 .   ? -19.209 0.902   10.666  1.00 59.95 ? 2019 HOH A O   1 
HETATM 898  O O   . HOH D 4 .   ? 7.679   -0.241  -17.886 1.00 49.88 ? 2020 HOH A O   1 
HETATM 899  O O   . HOH D 4 .   ? -14.679 -2.418  14.670  1.00 25.67 ? 2021 HOH A O   1 
HETATM 900  O O   . HOH D 4 .   ? -17.715 -4.335  12.732  1.00 35.83 ? 2022 HOH A O   1 
HETATM 901  O O   . HOH D 4 .   ? -18.467 -5.558  9.587   1.00 28.19 ? 2023 HOH A O   1 
HETATM 902  O O   . HOH D 4 .   ? 3.726   0.508   -17.599 1.00 43.75 ? 2024 HOH A O   1 
HETATM 903  O O   . HOH D 4 .   ? 4.701   -3.906  -16.500 1.00 46.73 ? 2025 HOH A O   1 
HETATM 904  O O   . HOH D 4 .   ? 0.272   1.576   -19.863 1.00 49.52 ? 2026 HOH A O   1 
HETATM 905  O O   . HOH D 4 .   ? -13.071 -9.219  11.085  1.00 22.05 ? 2027 HOH A O   1 
HETATM 906  O O   . HOH D 4 .   ? -16.158 -0.553  4.554   1.00 30.82 ? 2028 HOH A O   1 
HETATM 907  O O   . HOH D 4 .   ? 0.466   -12.188 12.113  1.00 61.37 ? 2029 HOH A O   1 
HETATM 908  O O   . HOH D 4 .   ? -1.852  -10.674 6.739   1.00 27.54 ? 2030 HOH A O   1 
HETATM 909  O O   . HOH D 4 .   ? -0.348  -10.518 5.828   1.00 41.28 ? 2031 HOH A O   1 
HETATM 910  O O   . HOH D 4 .   ? -14.635 1.259   5.907   1.00 29.35 ? 2032 HOH A O   1 
HETATM 911  O O   . HOH D 4 .   ? -12.427 0.722   1.519   1.00 24.33 ? 2033 HOH A O   1 
HETATM 912  O O   . HOH D 4 .   ? -15.888 -1.998  1.002   1.00 29.10 ? 2034 HOH A O   1 
HETATM 913  O O   . HOH D 4 .   ? -10.201 4.026   3.499   1.00 26.24 ? 2035 HOH A O   1 
HETATM 914  O O   . HOH D 4 .   ? 1.228   14.456  -7.209  1.00 52.03 ? 2036 HOH A O   1 
HETATM 915  O O   . HOH D 4 .   ? 0.159   13.676  -9.537  1.00 38.74 ? 2037 HOH A O   1 
HETATM 916  O O   . HOH D 4 .   ? -9.645  -15.848 2.009   1.00 42.97 ? 2038 HOH A O   1 
HETATM 917  O O   . HOH D 4 .   ? 2.457   14.040  -13.339 1.00 23.39 ? 2039 HOH A O   1 
HETATM 918  O O   . HOH D 4 .   ? -0.155  13.283  -15.298 1.00 36.07 ? 2040 HOH A O   1 
HETATM 919  O O   . HOH D 4 .   ? -0.982  9.526   -15.221 1.00 39.95 ? 2041 HOH A O   1 
HETATM 920  O O   . HOH D 4 .   ? 5.995   13.519  -14.933 1.00 33.38 ? 2042 HOH A O   1 
HETATM 921  O O   . HOH D 4 .   ? 10.482  7.845   -14.958 1.00 25.55 ? 2043 HOH A O   1 
HETATM 922  O O   . HOH D 4 .   ? -3.601  11.999  -13.652 1.00 65.69 ? 2044 HOH A O   1 
HETATM 923  O O   . HOH D 4 .   ? 4.897   2.068   -10.639 1.00 19.23 ? 2045 HOH A O   1 
HETATM 924  O O   . HOH D 4 .   ? 6.894   11.589  -7.142  1.00 36.16 ? 2046 HOH A O   1 
HETATM 925  O O   . HOH D 4 .   ? 9.756   10.540  -9.901  1.00 30.70 ? 2047 HOH A O   1 
HETATM 926  O O   . HOH D 4 .   ? -0.991  6.356   -15.932 1.00 33.29 ? 2048 HOH A O   1 
HETATM 927  O O   . HOH D 4 .   ? 1.597   4.267   -17.550 1.00 32.50 ? 2049 HOH A O   1 
HETATM 928  O O   . HOH D 4 .   ? 6.806   2.360   -18.622 1.00 36.49 ? 2050 HOH A O   1 
HETATM 929  O O   . HOH D 4 .   ? 5.314   5.164   -18.908 1.00 22.50 ? 2051 HOH A O   1 
HETATM 930  O O   . HOH D 4 .   ? 1.850   1.921   -16.325 1.00 46.12 ? 2052 HOH A O   1 
HETATM 931  O O   . HOH D 4 .   ? 5.579   -0.996  -16.144 1.00 25.49 ? 2053 HOH A O   1 
HETATM 932  O O   . HOH D 4 .   ? 4.217   -4.964  -13.798 1.00 30.42 ? 2054 HOH A O   1 
HETATM 933  O O   . HOH D 4 .   ? -1.026  1.134   -15.987 1.00 52.06 ? 2055 HOH A O   1 
HETATM 934  O O   . HOH D 4 .   ? 1.930   -4.553  -16.410 1.00 39.71 ? 2056 HOH A O   1 
HETATM 935  O O   . HOH D 4 .   ? -0.233  -0.535  -18.296 1.00 41.78 ? 2057 HOH A O   1 
HETATM 936  O O   . HOH D 4 .   ? 8.009   -0.622  -5.948  1.00 18.82 ? 2058 HOH A O   1 
HETATM 937  O O   . HOH D 4 .   ? -1.349  -0.842  -5.779  1.00 14.34 ? 2059 HOH A O   1 
HETATM 938  O O   . HOH D 4 .   ? 11.307  -2.776  -4.282  1.00 41.92 ? 2060 HOH A O   1 
HETATM 939  O O   . HOH D 4 .   ? 3.550   -7.521  9.205   1.00 27.62 ? 2061 HOH A O   1 
HETATM 940  O O   . HOH D 4 .   ? -0.565  -9.304  10.340  1.00 25.80 ? 2062 HOH A O   1 
HETATM 941  O O   . HOH D 4 .   ? 0.929   -9.950  7.917   1.00 25.94 ? 2063 HOH A O   1 
HETATM 942  O O   . HOH D 4 .   ? -2.548  -8.629  8.506   1.00 17.87 ? 2064 HOH A O   1 
HETATM 943  O O   . HOH D 4 .   ? 4.926   0.164   12.521  1.00 30.32 ? 2065 HOH A O   1 
HETATM 944  O O   . HOH D 4 .   ? 6.603   1.835   10.486  1.00 27.14 ? 2066 HOH A O   1 
HETATM 945  O O   . HOH D 4 .   ? 9.743   -1.344  13.074  1.00 26.36 ? 2067 HOH A O   1 
HETATM 946  O O   . HOH D 4 .   ? 5.501   -6.330  10.590  1.00 15.97 ? 2068 HOH A O   1 
HETATM 947  O O   . HOH D 4 .   ? 7.462   0.101   13.605  1.00 35.93 ? 2069 HOH A O   1 
HETATM 948  O O   . HOH D 4 .   ? -1.987  -5.303  14.949  1.00 27.86 ? 2070 HOH A O   1 
HETATM 949  O O   . HOH D 4 .   ? 1.203   -2.978  15.183  1.00 34.48 ? 2071 HOH A O   1 
HETATM 950  O O   . HOH D 4 .   ? 1.361   -1.467  14.665  1.00 29.73 ? 2072 HOH A O   1 
HETATM 951  O O   . HOH D 4 .   ? 3.927   -5.236  17.129  1.00 34.95 ? 2073 HOH A O   1 
HETATM 952  O O   . HOH D 4 .   ? 3.413   -8.351  15.271  1.00 35.33 ? 2074 HOH A O   1 
HETATM 953  O O   . HOH D 4 .   ? 9.971   -9.104  12.394  1.00 26.98 ? 2075 HOH A O   1 
HETATM 954  O O   . HOH D 4 .   ? 2.944   -10.213 10.610  1.00 39.52 ? 2076 HOH A O   1 
HETATM 955  O O   . HOH D 4 .   ? 2.227   -12.704 9.977   1.00 31.19 ? 2077 HOH A O   1 
HETATM 956  O O   . HOH D 4 .   ? 5.598   -14.295 10.169  1.00 27.20 ? 2078 HOH A O   1 
HETATM 957  O O   . HOH D 4 .   ? 3.443   -13.854 -6.211  1.00 30.24 ? 2079 HOH A O   1 
HETATM 958  O O   . HOH D 4 .   ? 0.773   -6.430  -12.474 1.00 24.65 ? 2080 HOH A O   1 
HETATM 959  O O   . HOH D 4 .   ? -3.497  -11.150 -6.645  1.00 39.14 ? 2081 HOH A O   1 
HETATM 960  O O   . HOH D 4 .   ? -4.486  -9.191  -4.701  1.00 31.95 ? 2082 HOH A O   1 
HETATM 961  O O   . HOH D 4 .   ? 2.710   -8.824  -15.442 1.00 35.44 ? 2083 HOH A O   1 
HETATM 962  O O   . HOH D 4 .   ? -1.151  -12.560 -7.013  1.00 26.84 ? 2084 HOH A O   1 
HETATM 963  O O   . HOH D 4 .   ? -0.575  -14.862 -5.155  1.00 33.40 ? 2085 HOH A O   1 
HETATM 964  O O   . HOH D 4 .   ? -6.365  -10.173 -3.767  1.00 25.77 ? 2086 HOH A O   1 
HETATM 965  O O   . HOH D 4 .   ? -1.066  -14.927 -1.302  1.00 35.36 ? 2087 HOH A O   1 
HETATM 966  O O   . HOH D 4 .   ? -4.215  -17.179 -2.117  1.00 37.99 ? 2088 HOH A O   1 
HETATM 967  O O   . HOH D 4 .   ? 5.895   -15.491 -2.868  1.00 37.93 ? 2089 HOH A O   1 
HETATM 968  O O   . HOH D 4 .   ? 6.761   -16.317 -1.281  1.00 39.75 ? 2090 HOH A O   1 
HETATM 969  O O   . HOH D 4 .   ? -0.587  -18.121 0.181   1.00 41.31 ? 2091 HOH A O   1 
HETATM 970  O O   . HOH D 4 .   ? -1.304  -15.379 6.138   1.00 38.66 ? 2092 HOH A O   1 
HETATM 971  O O   . HOH D 4 .   ? -3.101  -16.396 3.576   1.00 40.63 ? 2093 HOH A O   1 
HETATM 972  O O   . HOH D 4 .   ? -8.898  -13.671 2.597   1.00 28.21 ? 2094 HOH A O   1 
HETATM 973  O O   . HOH D 4 .   ? -6.864  -15.892 1.505   1.00 24.77 ? 2095 HOH A O   1 
HETATM 974  O O   . HOH D 4 .   ? -9.759  -8.981  -2.759  1.00 20.31 ? 2096 HOH A O   1 
HETATM 975  O O   . HOH D 4 .   ? -9.242  -6.429  -1.057  1.00 19.37 ? 2097 HOH A O   1 
HETATM 976  O O   . HOH D 4 .   ? -5.034  -12.710 8.409   1.00 35.50 ? 2098 HOH A O   1 
HETATM 977  O O   . HOH D 4 .   ? -7.738  -3.160  -4.701  1.00 18.62 ? 2099 HOH A O   1 
HETATM 978  O O   . HOH D 4 .   ? -7.301  -0.794  -3.700  1.00 21.50 ? 2100 HOH A O   1 
HETATM 979  O O   . HOH D 4 .   ? -7.779  2.538   -8.818  1.00 33.74 ? 2101 HOH A O   1 
HETATM 980  O O   . HOH D 4 .   ? -3.852  2.351   -14.409 1.00 33.00 ? 2102 HOH A O   1 
HETATM 981  O O   . HOH D 4 .   ? -7.879  1.374   -13.222 1.00 34.37 ? 2103 HOH A O   1 
HETATM 982  O O   . HOH D 4 .   ? -1.759  4.326   -13.815 1.00 19.77 ? 2104 HOH A O   1 
HETATM 983  O O   . HOH D 4 .   ? -6.707  8.014   -9.626  1.00 34.18 ? 2105 HOH A O   1 
HETATM 984  O O   . HOH D 4 .   ? -7.289  8.470   -13.420 1.00 55.18 ? 2106 HOH A O   1 
HETATM 985  O O   . HOH D 4 .   ? -4.878  4.881   -15.855 1.00 35.36 ? 2107 HOH A O   1 
HETATM 986  O O   . HOH D 4 .   ? -4.101  11.058  -11.367 1.00 27.86 ? 2108 HOH A O   1 
HETATM 987  O O   . HOH D 4 .   ? -2.739  13.298  -11.186 1.00 42.11 ? 2109 HOH A O   1 
HETATM 988  O O   . HOH D 4 .   ? -6.105  4.088   -7.214  1.00 28.60 ? 2110 HOH A O   1 
HETATM 989  O O   . HOH D 4 .   ? -4.815  10.912  -8.481  1.00 31.47 ? 2111 HOH A O   1 
HETATM 990  O O   . HOH D 4 .   ? -11.570 -11.245 7.591   1.00 24.36 ? 2112 HOH A O   1 
HETATM 991  O O   . HOH D 4 .   ? -4.085  -4.782  16.975  1.00 28.30 ? 2113 HOH A O   1 
HETATM 992  O O   . HOH D 4 .   ? -3.522  -13.937 14.436  1.00 47.85 ? 2114 HOH A O   1 
HETATM 993  O O   . HOH D 4 .   ? -6.861  0.732   17.730  1.00 39.99 ? 2115 HOH A O   1 
HETATM 994  O O   . HOH D 4 .   ? -2.329  0.449   16.696  1.00 42.93 ? 2116 HOH A O   1 
HETATM 995  O O   . HOH D 4 .   ? -1.880  1.100   14.027  1.00 33.64 ? 2117 HOH A O   1 
HETATM 996  O O   . HOH D 4 .   ? 0.675   1.275   13.281  1.00 47.81 ? 2118 HOH A O   1 
HETATM 997  O O   . HOH D 4 .   ? 2.426   4.888   13.256  1.00 39.28 ? 2119 HOH A O   1 
HETATM 998  O O   . HOH D 4 .   ? 2.810   5.367   8.860   1.00 30.87 ? 2120 HOH A O   1 
HETATM 999  O O   . HOH D 4 .   ? 13.787  1.511   -16.957 1.00 51.53 ? 2121 HOH A O   1 
HETATM 1000 O O   . HOH D 4 .   ? 11.429  10.093  -11.963 1.00 41.09 ? 2122 HOH A O   1 
HETATM 1001 O O   . HOH D 4 .   ? 15.038  8.282   -11.175 1.00 48.04 ? 2123 HOH A O   1 
HETATM 1002 O O   . HOH D 4 .   ? 14.171  8.710   -13.769 1.00 44.77 ? 2124 HOH A O   1 
HETATM 1003 O O   . HOH D 4 .   ? 15.586  -1.378  -11.150 0.50 28.01 ? 2125 HOH A O   1 
HETATM 1004 O O   . HOH D 4 .   ? 21.911  0.389   -11.388 1.00 53.45 ? 2126 HOH A O   1 
HETATM 1005 O O   . HOH D 4 .   ? 11.922  7.534   -1.161  1.00 26.02 ? 2127 HOH A O   1 
HETATM 1006 O O   . HOH D 4 .   ? 9.619   7.826   3.380   1.00 39.31 ? 2128 HOH A O   1 
HETATM 1007 O O   . HOH D 4 .   ? -3.466  6.662   13.814  1.00 33.74 ? 2129 HOH A O   1 
HETATM 1008 O O   . HOH D 4 .   ? 9.130   -15.339 -0.401  1.00 42.61 ? 2130 HOH A O   1 
HETATM 1009 O O   . HOH D 4 .   ? 8.479   -17.920 -2.131  1.00 56.93 ? 2131 HOH A O   1 
HETATM 1010 O O   . HOH D 4 .   ? 10.377  -15.603 -5.099  1.00 47.62 ? 2132 HOH A O   1 
HETATM 1011 O O   . HOH D 4 .   ? 9.112   -14.143 -6.679  1.00 49.66 ? 2133 HOH A O   1 
HETATM 1012 O O   . HOH D 4 .   ? -10.208 -17.077 8.186   1.00 44.18 ? 2134 HOH A O   1 
# 
